data_4E1M
# 
_entry.id   4E1M 
# 
_audit_conform.dict_name       mmcif_pdbx.dic 
_audit_conform.dict_version    5.398 
_audit_conform.dict_location   http://mmcif.pdb.org/dictionaries/ascii/mmcif_pdbx.dic 
# 
loop_
_database_2.database_id 
_database_2.database_code 
_database_2.pdbx_database_accession 
_database_2.pdbx_DOI 
PDB   4E1M         pdb_00004e1m 10.2210/pdb4e1m/pdb 
RCSB  RCSB071054   ?            ?                   
WWPDB D_1000071054 ?            ?                   
# 
loop_
_pdbx_audit_revision_history.ordinal 
_pdbx_audit_revision_history.data_content_type 
_pdbx_audit_revision_history.major_revision 
_pdbx_audit_revision_history.minor_revision 
_pdbx_audit_revision_history.revision_date 
1 'Structure model' 1 0 2012-04-25 
2 'Structure model' 1 1 2012-05-09 
3 'Structure model' 1 2 2012-07-25 
4 'Structure model' 1 3 2020-02-26 
5 'Structure model' 1 4 2023-09-13 
6 'Structure model' 1 5 2024-11-06 
# 
_pdbx_audit_revision_details.ordinal             1 
_pdbx_audit_revision_details.revision_ordinal    1 
_pdbx_audit_revision_details.data_content_type   'Structure model' 
_pdbx_audit_revision_details.provider            repository 
_pdbx_audit_revision_details.type                'Initial release' 
_pdbx_audit_revision_details.description         ? 
_pdbx_audit_revision_details.details             ? 
# 
loop_
_pdbx_audit_revision_group.ordinal 
_pdbx_audit_revision_group.revision_ordinal 
_pdbx_audit_revision_group.data_content_type 
_pdbx_audit_revision_group.group 
1  2 'Structure model' 'Database references'    
2  3 'Structure model' 'Database references'    
3  4 'Structure model' 'Data collection'        
4  4 'Structure model' 'Database references'    
5  4 'Structure model' 'Derived calculations'   
6  5 'Structure model' 'Data collection'        
7  5 'Structure model' 'Database references'    
8  5 'Structure model' 'Derived calculations'   
9  5 'Structure model' 'Refinement description' 
10 6 'Structure model' 'Structure summary'      
# 
loop_
_pdbx_audit_revision_category.ordinal 
_pdbx_audit_revision_category.revision_ordinal 
_pdbx_audit_revision_category.data_content_type 
_pdbx_audit_revision_category.category 
1  4 'Structure model' reflns                        
2  4 'Structure model' reflns_shell                  
3  4 'Structure model' struct_conn                   
4  4 'Structure model' struct_ref_seq_dif            
5  5 'Structure model' chem_comp_atom                
6  5 'Structure model' chem_comp_bond                
7  5 'Structure model' database_2                    
8  5 'Structure model' pdbx_initial_refinement_model 
9  5 'Structure model' struct_site                   
10 6 'Structure model' pdbx_entry_details            
11 6 'Structure model' pdbx_modification_feature     
# 
loop_
_pdbx_audit_revision_item.ordinal 
_pdbx_audit_revision_item.revision_ordinal 
_pdbx_audit_revision_item.data_content_type 
_pdbx_audit_revision_item.item 
1 4 'Structure model' '_reflns.pdbx_Rmerge_I_obs'           
2 4 'Structure model' '_reflns_shell.Rmerge_I_obs'          
3 4 'Structure model' '_struct_conn.pdbx_leaving_atom_flag' 
4 4 'Structure model' '_struct_ref_seq_dif.details'         
5 5 'Structure model' '_database_2.pdbx_DOI'                
6 5 'Structure model' '_database_2.pdbx_database_accession' 
7 5 'Structure model' '_struct_site.pdbx_auth_asym_id'      
8 5 'Structure model' '_struct_site.pdbx_auth_comp_id'      
9 5 'Structure model' '_struct_site.pdbx_auth_seq_id'       
# 
_pdbx_database_status.status_code                     REL 
_pdbx_database_status.entry_id                        4E1M 
_pdbx_database_status.recvd_initial_deposition_date   2012-03-06 
_pdbx_database_status.deposit_site                    RCSB 
_pdbx_database_status.process_site                    RCSB 
_pdbx_database_status.status_code_sf                  REL 
_pdbx_database_status.status_code_mr                  ? 
_pdbx_database_status.SG_entry                        ? 
_pdbx_database_status.status_code_cs                  ? 
_pdbx_database_status.methods_development_category    ? 
_pdbx_database_status.pdb_format_compatible           Y 
_pdbx_database_status.status_code_nmr_data            ? 
# 
_pdbx_database_related.db_name        PDB 
_pdbx_database_related.db_id          4E1N 
_pdbx_database_related.details        . 
_pdbx_database_related.content_type   unspecified 
# 
_audit_author.name           'Lansdon, E.B.' 
_audit_author.pdbx_ordinal   1 
# 
_citation.id                        primary 
_citation.title                     'New Class of HIV-1 Integrase (IN) Inhibitors with a Dual Mode of Action.' 
_citation.journal_abbrev            J.Biol.Chem. 
_citation.journal_volume            287 
_citation.page_first                21189 
_citation.page_last                 21203 
_citation.year                      2012 
_citation.journal_id_ASTM           JBCHA3 
_citation.country                   US 
_citation.journal_id_ISSN           0021-9258 
_citation.journal_id_CSD            0071 
_citation.book_publisher            ? 
_citation.pdbx_database_id_PubMed   22535962 
_citation.pdbx_database_id_DOI      10.1074/jbc.M112.347534 
# 
loop_
_citation_author.citation_id 
_citation_author.name 
_citation_author.ordinal 
_citation_author.identifier_ORCID 
primary 'Tsiang, M.'          1  ? 
primary 'Jones, G.S.'         2  ? 
primary 'Niedziela-Majka, A.' 3  ? 
primary 'Kan, E.'             4  ? 
primary 'Lansdon, E.B.'       5  ? 
primary 'Huang, W.'           6  ? 
primary 'Hung, M.'            7  ? 
primary 'Samuel, D.'          8  ? 
primary 'Novikov, N.'         9  ? 
primary 'Xu, Y.'              10 ? 
primary 'Mitchell, M.'        11 ? 
primary 'Guo, H.'             12 ? 
primary 'Babaoglu, K.'        13 ? 
primary 'Liu, X.'             14 ? 
primary 'Geleziunas, R.'      15 ? 
primary 'Sakowicz, R.'        16 ? 
# 
loop_
_entity.id 
_entity.type 
_entity.src_method 
_entity.pdbx_description 
_entity.formula_weight 
_entity.pdbx_number_of_molecules 
_entity.pdbx_ec 
_entity.pdbx_mutation 
_entity.pdbx_fragment 
_entity.details 
1 polymer     man 'HIV-1 Integrase'                                                             18404.697 1  ? F185K ? ? 
2 non-polymer syn '(2S)-tert-butoxy[4-(3,4-dimethylphenyl)-2-methylquinolin-3-yl]ethanoic acid' 377.476   1  ? ?     ? ? 
3 water       nat water                                                                         18.015    51 ? ?     ? ? 
# 
_entity_poly.entity_id                      1 
_entity_poly.type                           'polypeptide(L)' 
_entity_poly.nstd_linkage                   no 
_entity_poly.nstd_monomer                   yes 
_entity_poly.pdbx_seq_one_letter_code       
;GSHMHGQVDCSPGIWQLD(CAF)THLEGKVILVAVHVASGYIEAEVIPAETGQETAYFLLKLAGRWPVKTVHTDNGSNFT
SATVKAA(CAF)WWAGIKQEFGIPYNPQSQGVIESMNKELKKIIGQVRDQAEHLKTAVQMAVFIHNKKRKGGIGGYSAGE
RIVDIIATDIQTKE
;
_entity_poly.pdbx_seq_one_letter_code_can   
;GSHMHGQVDCSPGIWQLDCTHLEGKVILVAVHVASGYIEAEVIPAETGQETAYFLLKLAGRWPVKTVHTDNGSNFTSATV
KAACWWAGIKQEFGIPYNPQSQGVIESMNKELKKIIGQVRDQAEHLKTAVQMAVFIHNKKRKGGIGGYSAGERIVDIIAT
DIQTKE
;
_entity_poly.pdbx_strand_id                 A 
_entity_poly.pdbx_target_identifier         ? 
# 
loop_
_pdbx_entity_nonpoly.entity_id 
_pdbx_entity_nonpoly.name 
_pdbx_entity_nonpoly.comp_id 
2 '(2S)-tert-butoxy[4-(3,4-dimethylphenyl)-2-methylquinolin-3-yl]ethanoic acid' TQ2 
3 water                                                                         HOH 
# 
loop_
_entity_poly_seq.entity_id 
_entity_poly_seq.num 
_entity_poly_seq.mon_id 
_entity_poly_seq.hetero 
1 1   GLY n 
1 2   SER n 
1 3   HIS n 
1 4   MET n 
1 5   HIS n 
1 6   GLY n 
1 7   GLN n 
1 8   VAL n 
1 9   ASP n 
1 10  CYS n 
1 11  SER n 
1 12  PRO n 
1 13  GLY n 
1 14  ILE n 
1 15  TRP n 
1 16  GLN n 
1 17  LEU n 
1 18  ASP n 
1 19  CAF n 
1 20  THR n 
1 21  HIS n 
1 22  LEU n 
1 23  GLU n 
1 24  GLY n 
1 25  LYS n 
1 26  VAL n 
1 27  ILE n 
1 28  LEU n 
1 29  VAL n 
1 30  ALA n 
1 31  VAL n 
1 32  HIS n 
1 33  VAL n 
1 34  ALA n 
1 35  SER n 
1 36  GLY n 
1 37  TYR n 
1 38  ILE n 
1 39  GLU n 
1 40  ALA n 
1 41  GLU n 
1 42  VAL n 
1 43  ILE n 
1 44  PRO n 
1 45  ALA n 
1 46  GLU n 
1 47  THR n 
1 48  GLY n 
1 49  GLN n 
1 50  GLU n 
1 51  THR n 
1 52  ALA n 
1 53  TYR n 
1 54  PHE n 
1 55  LEU n 
1 56  LEU n 
1 57  LYS n 
1 58  LEU n 
1 59  ALA n 
1 60  GLY n 
1 61  ARG n 
1 62  TRP n 
1 63  PRO n 
1 64  VAL n 
1 65  LYS n 
1 66  THR n 
1 67  VAL n 
1 68  HIS n 
1 69  THR n 
1 70  ASP n 
1 71  ASN n 
1 72  GLY n 
1 73  SER n 
1 74  ASN n 
1 75  PHE n 
1 76  THR n 
1 77  SER n 
1 78  ALA n 
1 79  THR n 
1 80  VAL n 
1 81  LYS n 
1 82  ALA n 
1 83  ALA n 
1 84  CAF n 
1 85  TRP n 
1 86  TRP n 
1 87  ALA n 
1 88  GLY n 
1 89  ILE n 
1 90  LYS n 
1 91  GLN n 
1 92  GLU n 
1 93  PHE n 
1 94  GLY n 
1 95  ILE n 
1 96  PRO n 
1 97  TYR n 
1 98  ASN n 
1 99  PRO n 
1 100 GLN n 
1 101 SER n 
1 102 GLN n 
1 103 GLY n 
1 104 VAL n 
1 105 ILE n 
1 106 GLU n 
1 107 SER n 
1 108 MET n 
1 109 ASN n 
1 110 LYS n 
1 111 GLU n 
1 112 LEU n 
1 113 LYS n 
1 114 LYS n 
1 115 ILE n 
1 116 ILE n 
1 117 GLY n 
1 118 GLN n 
1 119 VAL n 
1 120 ARG n 
1 121 ASP n 
1 122 GLN n 
1 123 ALA n 
1 124 GLU n 
1 125 HIS n 
1 126 LEU n 
1 127 LYS n 
1 128 THR n 
1 129 ALA n 
1 130 VAL n 
1 131 GLN n 
1 132 MET n 
1 133 ALA n 
1 134 VAL n 
1 135 PHE n 
1 136 ILE n 
1 137 HIS n 
1 138 ASN n 
1 139 LYS n 
1 140 LYS n 
1 141 ARG n 
1 142 LYS n 
1 143 GLY n 
1 144 GLY n 
1 145 ILE n 
1 146 GLY n 
1 147 GLY n 
1 148 TYR n 
1 149 SER n 
1 150 ALA n 
1 151 GLY n 
1 152 GLU n 
1 153 ARG n 
1 154 ILE n 
1 155 VAL n 
1 156 ASP n 
1 157 ILE n 
1 158 ILE n 
1 159 ALA n 
1 160 THR n 
1 161 ASP n 
1 162 ILE n 
1 163 GLN n 
1 164 THR n 
1 165 LYS n 
1 166 GLU n 
# 
_entity_src_gen.entity_id                          1 
_entity_src_gen.pdbx_src_id                        1 
_entity_src_gen.pdbx_alt_source_flag               sample 
_entity_src_gen.pdbx_seq_type                      ? 
_entity_src_gen.pdbx_beg_seq_num                   ? 
_entity_src_gen.pdbx_end_seq_num                   ? 
_entity_src_gen.gene_src_common_name               HIV-1 
_entity_src_gen.gene_src_genus                     ? 
_entity_src_gen.pdbx_gene_src_gene                 ? 
_entity_src_gen.gene_src_species                   ? 
_entity_src_gen.gene_src_strain                    'isolate NY5' 
_entity_src_gen.gene_src_tissue                    ? 
_entity_src_gen.gene_src_tissue_fraction           ? 
_entity_src_gen.gene_src_details                   ? 
_entity_src_gen.pdbx_gene_src_fragment             ? 
_entity_src_gen.pdbx_gene_src_scientific_name      'Human immunodeficiency virus type 1' 
_entity_src_gen.pdbx_gene_src_ncbi_taxonomy_id     11698 
_entity_src_gen.pdbx_gene_src_variant              ? 
_entity_src_gen.pdbx_gene_src_cell_line            ? 
_entity_src_gen.pdbx_gene_src_atcc                 ? 
_entity_src_gen.pdbx_gene_src_organ                ? 
_entity_src_gen.pdbx_gene_src_organelle            ? 
_entity_src_gen.pdbx_gene_src_cell                 ? 
_entity_src_gen.pdbx_gene_src_cellular_location    ? 
_entity_src_gen.host_org_common_name               ? 
_entity_src_gen.pdbx_host_org_scientific_name      'Escherichia coli' 
_entity_src_gen.pdbx_host_org_ncbi_taxonomy_id     469008 
_entity_src_gen.host_org_genus                     ? 
_entity_src_gen.pdbx_host_org_gene                 ? 
_entity_src_gen.pdbx_host_org_organ                ? 
_entity_src_gen.host_org_species                   ? 
_entity_src_gen.pdbx_host_org_tissue               ? 
_entity_src_gen.pdbx_host_org_tissue_fraction      ? 
_entity_src_gen.pdbx_host_org_strain               'BL21(DE3)' 
_entity_src_gen.pdbx_host_org_variant              ? 
_entity_src_gen.pdbx_host_org_cell_line            ? 
_entity_src_gen.pdbx_host_org_atcc                 ? 
_entity_src_gen.pdbx_host_org_culture_collection   ? 
_entity_src_gen.pdbx_host_org_cell                 ? 
_entity_src_gen.pdbx_host_org_organelle            ? 
_entity_src_gen.pdbx_host_org_cellular_location    ? 
_entity_src_gen.pdbx_host_org_vector_type          plasmid 
_entity_src_gen.pdbx_host_org_vector               ? 
_entity_src_gen.host_org_details                   ? 
_entity_src_gen.expression_system_id               ? 
_entity_src_gen.plasmid_name                       pET30B 
_entity_src_gen.plasmid_details                    ? 
_entity_src_gen.pdbx_description                   ? 
# 
loop_
_chem_comp.id 
_chem_comp.type 
_chem_comp.mon_nstd_flag 
_chem_comp.name 
_chem_comp.pdbx_synonyms 
_chem_comp.formula 
_chem_comp.formula_weight 
ALA 'L-peptide linking' y ALANINE                                                                       ?                         
'C3 H7 N O2'       89.093  
ARG 'L-peptide linking' y ARGININE                                                                      ?                         
'C6 H15 N4 O2 1'   175.209 
ASN 'L-peptide linking' y ASPARAGINE                                                                    ?                         
'C4 H8 N2 O3'      132.118 
ASP 'L-peptide linking' y 'ASPARTIC ACID'                                                               ?                         
'C4 H7 N O4'       133.103 
CAF 'L-peptide linking' n S-DIMETHYLARSINOYL-CYSTEINE                                                   'CYSTEIN-S-YL CACODYLATE' 
'C5 H12 As N O3 S' 241.140 
CYS 'L-peptide linking' y CYSTEINE                                                                      ?                         
'C3 H7 N O2 S'     121.158 
GLN 'L-peptide linking' y GLUTAMINE                                                                     ?                         
'C5 H10 N2 O3'     146.144 
GLU 'L-peptide linking' y 'GLUTAMIC ACID'                                                               ?                         
'C5 H9 N O4'       147.129 
GLY 'peptide linking'   y GLYCINE                                                                       ?                         
'C2 H5 N O2'       75.067  
HIS 'L-peptide linking' y HISTIDINE                                                                     ?                         
'C6 H10 N3 O2 1'   156.162 
HOH non-polymer         . WATER                                                                         ?                         
'H2 O'             18.015  
ILE 'L-peptide linking' y ISOLEUCINE                                                                    ?                         
'C6 H13 N O2'      131.173 
LEU 'L-peptide linking' y LEUCINE                                                                       ?                         
'C6 H13 N O2'      131.173 
LYS 'L-peptide linking' y LYSINE                                                                        ?                         
'C6 H15 N2 O2 1'   147.195 
MET 'L-peptide linking' y METHIONINE                                                                    ?                         
'C5 H11 N O2 S'    149.211 
PHE 'L-peptide linking' y PHENYLALANINE                                                                 ?                         
'C9 H11 N O2'      165.189 
PRO 'L-peptide linking' y PROLINE                                                                       ?                         
'C5 H9 N O2'       115.130 
SER 'L-peptide linking' y SERINE                                                                        ?                         
'C3 H7 N O3'       105.093 
THR 'L-peptide linking' y THREONINE                                                                     ?                         
'C4 H9 N O3'       119.119 
TQ2 non-polymer         . '(2S)-tert-butoxy[4-(3,4-dimethylphenyl)-2-methylquinolin-3-yl]ethanoic acid' ?                         
'C24 H27 N O3'     377.476 
TRP 'L-peptide linking' y TRYPTOPHAN                                                                    ?                         
'C11 H12 N2 O2'    204.225 
TYR 'L-peptide linking' y TYROSINE                                                                      ?                         
'C9 H11 N O3'      181.189 
VAL 'L-peptide linking' y VALINE                                                                        ?                         
'C5 H11 N O2'      117.146 
# 
loop_
_pdbx_poly_seq_scheme.asym_id 
_pdbx_poly_seq_scheme.entity_id 
_pdbx_poly_seq_scheme.seq_id 
_pdbx_poly_seq_scheme.mon_id 
_pdbx_poly_seq_scheme.ndb_seq_num 
_pdbx_poly_seq_scheme.pdb_seq_num 
_pdbx_poly_seq_scheme.auth_seq_num 
_pdbx_poly_seq_scheme.pdb_mon_id 
_pdbx_poly_seq_scheme.auth_mon_id 
_pdbx_poly_seq_scheme.pdb_strand_id 
_pdbx_poly_seq_scheme.pdb_ins_code 
_pdbx_poly_seq_scheme.hetero 
A 1 1   GLY 1   47  ?   ?   ?   A . n 
A 1 2   SER 2   48  ?   ?   ?   A . n 
A 1 3   HIS 3   49  ?   ?   ?   A . n 
A 1 4   MET 4   50  ?   ?   ?   A . n 
A 1 5   HIS 5   51  ?   ?   ?   A . n 
A 1 6   GLY 6   52  ?   ?   ?   A . n 
A 1 7   GLN 7   53  ?   ?   ?   A . n 
A 1 8   VAL 8   54  ?   ?   ?   A . n 
A 1 9   ASP 9   55  ?   ?   ?   A . n 
A 1 10  CYS 10  56  56  CYS CYS A . n 
A 1 11  SER 11  57  57  SER SER A . n 
A 1 12  PRO 12  58  58  PRO PRO A . n 
A 1 13  GLY 13  59  59  GLY GLY A . n 
A 1 14  ILE 14  60  60  ILE ILE A . n 
A 1 15  TRP 15  61  61  TRP TRP A . n 
A 1 16  GLN 16  62  62  GLN GLN A . n 
A 1 17  LEU 17  63  63  LEU LEU A . n 
A 1 18  ASP 18  64  64  ASP ASP A . n 
A 1 19  CAF 19  65  65  CAF CAF A . n 
A 1 20  THR 20  66  66  THR THR A . n 
A 1 21  HIS 21  67  67  HIS HIS A . n 
A 1 22  LEU 22  68  68  LEU LEU A . n 
A 1 23  GLU 23  69  69  GLU GLU A . n 
A 1 24  GLY 24  70  70  GLY GLY A . n 
A 1 25  LYS 25  71  71  LYS LYS A . n 
A 1 26  VAL 26  72  72  VAL VAL A . n 
A 1 27  ILE 27  73  73  ILE ILE A . n 
A 1 28  LEU 28  74  74  LEU LEU A . n 
A 1 29  VAL 29  75  75  VAL VAL A . n 
A 1 30  ALA 30  76  76  ALA ALA A . n 
A 1 31  VAL 31  77  77  VAL VAL A . n 
A 1 32  HIS 32  78  78  HIS HIS A . n 
A 1 33  VAL 33  79  79  VAL VAL A . n 
A 1 34  ALA 34  80  80  ALA ALA A . n 
A 1 35  SER 35  81  81  SER SER A . n 
A 1 36  GLY 36  82  82  GLY GLY A . n 
A 1 37  TYR 37  83  83  TYR TYR A . n 
A 1 38  ILE 38  84  84  ILE ILE A . n 
A 1 39  GLU 39  85  85  GLU GLU A . n 
A 1 40  ALA 40  86  86  ALA ALA A . n 
A 1 41  GLU 41  87  87  GLU GLU A . n 
A 1 42  VAL 42  88  88  VAL VAL A . n 
A 1 43  ILE 43  89  89  ILE ILE A . n 
A 1 44  PRO 44  90  90  PRO PRO A . n 
A 1 45  ALA 45  91  91  ALA ALA A . n 
A 1 46  GLU 46  92  92  GLU GLU A . n 
A 1 47  THR 47  93  93  THR THR A . n 
A 1 48  GLY 48  94  94  GLY GLY A . n 
A 1 49  GLN 49  95  95  GLN GLN A . n 
A 1 50  GLU 50  96  96  GLU GLU A . n 
A 1 51  THR 51  97  97  THR THR A . n 
A 1 52  ALA 52  98  98  ALA ALA A . n 
A 1 53  TYR 53  99  99  TYR TYR A . n 
A 1 54  PHE 54  100 100 PHE PHE A . n 
A 1 55  LEU 55  101 101 LEU LEU A . n 
A 1 56  LEU 56  102 102 LEU LEU A . n 
A 1 57  LYS 57  103 103 LYS LYS A . n 
A 1 58  LEU 58  104 104 LEU LEU A . n 
A 1 59  ALA 59  105 105 ALA ALA A . n 
A 1 60  GLY 60  106 106 GLY GLY A . n 
A 1 61  ARG 61  107 107 ARG ARG A . n 
A 1 62  TRP 62  108 108 TRP TRP A . n 
A 1 63  PRO 63  109 109 PRO PRO A . n 
A 1 64  VAL 64  110 110 VAL VAL A . n 
A 1 65  LYS 65  111 111 LYS LYS A . n 
A 1 66  THR 66  112 112 THR THR A . n 
A 1 67  VAL 67  113 113 VAL VAL A . n 
A 1 68  HIS 68  114 114 HIS HIS A . n 
A 1 69  THR 69  115 115 THR THR A . n 
A 1 70  ASP 70  116 116 ASP ASP A . n 
A 1 71  ASN 71  117 117 ASN ASN A . n 
A 1 72  GLY 72  118 118 GLY GLY A . n 
A 1 73  SER 73  119 119 SER SER A . n 
A 1 74  ASN 74  120 120 ASN ASN A . n 
A 1 75  PHE 75  121 121 PHE PHE A . n 
A 1 76  THR 76  122 122 THR THR A . n 
A 1 77  SER 77  123 123 SER SER A . n 
A 1 78  ALA 78  124 124 ALA ALA A . n 
A 1 79  THR 79  125 125 THR THR A . n 
A 1 80  VAL 80  126 126 VAL VAL A . n 
A 1 81  LYS 81  127 127 LYS LYS A . n 
A 1 82  ALA 82  128 128 ALA ALA A . n 
A 1 83  ALA 83  129 129 ALA ALA A . n 
A 1 84  CAF 84  130 130 CAF CAF A . n 
A 1 85  TRP 85  131 131 TRP TRP A . n 
A 1 86  TRP 86  132 132 TRP TRP A . n 
A 1 87  ALA 87  133 133 ALA ALA A . n 
A 1 88  GLY 88  134 134 GLY GLY A . n 
A 1 89  ILE 89  135 135 ILE ILE A . n 
A 1 90  LYS 90  136 136 LYS LYS A . n 
A 1 91  GLN 91  137 137 GLN GLN A . n 
A 1 92  GLU 92  138 138 GLU GLU A . n 
A 1 93  PHE 93  139 139 PHE PHE A . n 
A 1 94  GLY 94  140 140 GLY GLY A . n 
A 1 95  ILE 95  141 141 ILE ILE A . n 
A 1 96  PRO 96  142 142 PRO PRO A . n 
A 1 97  TYR 97  143 ?   ?   ?   A . n 
A 1 98  ASN 98  144 144 ASN ASN A . n 
A 1 99  PRO 99  145 145 PRO PRO A . n 
A 1 100 GLN 100 146 146 GLN GLN A . n 
A 1 101 SER 101 147 147 SER SER A . n 
A 1 102 GLN 102 148 148 GLN GLN A . n 
A 1 103 GLY 103 149 149 GLY GLY A . n 
A 1 104 VAL 104 150 150 VAL VAL A . n 
A 1 105 ILE 105 151 151 ILE ILE A . n 
A 1 106 GLU 106 152 152 GLU GLU A . n 
A 1 107 SER 107 153 153 SER SER A . n 
A 1 108 MET 108 154 154 MET MET A . n 
A 1 109 ASN 109 155 155 ASN ASN A . n 
A 1 110 LYS 110 156 156 LYS LYS A . n 
A 1 111 GLU 111 157 157 GLU GLU A . n 
A 1 112 LEU 112 158 158 LEU LEU A . n 
A 1 113 LYS 113 159 159 LYS LYS A . n 
A 1 114 LYS 114 160 160 LYS LYS A . n 
A 1 115 ILE 115 161 161 ILE ILE A . n 
A 1 116 ILE 116 162 162 ILE ILE A . n 
A 1 117 GLY 117 163 163 GLY GLY A . n 
A 1 118 GLN 118 164 164 GLN GLN A . n 
A 1 119 VAL 119 165 165 VAL VAL A . n 
A 1 120 ARG 120 166 166 ARG ARG A . n 
A 1 121 ASP 121 167 167 ASP ASP A . n 
A 1 122 GLN 122 168 168 GLN GLN A . n 
A 1 123 ALA 123 169 169 ALA ALA A . n 
A 1 124 GLU 124 170 170 GLU GLU A . n 
A 1 125 HIS 125 171 171 HIS HIS A . n 
A 1 126 LEU 126 172 172 LEU LEU A . n 
A 1 127 LYS 127 173 173 LYS LYS A . n 
A 1 128 THR 128 174 174 THR THR A . n 
A 1 129 ALA 129 175 175 ALA ALA A . n 
A 1 130 VAL 130 176 176 VAL VAL A . n 
A 1 131 GLN 131 177 177 GLN GLN A . n 
A 1 132 MET 132 178 178 MET MET A . n 
A 1 133 ALA 133 179 179 ALA ALA A . n 
A 1 134 VAL 134 180 180 VAL VAL A . n 
A 1 135 PHE 135 181 181 PHE PHE A . n 
A 1 136 ILE 136 182 182 ILE ILE A . n 
A 1 137 HIS 137 183 183 HIS HIS A . n 
A 1 138 ASN 138 184 184 ASN ASN A . n 
A 1 139 LYS 139 185 185 LYS LYS A . n 
A 1 140 LYS 140 186 186 LYS LYS A . n 
A 1 141 ARG 141 187 187 ARG ARG A . n 
A 1 142 LYS 142 188 188 LYS LYS A . n 
A 1 143 GLY 143 189 ?   ?   ?   A . n 
A 1 144 GLY 144 190 ?   ?   ?   A . n 
A 1 145 ILE 145 191 ?   ?   ?   A . n 
A 1 146 GLY 146 192 192 GLY GLY A . n 
A 1 147 GLY 147 193 193 GLY GLY A . n 
A 1 148 TYR 148 194 194 TYR TYR A . n 
A 1 149 SER 149 195 195 SER SER A . n 
A 1 150 ALA 150 196 196 ALA ALA A . n 
A 1 151 GLY 151 197 197 GLY GLY A . n 
A 1 152 GLU 152 198 198 GLU GLU A . n 
A 1 153 ARG 153 199 199 ARG ARG A . n 
A 1 154 ILE 154 200 200 ILE ILE A . n 
A 1 155 VAL 155 201 201 VAL VAL A . n 
A 1 156 ASP 156 202 202 ASP ASP A . n 
A 1 157 ILE 157 203 203 ILE ILE A . n 
A 1 158 ILE 158 204 204 ILE ILE A . n 
A 1 159 ALA 159 205 205 ALA ALA A . n 
A 1 160 THR 160 206 206 THR THR A . n 
A 1 161 ASP 161 207 207 ASP ASP A . n 
A 1 162 ILE 162 208 ?   ?   ?   A . n 
A 1 163 GLN 163 209 ?   ?   ?   A . n 
A 1 164 THR 164 210 ?   ?   ?   A . n 
A 1 165 LYS 165 211 ?   ?   ?   A . n 
A 1 166 GLU 166 212 ?   ?   ?   A . n 
# 
loop_
_pdbx_nonpoly_scheme.asym_id 
_pdbx_nonpoly_scheme.entity_id 
_pdbx_nonpoly_scheme.mon_id 
_pdbx_nonpoly_scheme.ndb_seq_num 
_pdbx_nonpoly_scheme.pdb_seq_num 
_pdbx_nonpoly_scheme.auth_seq_num 
_pdbx_nonpoly_scheme.pdb_mon_id 
_pdbx_nonpoly_scheme.auth_mon_id 
_pdbx_nonpoly_scheme.pdb_strand_id 
_pdbx_nonpoly_scheme.pdb_ins_code 
B 2 TQ2 1  301 1  TQ2 TQ2 A . 
C 3 HOH 1  401 1  HOH HOH A . 
C 3 HOH 2  402 2  HOH HOH A . 
C 3 HOH 3  403 3  HOH HOH A . 
C 3 HOH 4  404 4  HOH HOH A . 
C 3 HOH 5  405 5  HOH HOH A . 
C 3 HOH 6  406 6  HOH HOH A . 
C 3 HOH 7  407 7  HOH HOH A . 
C 3 HOH 8  408 8  HOH HOH A . 
C 3 HOH 9  409 9  HOH HOH A . 
C 3 HOH 10 410 10 HOH HOH A . 
C 3 HOH 11 411 11 HOH HOH A . 
C 3 HOH 12 412 12 HOH HOH A . 
C 3 HOH 13 413 13 HOH HOH A . 
C 3 HOH 14 414 14 HOH HOH A . 
C 3 HOH 15 415 15 HOH HOH A . 
C 3 HOH 16 416 16 HOH HOH A . 
C 3 HOH 17 417 17 HOH HOH A . 
C 3 HOH 18 418 18 HOH HOH A . 
C 3 HOH 19 419 19 HOH HOH A . 
C 3 HOH 20 420 20 HOH HOH A . 
C 3 HOH 21 421 21 HOH HOH A . 
C 3 HOH 22 422 22 HOH HOH A . 
C 3 HOH 23 423 23 HOH HOH A . 
C 3 HOH 24 424 24 HOH HOH A . 
C 3 HOH 25 425 25 HOH HOH A . 
C 3 HOH 26 426 26 HOH HOH A . 
C 3 HOH 27 427 27 HOH HOH A . 
C 3 HOH 28 428 28 HOH HOH A . 
C 3 HOH 29 429 29 HOH HOH A . 
C 3 HOH 30 430 30 HOH HOH A . 
C 3 HOH 31 431 31 HOH HOH A . 
C 3 HOH 32 432 32 HOH HOH A . 
C 3 HOH 33 433 33 HOH HOH A . 
C 3 HOH 34 434 34 HOH HOH A . 
C 3 HOH 35 435 35 HOH HOH A . 
C 3 HOH 36 436 36 HOH HOH A . 
C 3 HOH 37 437 37 HOH HOH A . 
C 3 HOH 38 438 38 HOH HOH A . 
C 3 HOH 39 439 39 HOH HOH A . 
C 3 HOH 40 440 40 HOH HOH A . 
C 3 HOH 41 441 41 HOH HOH A . 
C 3 HOH 42 442 42 HOH HOH A . 
C 3 HOH 43 443 43 HOH HOH A . 
C 3 HOH 44 444 44 HOH HOH A . 
C 3 HOH 45 445 45 HOH HOH A . 
C 3 HOH 46 446 46 HOH HOH A . 
C 3 HOH 47 447 47 HOH HOH A . 
C 3 HOH 48 448 48 HOH HOH A . 
C 3 HOH 49 449 49 HOH HOH A . 
C 3 HOH 50 450 50 HOH HOH A . 
C 3 HOH 51 451 51 HOH HOH A . 
# 
loop_
_pdbx_unobs_or_zero_occ_atoms.id 
_pdbx_unobs_or_zero_occ_atoms.PDB_model_num 
_pdbx_unobs_or_zero_occ_atoms.polymer_flag 
_pdbx_unobs_or_zero_occ_atoms.occupancy_flag 
_pdbx_unobs_or_zero_occ_atoms.auth_asym_id 
_pdbx_unobs_or_zero_occ_atoms.auth_comp_id 
_pdbx_unobs_or_zero_occ_atoms.auth_seq_id 
_pdbx_unobs_or_zero_occ_atoms.PDB_ins_code 
_pdbx_unobs_or_zero_occ_atoms.auth_atom_id 
_pdbx_unobs_or_zero_occ_atoms.label_alt_id 
_pdbx_unobs_or_zero_occ_atoms.label_asym_id 
_pdbx_unobs_or_zero_occ_atoms.label_comp_id 
_pdbx_unobs_or_zero_occ_atoms.label_seq_id 
_pdbx_unobs_or_zero_occ_atoms.label_atom_id 
1  1 Y 1 A CAF 65  ? CE2 ? A CAF 19  CE2 
2  1 Y 1 A CAF 130 ? CE2 ? A CAF 84  CE2 
3  1 Y 1 A GLN 146 ? CG  ? A GLN 100 CG  
4  1 Y 1 A GLN 146 ? CD  ? A GLN 100 CD  
5  1 Y 1 A GLN 146 ? OE1 ? A GLN 100 OE1 
6  1 Y 1 A GLN 146 ? NE2 ? A GLN 100 NE2 
7  1 Y 1 A GLN 148 ? CG  ? A GLN 102 CG  
8  1 Y 1 A GLN 148 ? CD  ? A GLN 102 CD  
9  1 Y 1 A GLN 148 ? OE1 ? A GLN 102 OE1 
10 1 Y 1 A GLN 148 ? NE2 ? A GLN 102 NE2 
# 
loop_
_software.name 
_software.classification 
_software.version 
_software.citation_id 
_software.pdbx_ordinal 
CrystalClear 'data collection' .                          ? 1 
PHASER       phasing           .                          ? 2 
PHENIX       refinement        '(phenix.refine: 1.7_650)' ? 3 
HKL-2000     'data reduction'  .                          ? 4 
HKL-2000     'data scaling'    .                          ? 5 
# 
_cell.entry_id           4E1M 
_cell.length_a           71.794 
_cell.length_b           71.794 
_cell.length_c           65.329 
_cell.angle_alpha        90.00 
_cell.angle_beta         90.00 
_cell.angle_gamma        120.00 
_cell.Z_PDB              6 
_cell.pdbx_unique_axis   ? 
_cell.length_a_esd       ? 
_cell.length_b_esd       ? 
_cell.length_c_esd       ? 
_cell.angle_alpha_esd    ? 
_cell.angle_beta_esd     ? 
_cell.angle_gamma_esd    ? 
# 
_symmetry.entry_id                         4E1M 
_symmetry.space_group_name_H-M             'P 31 2 1' 
_symmetry.pdbx_full_space_group_name_H-M   ? 
_symmetry.cell_setting                     ? 
_symmetry.Int_Tables_number                152 
_symmetry.space_group_name_Hall            ? 
# 
_exptl.entry_id          4E1M 
_exptl.method            'X-RAY DIFFRACTION' 
_exptl.crystals_number   1 
# 
_exptl_crystal.id                    1 
_exptl_crystal.density_meas          ? 
_exptl_crystal.density_Matthews      2.64 
_exptl_crystal.density_percent_sol   53.42 
_exptl_crystal.description           ? 
_exptl_crystal.F_000                 ? 
_exptl_crystal.preparation           ? 
# 
_exptl_crystal_grow.crystal_id      1 
_exptl_crystal_grow.method          'VAPOR DIFFUSION, HANGING DROP' 
_exptl_crystal_grow.temp            293 
_exptl_crystal_grow.temp_details    ? 
_exptl_crystal_grow.pH              6.5 
_exptl_crystal_grow.pdbx_details    
'8% PEG 8000, 100mM NaCacodylate, 200mM ammonium sulfate, 5mM DTT, pH 6.5, VAPOR DIFFUSION, HANGING DROP, temperature 293K' 
_exptl_crystal_grow.pdbx_pH_range   ? 
# 
_diffrn.id                     1 
_diffrn.ambient_temp           100 
_diffrn.ambient_temp_details   ? 
_diffrn.crystal_id             1 
# 
_diffrn_detector.diffrn_id              1 
_diffrn_detector.detector               'IMAGE PLATE' 
_diffrn_detector.type                   'RIGAKU RAXIS IV++' 
_diffrn_detector.pdbx_collection_date   2011-08-03 
_diffrn_detector.details                mirrors 
# 
_diffrn_radiation.diffrn_id                        1 
_diffrn_radiation.wavelength_id                    1 
_diffrn_radiation.pdbx_monochromatic_or_laue_m_l   M 
_diffrn_radiation.monochromator                    ? 
_diffrn_radiation.pdbx_diffrn_protocol             'SINGLE WAVELENGTH' 
_diffrn_radiation.pdbx_scattering_type             x-ray 
# 
_diffrn_radiation_wavelength.id           1 
_diffrn_radiation_wavelength.wavelength   1.54 
_diffrn_radiation_wavelength.wt           1.0 
# 
_diffrn_source.diffrn_id                   1 
_diffrn_source.source                      'ROTATING ANODE' 
_diffrn_source.type                        'RIGAKU MICROMAX-007 HF' 
_diffrn_source.pdbx_synchrotron_site       ? 
_diffrn_source.pdbx_synchrotron_beamline   ? 
_diffrn_source.pdbx_wavelength             ? 
_diffrn_source.pdbx_wavelength_list        1.54 
# 
_reflns.entry_id                     4E1M 
_reflns.observed_criterion_sigma_I   0 
_reflns.observed_criterion_sigma_F   0 
_reflns.d_resolution_low             50 
_reflns.d_resolution_high            1.9 
_reflns.number_obs                   15556 
_reflns.number_all                   ? 
_reflns.percent_possible_obs         95.6 
_reflns.pdbx_Rmerge_I_obs            0.058 
_reflns.pdbx_Rsym_value              ? 
_reflns.pdbx_netI_over_sigmaI        12.1 
_reflns.B_iso_Wilson_estimate        ? 
_reflns.pdbx_redundancy              1.8 
_reflns.R_free_details               ? 
_reflns.limit_h_max                  ? 
_reflns.limit_h_min                  ? 
_reflns.limit_k_max                  ? 
_reflns.limit_k_min                  ? 
_reflns.limit_l_max                  ? 
_reflns.limit_l_min                  ? 
_reflns.observed_criterion_F_max     ? 
_reflns.observed_criterion_F_min     ? 
_reflns.pdbx_chi_squared             ? 
_reflns.pdbx_scaling_rejects         ? 
_reflns.pdbx_ordinal                 1 
_reflns.pdbx_diffrn_id               1 
_reflns.pdbx_CC_half                 ? 
_reflns.pdbx_CC_star                 ? 
_reflns.pdbx_Rpim_I_all              ? 
_reflns.pdbx_Rrim_I_all              ? 
# 
_reflns_shell.d_res_high             1.9 
_reflns_shell.d_res_low              1.94 
_reflns_shell.percent_possible_all   96.2 
_reflns_shell.Rmerge_I_obs           0.547 
_reflns_shell.pdbx_Rsym_value        ? 
_reflns_shell.meanI_over_sigI_obs    2.0 
_reflns_shell.pdbx_redundancy        1.7 
_reflns_shell.percent_possible_obs   ? 
_reflns_shell.number_unique_all      ? 
_reflns_shell.number_measured_all    ? 
_reflns_shell.number_measured_obs    ? 
_reflns_shell.number_unique_obs      ? 
_reflns_shell.pdbx_chi_squared       ? 
_reflns_shell.pdbx_ordinal           1 
_reflns_shell.pdbx_diffrn_id         1 
_reflns_shell.pdbx_CC_half           ? 
_reflns_shell.pdbx_CC_star           ? 
_reflns_shell.pdbx_Rpim_I_all        ? 
_reflns_shell.pdbx_Rrim_I_all        ? 
# 
_refine.entry_id                                 4E1M 
_refine.ls_number_reflns_obs                     15556 
_refine.ls_number_reflns_all                     ? 
_refine.pdbx_ls_sigma_I                          ? 
_refine.pdbx_ls_sigma_F                          0.00 
_refine.pdbx_data_cutoff_high_absF               ? 
_refine.pdbx_data_cutoff_low_absF                ? 
_refine.pdbx_data_cutoff_high_rms_absF           ? 
_refine.ls_d_res_low                             28.071 
_refine.ls_d_res_high                            1.900 
_refine.ls_percent_reflns_obs                    99.04 
_refine.ls_R_factor_obs                          0.2417 
_refine.ls_R_factor_all                          ? 
_refine.ls_R_factor_R_work                       0.2382 
_refine.ls_R_factor_R_free                       0.2726 
_refine.ls_R_factor_R_free_error                 ? 
_refine.ls_R_factor_R_free_error_details         ? 
_refine.ls_percent_reflns_R_free                 10.07 
_refine.ls_number_reflns_R_free                  1566 
_refine.ls_number_parameters                     ? 
_refine.ls_number_restraints                     ? 
_refine.occupancy_min                            ? 
_refine.occupancy_max                            ? 
_refine.correlation_coeff_Fo_to_Fc               ? 
_refine.correlation_coeff_Fo_to_Fc_free          ? 
_refine.B_iso_mean                               ? 
_refine.aniso_B[1][1]                            2.8693 
_refine.aniso_B[2][2]                            2.8693 
_refine.aniso_B[3][3]                            4.6956 
_refine.aniso_B[1][2]                            0.0000 
_refine.aniso_B[1][3]                            0.0000 
_refine.aniso_B[2][3]                            -0.0000 
_refine.solvent_model_details                    'FLAT BULK SOLVENT MODEL' 
_refine.solvent_model_param_ksol                 0.385 
_refine.solvent_model_param_bsol                 60.000 
_refine.pdbx_solvent_vdw_probe_radii             1.10 
_refine.pdbx_solvent_ion_probe_radii             ? 
_refine.pdbx_solvent_shrinkage_radii             0.83 
_refine.pdbx_ls_cross_valid_method               THROUGHOUT 
_refine.details                                  ? 
_refine.pdbx_starting_model                      'PDB entry 1ITG' 
_refine.pdbx_method_to_determine_struct          'MOLECULAR REPLACEMENT' 
_refine.pdbx_isotropic_thermal_model             ? 
_refine.pdbx_stereochemistry_target_values       ML 
_refine.pdbx_stereochem_target_val_spec_case     ? 
_refine.pdbx_R_Free_selection_details            random 
_refine.pdbx_overall_ESU_R                       ? 
_refine.pdbx_overall_ESU_R_Free                  ? 
_refine.overall_SU_ML                            0.38 
_refine.pdbx_overall_phase_error                 25.91 
_refine.overall_SU_B                             ? 
_refine.overall_SU_R_Cruickshank_DPI             ? 
_refine.ls_redundancy_reflns_obs                 ? 
_refine.B_iso_min                                ? 
_refine.B_iso_max                                ? 
_refine.overall_SU_R_free                        ? 
_refine.ls_wR_factor_R_free                      ? 
_refine.ls_wR_factor_R_work                      ? 
_refine.overall_FOM_free_R_set                   ? 
_refine.overall_FOM_work_R_set                   ? 
_refine.pdbx_diffrn_id                           1 
_refine.pdbx_refine_id                           'X-RAY DIFFRACTION' 
_refine.pdbx_TLS_residual_ADP_flag               ? 
_refine.pdbx_overall_SU_R_free_Cruickshank_DPI   ? 
_refine.pdbx_overall_SU_R_Blow_DPI               ? 
_refine.pdbx_overall_SU_R_free_Blow_DPI          ? 
# 
_refine_hist.pdbx_refine_id                   'X-RAY DIFFRACTION' 
_refine_hist.cycle_id                         LAST 
_refine_hist.pdbx_number_atoms_protein        1138 
_refine_hist.pdbx_number_atoms_nucleic_acid   0 
_refine_hist.pdbx_number_atoms_ligand         28 
_refine_hist.number_atoms_solvent             51 
_refine_hist.number_atoms_total               1217 
_refine_hist.d_res_high                       1.900 
_refine_hist.d_res_low                        28.071 
# 
loop_
_refine_ls_restr.type 
_refine_ls_restr.dev_ideal 
_refine_ls_restr.dev_ideal_target 
_refine_ls_restr.weight 
_refine_ls_restr.number 
_refine_ls_restr.pdbx_restraint_function 
_refine_ls_restr.pdbx_refine_id 
f_bond_d           0.007  ? ? 1190 ? 'X-RAY DIFFRACTION' 
f_angle_d          1.015  ? ? 1614 ? 'X-RAY DIFFRACTION' 
f_dihedral_angle_d 13.343 ? ? 418  ? 'X-RAY DIFFRACTION' 
f_chiral_restr     0.064  ? ? 179  ? 'X-RAY DIFFRACTION' 
f_plane_restr      0.005  ? ? 199  ? 'X-RAY DIFFRACTION' 
# 
loop_
_refine_ls_shell.pdbx_total_number_of_bins_used 
_refine_ls_shell.d_res_high 
_refine_ls_shell.d_res_low 
_refine_ls_shell.number_reflns_R_work 
_refine_ls_shell.R_factor_R_work 
_refine_ls_shell.percent_reflns_obs 
_refine_ls_shell.R_factor_R_free 
_refine_ls_shell.R_factor_R_free_error 
_refine_ls_shell.percent_reflns_R_free 
_refine_ls_shell.number_reflns_R_free 
_refine_ls_shell.number_reflns_all 
_refine_ls_shell.R_factor_all 
_refine_ls_shell.number_reflns_obs 
_refine_ls_shell.redundancy_reflns_obs 
_refine_ls_shell.pdbx_refine_id 
_refine_ls_shell.R_factor_obs 
. 1.9000 1.9613  1231 0.3417 99.00  0.3564 . . 138 . . . . 'X-RAY DIFFRACTION' . 
. 1.9613 2.0314  1258 0.3235 99.00  0.3663 . . 137 . . . . 'X-RAY DIFFRACTION' . 
. 2.0314 2.1127  1279 0.2955 100.00 0.2887 . . 143 . . . . 'X-RAY DIFFRACTION' . 
. 2.1127 2.2089  1252 0.2646 100.00 0.2685 . . 135 . . . . 'X-RAY DIFFRACTION' . 
. 2.2089 2.3253  1264 0.2657 100.00 0.3556 . . 140 . . . . 'X-RAY DIFFRACTION' . 
. 2.3253 2.4709  1283 0.2847 100.00 0.2933 . . 143 . . . . 'X-RAY DIFFRACTION' . 
. 2.4709 2.6615  1263 0.2595 100.00 0.2865 . . 142 . . . . 'X-RAY DIFFRACTION' . 
. 2.6615 2.9291  1277 0.2588 99.00  0.3095 . . 144 . . . . 'X-RAY DIFFRACTION' . 
. 2.9291 3.3523  1284 0.2449 100.00 0.2820 . . 151 . . . . 'X-RAY DIFFRACTION' . 
. 3.3523 4.2213  1290 0.2119 99.00  0.2786 . . 147 . . . . 'X-RAY DIFFRACTION' . 
. 4.2213 28.0743 1309 0.2186 96.00  0.2287 . . 146 . . . . 'X-RAY DIFFRACTION' . 
# 
_struct.entry_id                  4E1M 
_struct.title                     'Crystal Structure of HIV-1 Integrase with a non-catayltic site inhibitor' 
_struct.pdbx_model_details        ? 
_struct.pdbx_CASP_flag            ? 
_struct.pdbx_model_type_details   ? 
# 
_struct_keywords.entry_id        4E1M 
_struct_keywords.pdbx_keywords   'TRANSFERASE/TRANSFERASE INHIBITOR' 
_struct_keywords.text            'HIV, integrase, TRANSFERASE-TRANSFERASE INHIBITOR complex' 
# 
loop_
_struct_asym.id 
_struct_asym.pdbx_blank_PDB_chainid_flag 
_struct_asym.pdbx_modified 
_struct_asym.entity_id 
_struct_asym.details 
A N N 1 ? 
B N N 2 ? 
C N N 3 ? 
# 
_struct_ref.id                         1 
_struct_ref.db_name                    UNP 
_struct_ref.db_code                    POL_HV1N5 
_struct_ref.pdbx_db_accession          P12497 
_struct_ref.entity_id                  1 
_struct_ref.pdbx_seq_one_letter_code   
;MHGQVDCSPGIWQLDCTHLEGKVILVAVHVASGYIEAEVIPAETGQETAYFLLKLAGRWPVKTVHTDNGSNFTSTTVKAA
CWWAGIKQEFGIPYNPQSQGVIESMNKELKKIIGQVRDQAEHLKTAVQMAVFIHNFKRKGGIGGYSAGERIVDIIATDIQ
TKE
;
_struct_ref.pdbx_align_begin           1197 
_struct_ref.pdbx_db_isoform            ? 
# 
_struct_ref_seq.align_id                      1 
_struct_ref_seq.ref_id                        1 
_struct_ref_seq.pdbx_PDB_id_code              4E1M 
_struct_ref_seq.pdbx_strand_id                A 
_struct_ref_seq.seq_align_beg                 4 
_struct_ref_seq.pdbx_seq_align_beg_ins_code   ? 
_struct_ref_seq.seq_align_end                 166 
_struct_ref_seq.pdbx_seq_align_end_ins_code   ? 
_struct_ref_seq.pdbx_db_accession             P12497 
_struct_ref_seq.db_align_beg                  1197 
_struct_ref_seq.pdbx_db_align_beg_ins_code    ? 
_struct_ref_seq.db_align_end                  1359 
_struct_ref_seq.pdbx_db_align_end_ins_code    ? 
_struct_ref_seq.pdbx_auth_seq_align_beg       50 
_struct_ref_seq.pdbx_auth_seq_align_end       212 
# 
loop_
_struct_ref_seq_dif.align_id 
_struct_ref_seq_dif.pdbx_pdb_id_code 
_struct_ref_seq_dif.mon_id 
_struct_ref_seq_dif.pdbx_pdb_strand_id 
_struct_ref_seq_dif.seq_num 
_struct_ref_seq_dif.pdbx_pdb_ins_code 
_struct_ref_seq_dif.pdbx_seq_db_name 
_struct_ref_seq_dif.pdbx_seq_db_accession_code 
_struct_ref_seq_dif.db_mon_id 
_struct_ref_seq_dif.pdbx_seq_db_seq_num 
_struct_ref_seq_dif.details 
_struct_ref_seq_dif.pdbx_auth_seq_num 
_struct_ref_seq_dif.pdbx_ordinal 
1 4E1M GLY A 1   ? UNP P12497 ?   ?    'expression tag'      47  1 
1 4E1M SER A 2   ? UNP P12497 ?   ?    'expression tag'      48  2 
1 4E1M HIS A 3   ? UNP P12497 ?   ?    'expression tag'      49  3 
1 4E1M ALA A 78  ? UNP P12497 THR 1271 conflict              124 4 
1 4E1M LYS A 139 ? UNP P12497 PHE 1332 'engineered mutation' 185 5 
# 
_pdbx_struct_assembly.id                   1 
_pdbx_struct_assembly.details              author_and_software_defined_assembly 
_pdbx_struct_assembly.method_details       PISA 
_pdbx_struct_assembly.oligomeric_details   dimeric 
_pdbx_struct_assembly.oligomeric_count     2 
# 
loop_
_pdbx_struct_assembly_prop.biol_id 
_pdbx_struct_assembly_prop.type 
_pdbx_struct_assembly_prop.value 
_pdbx_struct_assembly_prop.details 
1 'ABSA (A^2)' 3240  ? 
1 MORE         -16   ? 
1 'SSA (A^2)'  13920 ? 
# 
_pdbx_struct_assembly_gen.assembly_id       1 
_pdbx_struct_assembly_gen.oper_expression   1,2 
_pdbx_struct_assembly_gen.asym_id_list      A,B,C 
# 
loop_
_pdbx_struct_oper_list.id 
_pdbx_struct_oper_list.type 
_pdbx_struct_oper_list.name 
_pdbx_struct_oper_list.symmetry_operation 
_pdbx_struct_oper_list.matrix[1][1] 
_pdbx_struct_oper_list.matrix[1][2] 
_pdbx_struct_oper_list.matrix[1][3] 
_pdbx_struct_oper_list.vector[1] 
_pdbx_struct_oper_list.matrix[2][1] 
_pdbx_struct_oper_list.matrix[2][2] 
_pdbx_struct_oper_list.matrix[2][3] 
_pdbx_struct_oper_list.vector[2] 
_pdbx_struct_oper_list.matrix[3][1] 
_pdbx_struct_oper_list.matrix[3][2] 
_pdbx_struct_oper_list.matrix[3][3] 
_pdbx_struct_oper_list.vector[3] 
1 'identity operation'         1_555 x,y,z         1.0000000000 0.0000000000 0.0000000000  0.0000000000  0.0000000000 1.0000000000  0.0000000000  0.0000000000 0.0000000000  0.0000000000  1.0000000000  0.0000000000  
2 'crystal symmetry operation' 5_554 x-y,-y,-z-1/3 0.0290558897 0.9903202858 -0.1357257780 -6.7833211643 0.9903202858 -0.0469572369 -0.1306168039 9.4823092302 -0.1357257780 -0.1306168039 -0.9820986527 17.7571764635 
# 
loop_
_struct_conf.conf_type_id 
_struct_conf.id 
_struct_conf.pdbx_PDB_helix_id 
_struct_conf.beg_label_comp_id 
_struct_conf.beg_label_asym_id 
_struct_conf.beg_label_seq_id 
_struct_conf.pdbx_beg_PDB_ins_code 
_struct_conf.end_label_comp_id 
_struct_conf.end_label_asym_id 
_struct_conf.end_label_seq_id 
_struct_conf.pdbx_end_PDB_ins_code 
_struct_conf.beg_auth_comp_id 
_struct_conf.beg_auth_asym_id 
_struct_conf.beg_auth_seq_id 
_struct_conf.end_auth_comp_id 
_struct_conf.end_auth_asym_id 
_struct_conf.end_auth_seq_id 
_struct_conf.pdbx_PDB_helix_class 
_struct_conf.details 
_struct_conf.pdbx_PDB_helix_length 
HELX_P HELX_P1 1 THR A 47  ? TRP A 62  ? THR A 93  TRP A 108 1 ? 16 
HELX_P HELX_P2 2 ASN A 71  ? THR A 76  ? ASN A 117 THR A 122 5 ? 6  
HELX_P HELX_P3 3 SER A 77  ? GLY A 88  ? SER A 123 GLY A 134 1 ? 12 
HELX_P HELX_P4 4 GLY A 103 ? ARG A 120 ? GLY A 149 ARG A 166 1 ? 18 
HELX_P HELX_P5 5 ASP A 121 ? ALA A 123 ? ASP A 167 ALA A 169 5 ? 3  
HELX_P HELX_P6 6 HIS A 125 ? LYS A 140 ? HIS A 171 LYS A 186 1 ? 16 
HELX_P HELX_P7 7 SER A 149 ? THR A 160 ? SER A 195 THR A 206 1 ? 12 
# 
_struct_conf_type.id          HELX_P 
_struct_conf_type.criteria    ? 
_struct_conf_type.reference   ? 
# 
loop_
_struct_conn.id 
_struct_conn.conn_type_id 
_struct_conn.pdbx_leaving_atom_flag 
_struct_conn.pdbx_PDB_id 
_struct_conn.ptnr1_label_asym_id 
_struct_conn.ptnr1_label_comp_id 
_struct_conn.ptnr1_label_seq_id 
_struct_conn.ptnr1_label_atom_id 
_struct_conn.pdbx_ptnr1_label_alt_id 
_struct_conn.pdbx_ptnr1_PDB_ins_code 
_struct_conn.pdbx_ptnr1_standard_comp_id 
_struct_conn.ptnr1_symmetry 
_struct_conn.ptnr2_label_asym_id 
_struct_conn.ptnr2_label_comp_id 
_struct_conn.ptnr2_label_seq_id 
_struct_conn.ptnr2_label_atom_id 
_struct_conn.pdbx_ptnr2_label_alt_id 
_struct_conn.pdbx_ptnr2_PDB_ins_code 
_struct_conn.ptnr1_auth_asym_id 
_struct_conn.ptnr1_auth_comp_id 
_struct_conn.ptnr1_auth_seq_id 
_struct_conn.ptnr2_auth_asym_id 
_struct_conn.ptnr2_auth_comp_id 
_struct_conn.ptnr2_auth_seq_id 
_struct_conn.ptnr2_symmetry 
_struct_conn.pdbx_ptnr3_label_atom_id 
_struct_conn.pdbx_ptnr3_label_seq_id 
_struct_conn.pdbx_ptnr3_label_comp_id 
_struct_conn.pdbx_ptnr3_label_asym_id 
_struct_conn.pdbx_ptnr3_label_alt_id 
_struct_conn.pdbx_ptnr3_PDB_ins_code 
_struct_conn.details 
_struct_conn.pdbx_dist_value 
_struct_conn.pdbx_value_order 
_struct_conn.pdbx_role 
covale1 covale both ? A ASP 18 C ? ? ? 1_555 A CAF 19 N ? ? A ASP 64  A CAF 65  1_555 ? ? ? ? ? ? ? 1.329 ? ? 
covale2 covale both ? A CAF 19 C ? ? ? 1_555 A THR 20 N ? ? A CAF 65  A THR 66  1_555 ? ? ? ? ? ? ? 1.325 ? ? 
covale3 covale both ? A ALA 83 C ? ? ? 1_555 A CAF 84 N ? ? A ALA 129 A CAF 130 1_555 ? ? ? ? ? ? ? 1.331 ? ? 
covale4 covale both ? A CAF 84 C ? ? ? 1_555 A TRP 85 N ? ? A CAF 130 A TRP 131 1_555 ? ? ? ? ? ? ? 1.328 ? ? 
# 
_struct_conn_type.id          covale 
_struct_conn_type.criteria    ? 
_struct_conn_type.reference   ? 
# 
loop_
_pdbx_modification_feature.ordinal 
_pdbx_modification_feature.label_comp_id 
_pdbx_modification_feature.label_asym_id 
_pdbx_modification_feature.label_seq_id 
_pdbx_modification_feature.label_alt_id 
_pdbx_modification_feature.modified_residue_label_comp_id 
_pdbx_modification_feature.modified_residue_label_asym_id 
_pdbx_modification_feature.modified_residue_label_seq_id 
_pdbx_modification_feature.modified_residue_label_alt_id 
_pdbx_modification_feature.auth_comp_id 
_pdbx_modification_feature.auth_asym_id 
_pdbx_modification_feature.auth_seq_id 
_pdbx_modification_feature.PDB_ins_code 
_pdbx_modification_feature.symmetry 
_pdbx_modification_feature.modified_residue_auth_comp_id 
_pdbx_modification_feature.modified_residue_auth_asym_id 
_pdbx_modification_feature.modified_residue_auth_seq_id 
_pdbx_modification_feature.modified_residue_PDB_ins_code 
_pdbx_modification_feature.modified_residue_symmetry 
_pdbx_modification_feature.comp_id_linking_atom 
_pdbx_modification_feature.modified_residue_id_linking_atom 
_pdbx_modification_feature.modified_residue_id 
_pdbx_modification_feature.ref_pcm_id 
_pdbx_modification_feature.ref_comp_id 
_pdbx_modification_feature.type 
_pdbx_modification_feature.category 
1 CAF A 19 ? . . . . CAF A 65  ? 1_555 . . . . . . . CYS 1 CAF None 'Non-standard residue' 
2 CAF A 84 ? . . . . CAF A 130 ? 1_555 . . . . . . . CYS 1 CAF None 'Non-standard residue' 
# 
_struct_sheet.id               A 
_struct_sheet.type             ? 
_struct_sheet.number_strands   5 
_struct_sheet.details          ? 
# 
loop_
_struct_sheet_order.sheet_id 
_struct_sheet_order.range_id_1 
_struct_sheet_order.range_id_2 
_struct_sheet_order.offset 
_struct_sheet_order.sense 
A 1 2 ? anti-parallel 
A 2 3 ? anti-parallel 
A 3 4 ? parallel      
A 4 5 ? parallel      
# 
loop_
_struct_sheet_range.sheet_id 
_struct_sheet_range.id 
_struct_sheet_range.beg_label_comp_id 
_struct_sheet_range.beg_label_asym_id 
_struct_sheet_range.beg_label_seq_id 
_struct_sheet_range.pdbx_beg_PDB_ins_code 
_struct_sheet_range.end_label_comp_id 
_struct_sheet_range.end_label_asym_id 
_struct_sheet_range.end_label_seq_id 
_struct_sheet_range.pdbx_end_PDB_ins_code 
_struct_sheet_range.beg_auth_comp_id 
_struct_sheet_range.beg_auth_asym_id 
_struct_sheet_range.beg_auth_seq_id 
_struct_sheet_range.end_auth_comp_id 
_struct_sheet_range.end_auth_asym_id 
_struct_sheet_range.end_auth_seq_id 
A 1 ILE A 38 ? ILE A 43 ? ILE A 84  ILE A 89  
A 2 LYS A 25 ? HIS A 32 ? LYS A 71  HIS A 78  
A 3 ILE A 14 ? LEU A 22 ? ILE A 60  LEU A 68  
A 4 THR A 66 ? HIS A 68 ? THR A 112 HIS A 114 
A 5 LYS A 90 ? GLN A 91 ? LYS A 136 GLN A 137 
# 
loop_
_pdbx_struct_sheet_hbond.sheet_id 
_pdbx_struct_sheet_hbond.range_id_1 
_pdbx_struct_sheet_hbond.range_id_2 
_pdbx_struct_sheet_hbond.range_1_label_atom_id 
_pdbx_struct_sheet_hbond.range_1_label_comp_id 
_pdbx_struct_sheet_hbond.range_1_label_asym_id 
_pdbx_struct_sheet_hbond.range_1_label_seq_id 
_pdbx_struct_sheet_hbond.range_1_PDB_ins_code 
_pdbx_struct_sheet_hbond.range_1_auth_atom_id 
_pdbx_struct_sheet_hbond.range_1_auth_comp_id 
_pdbx_struct_sheet_hbond.range_1_auth_asym_id 
_pdbx_struct_sheet_hbond.range_1_auth_seq_id 
_pdbx_struct_sheet_hbond.range_2_label_atom_id 
_pdbx_struct_sheet_hbond.range_2_label_comp_id 
_pdbx_struct_sheet_hbond.range_2_label_asym_id 
_pdbx_struct_sheet_hbond.range_2_label_seq_id 
_pdbx_struct_sheet_hbond.range_2_PDB_ins_code 
_pdbx_struct_sheet_hbond.range_2_auth_atom_id 
_pdbx_struct_sheet_hbond.range_2_auth_comp_id 
_pdbx_struct_sheet_hbond.range_2_auth_asym_id 
_pdbx_struct_sheet_hbond.range_2_auth_seq_id 
A 1 2 O ILE A 43 ? O ILE A 89  N VAL A 26 ? N VAL A 72  
A 2 3 O ILE A 27 ? O ILE A 73  N THR A 20 ? N THR A 66  
A 3 4 N TRP A 15 ? N TRP A 61  O HIS A 68 ? O HIS A 114 
A 4 5 N VAL A 67 ? N VAL A 113 O LYS A 90 ? O LYS A 136 
# 
_struct_site.id                   AC1 
_struct_site.pdbx_evidence_code   Software 
_struct_site.pdbx_auth_asym_id    A 
_struct_site.pdbx_auth_comp_id    TQ2 
_struct_site.pdbx_auth_seq_id     301 
_struct_site.pdbx_auth_ins_code   ? 
_struct_site.pdbx_num_residues    8 
_struct_site.details              'BINDING SITE FOR RESIDUE TQ2 A 301' 
# 
loop_
_struct_site_gen.id 
_struct_site_gen.site_id 
_struct_site_gen.pdbx_num_res 
_struct_site_gen.label_comp_id 
_struct_site_gen.label_asym_id 
_struct_site_gen.label_seq_id 
_struct_site_gen.pdbx_auth_ins_code 
_struct_site_gen.auth_comp_id 
_struct_site_gen.auth_asym_id 
_struct_site_gen.auth_seq_id 
_struct_site_gen.label_atom_id 
_struct_site_gen.label_alt_id 
_struct_site_gen.symmetry 
_struct_site_gen.details 
1 AC1 8 THR A 79  ? THR A 125 . ? 5_554 ? 
2 AC1 8 ALA A 82  ? ALA A 128 . ? 5_554 ? 
3 AC1 8 TRP A 86  ? TRP A 132 . ? 5_554 ? 
4 AC1 8 ALA A 123 ? ALA A 169 . ? 1_555 ? 
5 AC1 8 GLU A 124 ? GLU A 170 . ? 1_555 ? 
6 AC1 8 HIS A 125 ? HIS A 171 . ? 1_555 ? 
7 AC1 8 THR A 128 ? THR A 174 . ? 1_555 ? 
8 AC1 8 HOH C .   ? HOH A 430 . ? 1_555 ? 
# 
_pdbx_entry_details.entry_id                   4E1M 
_pdbx_entry_details.compound_details           ? 
_pdbx_entry_details.source_details             ? 
_pdbx_entry_details.nonpolymer_details         ? 
_pdbx_entry_details.sequence_details           ? 
_pdbx_entry_details.has_ligand_of_interest     ? 
_pdbx_entry_details.has_protein_modification   Y 
# 
loop_
_pdbx_struct_mod_residue.id 
_pdbx_struct_mod_residue.label_asym_id 
_pdbx_struct_mod_residue.label_comp_id 
_pdbx_struct_mod_residue.label_seq_id 
_pdbx_struct_mod_residue.auth_asym_id 
_pdbx_struct_mod_residue.auth_comp_id 
_pdbx_struct_mod_residue.auth_seq_id 
_pdbx_struct_mod_residue.PDB_ins_code 
_pdbx_struct_mod_residue.parent_comp_id 
_pdbx_struct_mod_residue.details 
1 A CAF 19 A CAF 65  ? CYS S-DIMETHYLARSINOYL-CYSTEINE 
2 A CAF 84 A CAF 130 ? CYS S-DIMETHYLARSINOYL-CYSTEINE 
# 
loop_
_pdbx_unobs_or_zero_occ_residues.id 
_pdbx_unobs_or_zero_occ_residues.PDB_model_num 
_pdbx_unobs_or_zero_occ_residues.polymer_flag 
_pdbx_unobs_or_zero_occ_residues.occupancy_flag 
_pdbx_unobs_or_zero_occ_residues.auth_asym_id 
_pdbx_unobs_or_zero_occ_residues.auth_comp_id 
_pdbx_unobs_or_zero_occ_residues.auth_seq_id 
_pdbx_unobs_or_zero_occ_residues.PDB_ins_code 
_pdbx_unobs_or_zero_occ_residues.label_asym_id 
_pdbx_unobs_or_zero_occ_residues.label_comp_id 
_pdbx_unobs_or_zero_occ_residues.label_seq_id 
1  1 Y 1 A GLY 47  ? A GLY 1   
2  1 Y 1 A SER 48  ? A SER 2   
3  1 Y 1 A HIS 49  ? A HIS 3   
4  1 Y 1 A MET 50  ? A MET 4   
5  1 Y 1 A HIS 51  ? A HIS 5   
6  1 Y 1 A GLY 52  ? A GLY 6   
7  1 Y 1 A GLN 53  ? A GLN 7   
8  1 Y 1 A VAL 54  ? A VAL 8   
9  1 Y 1 A ASP 55  ? A ASP 9   
10 1 Y 1 A TYR 143 ? A TYR 97  
11 1 Y 1 A GLY 189 ? A GLY 143 
12 1 Y 1 A GLY 190 ? A GLY 144 
13 1 Y 1 A ILE 191 ? A ILE 145 
14 1 Y 1 A ILE 208 ? A ILE 162 
15 1 Y 1 A GLN 209 ? A GLN 163 
16 1 Y 1 A THR 210 ? A THR 164 
17 1 Y 1 A LYS 211 ? A LYS 165 
18 1 Y 1 A GLU 212 ? A GLU 166 
# 
loop_
_chem_comp_atom.comp_id 
_chem_comp_atom.atom_id 
_chem_comp_atom.type_symbol 
_chem_comp_atom.pdbx_aromatic_flag 
_chem_comp_atom.pdbx_stereo_config 
_chem_comp_atom.pdbx_ordinal 
ALA N    N  N N 1   
ALA CA   C  N S 2   
ALA C    C  N N 3   
ALA O    O  N N 4   
ALA CB   C  N N 5   
ALA OXT  O  N N 6   
ALA H    H  N N 7   
ALA H2   H  N N 8   
ALA HA   H  N N 9   
ALA HB1  H  N N 10  
ALA HB2  H  N N 11  
ALA HB3  H  N N 12  
ALA HXT  H  N N 13  
ARG N    N  N N 14  
ARG CA   C  N S 15  
ARG C    C  N N 16  
ARG O    O  N N 17  
ARG CB   C  N N 18  
ARG CG   C  N N 19  
ARG CD   C  N N 20  
ARG NE   N  N N 21  
ARG CZ   C  N N 22  
ARG NH1  N  N N 23  
ARG NH2  N  N N 24  
ARG OXT  O  N N 25  
ARG H    H  N N 26  
ARG H2   H  N N 27  
ARG HA   H  N N 28  
ARG HB2  H  N N 29  
ARG HB3  H  N N 30  
ARG HG2  H  N N 31  
ARG HG3  H  N N 32  
ARG HD2  H  N N 33  
ARG HD3  H  N N 34  
ARG HE   H  N N 35  
ARG HH11 H  N N 36  
ARG HH12 H  N N 37  
ARG HH21 H  N N 38  
ARG HH22 H  N N 39  
ARG HXT  H  N N 40  
ASN N    N  N N 41  
ASN CA   C  N S 42  
ASN C    C  N N 43  
ASN O    O  N N 44  
ASN CB   C  N N 45  
ASN CG   C  N N 46  
ASN OD1  O  N N 47  
ASN ND2  N  N N 48  
ASN OXT  O  N N 49  
ASN H    H  N N 50  
ASN H2   H  N N 51  
ASN HA   H  N N 52  
ASN HB2  H  N N 53  
ASN HB3  H  N N 54  
ASN HD21 H  N N 55  
ASN HD22 H  N N 56  
ASN HXT  H  N N 57  
ASP N    N  N N 58  
ASP CA   C  N S 59  
ASP C    C  N N 60  
ASP O    O  N N 61  
ASP CB   C  N N 62  
ASP CG   C  N N 63  
ASP OD1  O  N N 64  
ASP OD2  O  N N 65  
ASP OXT  O  N N 66  
ASP H    H  N N 67  
ASP H2   H  N N 68  
ASP HA   H  N N 69  
ASP HB2  H  N N 70  
ASP HB3  H  N N 71  
ASP HD2  H  N N 72  
ASP HXT  H  N N 73  
CAF N    N  N N 74  
CAF CA   C  N R 75  
CAF CB   C  N N 76  
CAF C    C  N N 77  
CAF O    O  N N 78  
CAF OXT  O  N N 79  
CAF SG   S  N N 80  
CAF AS   AS N N 81  
CAF CE1  C  N N 82  
CAF CE2  C  N N 83  
CAF O1   O  N N 84  
CAF H    H  N N 85  
CAF H2   H  N N 86  
CAF HA   H  N N 87  
CAF HB2  H  N N 88  
CAF HB3  H  N N 89  
CAF HXT  H  N N 90  
CAF HE11 H  N N 91  
CAF HE12 H  N N 92  
CAF HE13 H  N N 93  
CAF HE21 H  N N 94  
CAF HE22 H  N N 95  
CAF HE23 H  N N 96  
CYS N    N  N N 97  
CYS CA   C  N R 98  
CYS C    C  N N 99  
CYS O    O  N N 100 
CYS CB   C  N N 101 
CYS SG   S  N N 102 
CYS OXT  O  N N 103 
CYS H    H  N N 104 
CYS H2   H  N N 105 
CYS HA   H  N N 106 
CYS HB2  H  N N 107 
CYS HB3  H  N N 108 
CYS HG   H  N N 109 
CYS HXT  H  N N 110 
GLN N    N  N N 111 
GLN CA   C  N S 112 
GLN C    C  N N 113 
GLN O    O  N N 114 
GLN CB   C  N N 115 
GLN CG   C  N N 116 
GLN CD   C  N N 117 
GLN OE1  O  N N 118 
GLN NE2  N  N N 119 
GLN OXT  O  N N 120 
GLN H    H  N N 121 
GLN H2   H  N N 122 
GLN HA   H  N N 123 
GLN HB2  H  N N 124 
GLN HB3  H  N N 125 
GLN HG2  H  N N 126 
GLN HG3  H  N N 127 
GLN HE21 H  N N 128 
GLN HE22 H  N N 129 
GLN HXT  H  N N 130 
GLU N    N  N N 131 
GLU CA   C  N S 132 
GLU C    C  N N 133 
GLU O    O  N N 134 
GLU CB   C  N N 135 
GLU CG   C  N N 136 
GLU CD   C  N N 137 
GLU OE1  O  N N 138 
GLU OE2  O  N N 139 
GLU OXT  O  N N 140 
GLU H    H  N N 141 
GLU H2   H  N N 142 
GLU HA   H  N N 143 
GLU HB2  H  N N 144 
GLU HB3  H  N N 145 
GLU HG2  H  N N 146 
GLU HG3  H  N N 147 
GLU HE2  H  N N 148 
GLU HXT  H  N N 149 
GLY N    N  N N 150 
GLY CA   C  N N 151 
GLY C    C  N N 152 
GLY O    O  N N 153 
GLY OXT  O  N N 154 
GLY H    H  N N 155 
GLY H2   H  N N 156 
GLY HA2  H  N N 157 
GLY HA3  H  N N 158 
GLY HXT  H  N N 159 
HIS N    N  N N 160 
HIS CA   C  N S 161 
HIS C    C  N N 162 
HIS O    O  N N 163 
HIS CB   C  N N 164 
HIS CG   C  Y N 165 
HIS ND1  N  Y N 166 
HIS CD2  C  Y N 167 
HIS CE1  C  Y N 168 
HIS NE2  N  Y N 169 
HIS OXT  O  N N 170 
HIS H    H  N N 171 
HIS H2   H  N N 172 
HIS HA   H  N N 173 
HIS HB2  H  N N 174 
HIS HB3  H  N N 175 
HIS HD1  H  N N 176 
HIS HD2  H  N N 177 
HIS HE1  H  N N 178 
HIS HE2  H  N N 179 
HIS HXT  H  N N 180 
HOH O    O  N N 181 
HOH H1   H  N N 182 
HOH H2   H  N N 183 
ILE N    N  N N 184 
ILE CA   C  N S 185 
ILE C    C  N N 186 
ILE O    O  N N 187 
ILE CB   C  N S 188 
ILE CG1  C  N N 189 
ILE CG2  C  N N 190 
ILE CD1  C  N N 191 
ILE OXT  O  N N 192 
ILE H    H  N N 193 
ILE H2   H  N N 194 
ILE HA   H  N N 195 
ILE HB   H  N N 196 
ILE HG12 H  N N 197 
ILE HG13 H  N N 198 
ILE HG21 H  N N 199 
ILE HG22 H  N N 200 
ILE HG23 H  N N 201 
ILE HD11 H  N N 202 
ILE HD12 H  N N 203 
ILE HD13 H  N N 204 
ILE HXT  H  N N 205 
LEU N    N  N N 206 
LEU CA   C  N S 207 
LEU C    C  N N 208 
LEU O    O  N N 209 
LEU CB   C  N N 210 
LEU CG   C  N N 211 
LEU CD1  C  N N 212 
LEU CD2  C  N N 213 
LEU OXT  O  N N 214 
LEU H    H  N N 215 
LEU H2   H  N N 216 
LEU HA   H  N N 217 
LEU HB2  H  N N 218 
LEU HB3  H  N N 219 
LEU HG   H  N N 220 
LEU HD11 H  N N 221 
LEU HD12 H  N N 222 
LEU HD13 H  N N 223 
LEU HD21 H  N N 224 
LEU HD22 H  N N 225 
LEU HD23 H  N N 226 
LEU HXT  H  N N 227 
LYS N    N  N N 228 
LYS CA   C  N S 229 
LYS C    C  N N 230 
LYS O    O  N N 231 
LYS CB   C  N N 232 
LYS CG   C  N N 233 
LYS CD   C  N N 234 
LYS CE   C  N N 235 
LYS NZ   N  N N 236 
LYS OXT  O  N N 237 
LYS H    H  N N 238 
LYS H2   H  N N 239 
LYS HA   H  N N 240 
LYS HB2  H  N N 241 
LYS HB3  H  N N 242 
LYS HG2  H  N N 243 
LYS HG3  H  N N 244 
LYS HD2  H  N N 245 
LYS HD3  H  N N 246 
LYS HE2  H  N N 247 
LYS HE3  H  N N 248 
LYS HZ1  H  N N 249 
LYS HZ2  H  N N 250 
LYS HZ3  H  N N 251 
LYS HXT  H  N N 252 
MET N    N  N N 253 
MET CA   C  N S 254 
MET C    C  N N 255 
MET O    O  N N 256 
MET CB   C  N N 257 
MET CG   C  N N 258 
MET SD   S  N N 259 
MET CE   C  N N 260 
MET OXT  O  N N 261 
MET H    H  N N 262 
MET H2   H  N N 263 
MET HA   H  N N 264 
MET HB2  H  N N 265 
MET HB3  H  N N 266 
MET HG2  H  N N 267 
MET HG3  H  N N 268 
MET HE1  H  N N 269 
MET HE2  H  N N 270 
MET HE3  H  N N 271 
MET HXT  H  N N 272 
PHE N    N  N N 273 
PHE CA   C  N S 274 
PHE C    C  N N 275 
PHE O    O  N N 276 
PHE CB   C  N N 277 
PHE CG   C  Y N 278 
PHE CD1  C  Y N 279 
PHE CD2  C  Y N 280 
PHE CE1  C  Y N 281 
PHE CE2  C  Y N 282 
PHE CZ   C  Y N 283 
PHE OXT  O  N N 284 
PHE H    H  N N 285 
PHE H2   H  N N 286 
PHE HA   H  N N 287 
PHE HB2  H  N N 288 
PHE HB3  H  N N 289 
PHE HD1  H  N N 290 
PHE HD2  H  N N 291 
PHE HE1  H  N N 292 
PHE HE2  H  N N 293 
PHE HZ   H  N N 294 
PHE HXT  H  N N 295 
PRO N    N  N N 296 
PRO CA   C  N S 297 
PRO C    C  N N 298 
PRO O    O  N N 299 
PRO CB   C  N N 300 
PRO CG   C  N N 301 
PRO CD   C  N N 302 
PRO OXT  O  N N 303 
PRO H    H  N N 304 
PRO HA   H  N N 305 
PRO HB2  H  N N 306 
PRO HB3  H  N N 307 
PRO HG2  H  N N 308 
PRO HG3  H  N N 309 
PRO HD2  H  N N 310 
PRO HD3  H  N N 311 
PRO HXT  H  N N 312 
SER N    N  N N 313 
SER CA   C  N S 314 
SER C    C  N N 315 
SER O    O  N N 316 
SER CB   C  N N 317 
SER OG   O  N N 318 
SER OXT  O  N N 319 
SER H    H  N N 320 
SER H2   H  N N 321 
SER HA   H  N N 322 
SER HB2  H  N N 323 
SER HB3  H  N N 324 
SER HG   H  N N 325 
SER HXT  H  N N 326 
THR N    N  N N 327 
THR CA   C  N S 328 
THR C    C  N N 329 
THR O    O  N N 330 
THR CB   C  N R 331 
THR OG1  O  N N 332 
THR CG2  C  N N 333 
THR OXT  O  N N 334 
THR H    H  N N 335 
THR H2   H  N N 336 
THR HA   H  N N 337 
THR HB   H  N N 338 
THR HG1  H  N N 339 
THR HG21 H  N N 340 
THR HG22 H  N N 341 
THR HG23 H  N N 342 
THR HXT  H  N N 343 
TQ2 C01  C  Y N 344 
TQ2 C02  C  Y N 345 
TQ2 C03  C  Y N 346 
TQ2 C04  C  Y N 347 
TQ2 C05  C  Y N 348 
TQ2 C06  C  Y N 349 
TQ2 N07  N  Y N 350 
TQ2 C08  C  Y N 351 
TQ2 C09  C  Y N 352 
TQ2 C10  C  Y N 353 
TQ2 C11  C  N N 354 
TQ2 C12  C  Y N 355 
TQ2 C13  C  N S 356 
TQ2 O14  O  N N 357 
TQ2 C15  C  Y N 358 
TQ2 C16  C  Y N 359 
TQ2 C17  C  Y N 360 
TQ2 C18  C  Y N 361 
TQ2 C19  C  Y N 362 
TQ2 C20  C  N N 363 
TQ2 C21  C  N N 364 
TQ2 C22  C  N N 365 
TQ2 C23  C  N N 366 
TQ2 C24  C  N N 367 
TQ2 C25  C  N N 368 
TQ2 C26  C  N N 369 
TQ2 O27  O  N N 370 
TQ2 O28  O  N N 371 
TQ2 H01  H  N N 372 
TQ2 H04  H  N N 373 
TQ2 H05  H  N N 374 
TQ2 H06  H  N N 375 
TQ2 H11  H  N N 376 
TQ2 H11A H  N N 377 
TQ2 H11B H  N N 378 
TQ2 H13  H  N N 379 
TQ2 H15  H  N N 380 
TQ2 H16  H  N N 381 
TQ2 H19  H  N N 382 
TQ2 H20  H  N N 383 
TQ2 H20A H  N N 384 
TQ2 H20B H  N N 385 
TQ2 H21  H  N N 386 
TQ2 H21A H  N N 387 
TQ2 H21B H  N N 388 
TQ2 H23  H  N N 389 
TQ2 H23A H  N N 390 
TQ2 H23B H  N N 391 
TQ2 H24  H  N N 392 
TQ2 H24A H  N N 393 
TQ2 H24B H  N N 394 
TQ2 H25  H  N N 395 
TQ2 H25A H  N N 396 
TQ2 H25B H  N N 397 
TQ2 HO28 H  N N 398 
TRP N    N  N N 399 
TRP CA   C  N S 400 
TRP C    C  N N 401 
TRP O    O  N N 402 
TRP CB   C  N N 403 
TRP CG   C  Y N 404 
TRP CD1  C  Y N 405 
TRP CD2  C  Y N 406 
TRP NE1  N  Y N 407 
TRP CE2  C  Y N 408 
TRP CE3  C  Y N 409 
TRP CZ2  C  Y N 410 
TRP CZ3  C  Y N 411 
TRP CH2  C  Y N 412 
TRP OXT  O  N N 413 
TRP H    H  N N 414 
TRP H2   H  N N 415 
TRP HA   H  N N 416 
TRP HB2  H  N N 417 
TRP HB3  H  N N 418 
TRP HD1  H  N N 419 
TRP HE1  H  N N 420 
TRP HE3  H  N N 421 
TRP HZ2  H  N N 422 
TRP HZ3  H  N N 423 
TRP HH2  H  N N 424 
TRP HXT  H  N N 425 
TYR N    N  N N 426 
TYR CA   C  N S 427 
TYR C    C  N N 428 
TYR O    O  N N 429 
TYR CB   C  N N 430 
TYR CG   C  Y N 431 
TYR CD1  C  Y N 432 
TYR CD2  C  Y N 433 
TYR CE1  C  Y N 434 
TYR CE2  C  Y N 435 
TYR CZ   C  Y N 436 
TYR OH   O  N N 437 
TYR OXT  O  N N 438 
TYR H    H  N N 439 
TYR H2   H  N N 440 
TYR HA   H  N N 441 
TYR HB2  H  N N 442 
TYR HB3  H  N N 443 
TYR HD1  H  N N 444 
TYR HD2  H  N N 445 
TYR HE1  H  N N 446 
TYR HE2  H  N N 447 
TYR HH   H  N N 448 
TYR HXT  H  N N 449 
VAL N    N  N N 450 
VAL CA   C  N S 451 
VAL C    C  N N 452 
VAL O    O  N N 453 
VAL CB   C  N N 454 
VAL CG1  C  N N 455 
VAL CG2  C  N N 456 
VAL OXT  O  N N 457 
VAL H    H  N N 458 
VAL H2   H  N N 459 
VAL HA   H  N N 460 
VAL HB   H  N N 461 
VAL HG11 H  N N 462 
VAL HG12 H  N N 463 
VAL HG13 H  N N 464 
VAL HG21 H  N N 465 
VAL HG22 H  N N 466 
VAL HG23 H  N N 467 
VAL HXT  H  N N 468 
# 
loop_
_chem_comp_bond.comp_id 
_chem_comp_bond.atom_id_1 
_chem_comp_bond.atom_id_2 
_chem_comp_bond.value_order 
_chem_comp_bond.pdbx_aromatic_flag 
_chem_comp_bond.pdbx_stereo_config 
_chem_comp_bond.pdbx_ordinal 
ALA N   CA   sing N N 1   
ALA N   H    sing N N 2   
ALA N   H2   sing N N 3   
ALA CA  C    sing N N 4   
ALA CA  CB   sing N N 5   
ALA CA  HA   sing N N 6   
ALA C   O    doub N N 7   
ALA C   OXT  sing N N 8   
ALA CB  HB1  sing N N 9   
ALA CB  HB2  sing N N 10  
ALA CB  HB3  sing N N 11  
ALA OXT HXT  sing N N 12  
ARG N   CA   sing N N 13  
ARG N   H    sing N N 14  
ARG N   H2   sing N N 15  
ARG CA  C    sing N N 16  
ARG CA  CB   sing N N 17  
ARG CA  HA   sing N N 18  
ARG C   O    doub N N 19  
ARG C   OXT  sing N N 20  
ARG CB  CG   sing N N 21  
ARG CB  HB2  sing N N 22  
ARG CB  HB3  sing N N 23  
ARG CG  CD   sing N N 24  
ARG CG  HG2  sing N N 25  
ARG CG  HG3  sing N N 26  
ARG CD  NE   sing N N 27  
ARG CD  HD2  sing N N 28  
ARG CD  HD3  sing N N 29  
ARG NE  CZ   sing N N 30  
ARG NE  HE   sing N N 31  
ARG CZ  NH1  sing N N 32  
ARG CZ  NH2  doub N N 33  
ARG NH1 HH11 sing N N 34  
ARG NH1 HH12 sing N N 35  
ARG NH2 HH21 sing N N 36  
ARG NH2 HH22 sing N N 37  
ARG OXT HXT  sing N N 38  
ASN N   CA   sing N N 39  
ASN N   H    sing N N 40  
ASN N   H2   sing N N 41  
ASN CA  C    sing N N 42  
ASN CA  CB   sing N N 43  
ASN CA  HA   sing N N 44  
ASN C   O    doub N N 45  
ASN C   OXT  sing N N 46  
ASN CB  CG   sing N N 47  
ASN CB  HB2  sing N N 48  
ASN CB  HB3  sing N N 49  
ASN CG  OD1  doub N N 50  
ASN CG  ND2  sing N N 51  
ASN ND2 HD21 sing N N 52  
ASN ND2 HD22 sing N N 53  
ASN OXT HXT  sing N N 54  
ASP N   CA   sing N N 55  
ASP N   H    sing N N 56  
ASP N   H2   sing N N 57  
ASP CA  C    sing N N 58  
ASP CA  CB   sing N N 59  
ASP CA  HA   sing N N 60  
ASP C   O    doub N N 61  
ASP C   OXT  sing N N 62  
ASP CB  CG   sing N N 63  
ASP CB  HB2  sing N N 64  
ASP CB  HB3  sing N N 65  
ASP CG  OD1  doub N N 66  
ASP CG  OD2  sing N N 67  
ASP OD2 HD2  sing N N 68  
ASP OXT HXT  sing N N 69  
CAF N   CA   sing N N 70  
CAF N   H    sing N N 71  
CAF N   H2   sing N N 72  
CAF CA  CB   sing N N 73  
CAF CA  C    sing N N 74  
CAF CA  HA   sing N N 75  
CAF CB  SG   sing N N 76  
CAF CB  HB2  sing N N 77  
CAF CB  HB3  sing N N 78  
CAF C   O    doub N N 79  
CAF C   OXT  sing N N 80  
CAF OXT HXT  sing N N 81  
CAF SG  AS   sing N N 82  
CAF AS  CE1  sing N N 83  
CAF AS  CE2  sing N N 84  
CAF AS  O1   doub N N 85  
CAF CE1 HE11 sing N N 86  
CAF CE1 HE12 sing N N 87  
CAF CE1 HE13 sing N N 88  
CAF CE2 HE21 sing N N 89  
CAF CE2 HE22 sing N N 90  
CAF CE2 HE23 sing N N 91  
CYS N   CA   sing N N 92  
CYS N   H    sing N N 93  
CYS N   H2   sing N N 94  
CYS CA  C    sing N N 95  
CYS CA  CB   sing N N 96  
CYS CA  HA   sing N N 97  
CYS C   O    doub N N 98  
CYS C   OXT  sing N N 99  
CYS CB  SG   sing N N 100 
CYS CB  HB2  sing N N 101 
CYS CB  HB3  sing N N 102 
CYS SG  HG   sing N N 103 
CYS OXT HXT  sing N N 104 
GLN N   CA   sing N N 105 
GLN N   H    sing N N 106 
GLN N   H2   sing N N 107 
GLN CA  C    sing N N 108 
GLN CA  CB   sing N N 109 
GLN CA  HA   sing N N 110 
GLN C   O    doub N N 111 
GLN C   OXT  sing N N 112 
GLN CB  CG   sing N N 113 
GLN CB  HB2  sing N N 114 
GLN CB  HB3  sing N N 115 
GLN CG  CD   sing N N 116 
GLN CG  HG2  sing N N 117 
GLN CG  HG3  sing N N 118 
GLN CD  OE1  doub N N 119 
GLN CD  NE2  sing N N 120 
GLN NE2 HE21 sing N N 121 
GLN NE2 HE22 sing N N 122 
GLN OXT HXT  sing N N 123 
GLU N   CA   sing N N 124 
GLU N   H    sing N N 125 
GLU N   H2   sing N N 126 
GLU CA  C    sing N N 127 
GLU CA  CB   sing N N 128 
GLU CA  HA   sing N N 129 
GLU C   O    doub N N 130 
GLU C   OXT  sing N N 131 
GLU CB  CG   sing N N 132 
GLU CB  HB2  sing N N 133 
GLU CB  HB3  sing N N 134 
GLU CG  CD   sing N N 135 
GLU CG  HG2  sing N N 136 
GLU CG  HG3  sing N N 137 
GLU CD  OE1  doub N N 138 
GLU CD  OE2  sing N N 139 
GLU OE2 HE2  sing N N 140 
GLU OXT HXT  sing N N 141 
GLY N   CA   sing N N 142 
GLY N   H    sing N N 143 
GLY N   H2   sing N N 144 
GLY CA  C    sing N N 145 
GLY CA  HA2  sing N N 146 
GLY CA  HA3  sing N N 147 
GLY C   O    doub N N 148 
GLY C   OXT  sing N N 149 
GLY OXT HXT  sing N N 150 
HIS N   CA   sing N N 151 
HIS N   H    sing N N 152 
HIS N   H2   sing N N 153 
HIS CA  C    sing N N 154 
HIS CA  CB   sing N N 155 
HIS CA  HA   sing N N 156 
HIS C   O    doub N N 157 
HIS C   OXT  sing N N 158 
HIS CB  CG   sing N N 159 
HIS CB  HB2  sing N N 160 
HIS CB  HB3  sing N N 161 
HIS CG  ND1  sing Y N 162 
HIS CG  CD2  doub Y N 163 
HIS ND1 CE1  doub Y N 164 
HIS ND1 HD1  sing N N 165 
HIS CD2 NE2  sing Y N 166 
HIS CD2 HD2  sing N N 167 
HIS CE1 NE2  sing Y N 168 
HIS CE1 HE1  sing N N 169 
HIS NE2 HE2  sing N N 170 
HIS OXT HXT  sing N N 171 
HOH O   H1   sing N N 172 
HOH O   H2   sing N N 173 
ILE N   CA   sing N N 174 
ILE N   H    sing N N 175 
ILE N   H2   sing N N 176 
ILE CA  C    sing N N 177 
ILE CA  CB   sing N N 178 
ILE CA  HA   sing N N 179 
ILE C   O    doub N N 180 
ILE C   OXT  sing N N 181 
ILE CB  CG1  sing N N 182 
ILE CB  CG2  sing N N 183 
ILE CB  HB   sing N N 184 
ILE CG1 CD1  sing N N 185 
ILE CG1 HG12 sing N N 186 
ILE CG1 HG13 sing N N 187 
ILE CG2 HG21 sing N N 188 
ILE CG2 HG22 sing N N 189 
ILE CG2 HG23 sing N N 190 
ILE CD1 HD11 sing N N 191 
ILE CD1 HD12 sing N N 192 
ILE CD1 HD13 sing N N 193 
ILE OXT HXT  sing N N 194 
LEU N   CA   sing N N 195 
LEU N   H    sing N N 196 
LEU N   H2   sing N N 197 
LEU CA  C    sing N N 198 
LEU CA  CB   sing N N 199 
LEU CA  HA   sing N N 200 
LEU C   O    doub N N 201 
LEU C   OXT  sing N N 202 
LEU CB  CG   sing N N 203 
LEU CB  HB2  sing N N 204 
LEU CB  HB3  sing N N 205 
LEU CG  CD1  sing N N 206 
LEU CG  CD2  sing N N 207 
LEU CG  HG   sing N N 208 
LEU CD1 HD11 sing N N 209 
LEU CD1 HD12 sing N N 210 
LEU CD1 HD13 sing N N 211 
LEU CD2 HD21 sing N N 212 
LEU CD2 HD22 sing N N 213 
LEU CD2 HD23 sing N N 214 
LEU OXT HXT  sing N N 215 
LYS N   CA   sing N N 216 
LYS N   H    sing N N 217 
LYS N   H2   sing N N 218 
LYS CA  C    sing N N 219 
LYS CA  CB   sing N N 220 
LYS CA  HA   sing N N 221 
LYS C   O    doub N N 222 
LYS C   OXT  sing N N 223 
LYS CB  CG   sing N N 224 
LYS CB  HB2  sing N N 225 
LYS CB  HB3  sing N N 226 
LYS CG  CD   sing N N 227 
LYS CG  HG2  sing N N 228 
LYS CG  HG3  sing N N 229 
LYS CD  CE   sing N N 230 
LYS CD  HD2  sing N N 231 
LYS CD  HD3  sing N N 232 
LYS CE  NZ   sing N N 233 
LYS CE  HE2  sing N N 234 
LYS CE  HE3  sing N N 235 
LYS NZ  HZ1  sing N N 236 
LYS NZ  HZ2  sing N N 237 
LYS NZ  HZ3  sing N N 238 
LYS OXT HXT  sing N N 239 
MET N   CA   sing N N 240 
MET N   H    sing N N 241 
MET N   H2   sing N N 242 
MET CA  C    sing N N 243 
MET CA  CB   sing N N 244 
MET CA  HA   sing N N 245 
MET C   O    doub N N 246 
MET C   OXT  sing N N 247 
MET CB  CG   sing N N 248 
MET CB  HB2  sing N N 249 
MET CB  HB3  sing N N 250 
MET CG  SD   sing N N 251 
MET CG  HG2  sing N N 252 
MET CG  HG3  sing N N 253 
MET SD  CE   sing N N 254 
MET CE  HE1  sing N N 255 
MET CE  HE2  sing N N 256 
MET CE  HE3  sing N N 257 
MET OXT HXT  sing N N 258 
PHE N   CA   sing N N 259 
PHE N   H    sing N N 260 
PHE N   H2   sing N N 261 
PHE CA  C    sing N N 262 
PHE CA  CB   sing N N 263 
PHE CA  HA   sing N N 264 
PHE C   O    doub N N 265 
PHE C   OXT  sing N N 266 
PHE CB  CG   sing N N 267 
PHE CB  HB2  sing N N 268 
PHE CB  HB3  sing N N 269 
PHE CG  CD1  doub Y N 270 
PHE CG  CD2  sing Y N 271 
PHE CD1 CE1  sing Y N 272 
PHE CD1 HD1  sing N N 273 
PHE CD2 CE2  doub Y N 274 
PHE CD2 HD2  sing N N 275 
PHE CE1 CZ   doub Y N 276 
PHE CE1 HE1  sing N N 277 
PHE CE2 CZ   sing Y N 278 
PHE CE2 HE2  sing N N 279 
PHE CZ  HZ   sing N N 280 
PHE OXT HXT  sing N N 281 
PRO N   CA   sing N N 282 
PRO N   CD   sing N N 283 
PRO N   H    sing N N 284 
PRO CA  C    sing N N 285 
PRO CA  CB   sing N N 286 
PRO CA  HA   sing N N 287 
PRO C   O    doub N N 288 
PRO C   OXT  sing N N 289 
PRO CB  CG   sing N N 290 
PRO CB  HB2  sing N N 291 
PRO CB  HB3  sing N N 292 
PRO CG  CD   sing N N 293 
PRO CG  HG2  sing N N 294 
PRO CG  HG3  sing N N 295 
PRO CD  HD2  sing N N 296 
PRO CD  HD3  sing N N 297 
PRO OXT HXT  sing N N 298 
SER N   CA   sing N N 299 
SER N   H    sing N N 300 
SER N   H2   sing N N 301 
SER CA  C    sing N N 302 
SER CA  CB   sing N N 303 
SER CA  HA   sing N N 304 
SER C   O    doub N N 305 
SER C   OXT  sing N N 306 
SER CB  OG   sing N N 307 
SER CB  HB2  sing N N 308 
SER CB  HB3  sing N N 309 
SER OG  HG   sing N N 310 
SER OXT HXT  sing N N 311 
THR N   CA   sing N N 312 
THR N   H    sing N N 313 
THR N   H2   sing N N 314 
THR CA  C    sing N N 315 
THR CA  CB   sing N N 316 
THR CA  HA   sing N N 317 
THR C   O    doub N N 318 
THR C   OXT  sing N N 319 
THR CB  OG1  sing N N 320 
THR CB  CG2  sing N N 321 
THR CB  HB   sing N N 322 
THR OG1 HG1  sing N N 323 
THR CG2 HG21 sing N N 324 
THR CG2 HG22 sing N N 325 
THR CG2 HG23 sing N N 326 
THR OXT HXT  sing N N 327 
TQ2 C06 C01  doub Y N 328 
TQ2 C01 C02  sing Y N 329 
TQ2 C01 H01  sing N N 330 
TQ2 C02 N07  sing Y N 331 
TQ2 C02 C03  doub Y N 332 
TQ2 C04 C03  sing Y N 333 
TQ2 C03 C10  sing Y N 334 
TQ2 C05 C04  doub Y N 335 
TQ2 C04 H04  sing N N 336 
TQ2 C06 C05  sing Y N 337 
TQ2 C05 H05  sing N N 338 
TQ2 C06 H06  sing N N 339 
TQ2 N07 C08  doub Y N 340 
TQ2 C08 C11  sing N N 341 
TQ2 C08 C09  sing Y N 342 
TQ2 C10 C09  doub Y N 343 
TQ2 C09 C13  sing N N 344 
TQ2 C10 C12  sing N N 345 
TQ2 C11 H11  sing N N 346 
TQ2 C11 H11A sing N N 347 
TQ2 C11 H11B sing N N 348 
TQ2 C15 C12  doub Y N 349 
TQ2 C12 C19  sing Y N 350 
TQ2 O14 C13  sing N N 351 
TQ2 C13 C26  sing N N 352 
TQ2 C13 H13  sing N N 353 
TQ2 C22 O14  sing N N 354 
TQ2 C15 C16  sing Y N 355 
TQ2 C15 H15  sing N N 356 
TQ2 C16 C17  doub Y N 357 
TQ2 C16 H16  sing N N 358 
TQ2 C17 C20  sing N N 359 
TQ2 C17 C18  sing Y N 360 
TQ2 C19 C18  doub Y N 361 
TQ2 C18 C21  sing N N 362 
TQ2 C19 H19  sing N N 363 
TQ2 C20 H20  sing N N 364 
TQ2 C20 H20A sing N N 365 
TQ2 C20 H20B sing N N 366 
TQ2 C21 H21  sing N N 367 
TQ2 C21 H21A sing N N 368 
TQ2 C21 H21B sing N N 369 
TQ2 C23 C22  sing N N 370 
TQ2 C25 C22  sing N N 371 
TQ2 C22 C24  sing N N 372 
TQ2 C23 H23  sing N N 373 
TQ2 C23 H23A sing N N 374 
TQ2 C23 H23B sing N N 375 
TQ2 C24 H24  sing N N 376 
TQ2 C24 H24A sing N N 377 
TQ2 C24 H24B sing N N 378 
TQ2 C25 H25  sing N N 379 
TQ2 C25 H25A sing N N 380 
TQ2 C25 H25B sing N N 381 
TQ2 C26 O27  doub N N 382 
TQ2 C26 O28  sing N N 383 
TQ2 O28 HO28 sing N N 384 
TRP N   CA   sing N N 385 
TRP N   H    sing N N 386 
TRP N   H2   sing N N 387 
TRP CA  C    sing N N 388 
TRP CA  CB   sing N N 389 
TRP CA  HA   sing N N 390 
TRP C   O    doub N N 391 
TRP C   OXT  sing N N 392 
TRP CB  CG   sing N N 393 
TRP CB  HB2  sing N N 394 
TRP CB  HB3  sing N N 395 
TRP CG  CD1  doub Y N 396 
TRP CG  CD2  sing Y N 397 
TRP CD1 NE1  sing Y N 398 
TRP CD1 HD1  sing N N 399 
TRP CD2 CE2  doub Y N 400 
TRP CD2 CE3  sing Y N 401 
TRP NE1 CE2  sing Y N 402 
TRP NE1 HE1  sing N N 403 
TRP CE2 CZ2  sing Y N 404 
TRP CE3 CZ3  doub Y N 405 
TRP CE3 HE3  sing N N 406 
TRP CZ2 CH2  doub Y N 407 
TRP CZ2 HZ2  sing N N 408 
TRP CZ3 CH2  sing Y N 409 
TRP CZ3 HZ3  sing N N 410 
TRP CH2 HH2  sing N N 411 
TRP OXT HXT  sing N N 412 
TYR N   CA   sing N N 413 
TYR N   H    sing N N 414 
TYR N   H2   sing N N 415 
TYR CA  C    sing N N 416 
TYR CA  CB   sing N N 417 
TYR CA  HA   sing N N 418 
TYR C   O    doub N N 419 
TYR C   OXT  sing N N 420 
TYR CB  CG   sing N N 421 
TYR CB  HB2  sing N N 422 
TYR CB  HB3  sing N N 423 
TYR CG  CD1  doub Y N 424 
TYR CG  CD2  sing Y N 425 
TYR CD1 CE1  sing Y N 426 
TYR CD1 HD1  sing N N 427 
TYR CD2 CE2  doub Y N 428 
TYR CD2 HD2  sing N N 429 
TYR CE1 CZ   doub Y N 430 
TYR CE1 HE1  sing N N 431 
TYR CE2 CZ   sing Y N 432 
TYR CE2 HE2  sing N N 433 
TYR CZ  OH   sing N N 434 
TYR OH  HH   sing N N 435 
TYR OXT HXT  sing N N 436 
VAL N   CA   sing N N 437 
VAL N   H    sing N N 438 
VAL N   H2   sing N N 439 
VAL CA  C    sing N N 440 
VAL CA  CB   sing N N 441 
VAL CA  HA   sing N N 442 
VAL C   O    doub N N 443 
VAL C   OXT  sing N N 444 
VAL CB  CG1  sing N N 445 
VAL CB  CG2  sing N N 446 
VAL CB  HB   sing N N 447 
VAL CG1 HG11 sing N N 448 
VAL CG1 HG12 sing N N 449 
VAL CG1 HG13 sing N N 450 
VAL CG2 HG21 sing N N 451 
VAL CG2 HG22 sing N N 452 
VAL CG2 HG23 sing N N 453 
VAL OXT HXT  sing N N 454 
# 
_pdbx_initial_refinement_model.id               1 
_pdbx_initial_refinement_model.entity_id_list   ? 
_pdbx_initial_refinement_model.type             'experimental model' 
_pdbx_initial_refinement_model.source_name      PDB 
_pdbx_initial_refinement_model.accession_code   1ITG 
_pdbx_initial_refinement_model.details          'PDB entry 1ITG' 
# 
_atom_sites.entry_id                    4E1M 
_atom_sites.fract_transf_matrix[1][1]   0.01275454 
_atom_sites.fract_transf_matrix[1][2]   0.00774690 
_atom_sites.fract_transf_matrix[1][3]   0.00599984 
_atom_sites.fract_transf_matrix[2][1]   0.00552636 
_atom_sites.fract_transf_matrix[2][2]   -0.00373672 
_atom_sites.fract_transf_matrix[2][3]   0.01463527 
_atom_sites.fract_transf_matrix[3][1]   0.00927831 
_atom_sites.fract_transf_matrix[3][2]   -0.01048841 
_atom_sites.fract_transf_matrix[3][3]   -0.00618147 
_atom_sites.fract_transf_vector[1]      0.487781 
_atom_sites.fract_transf_vector[2]      -0.093481 
_atom_sites.fract_transf_vector[3]      -0.030586 
# 
loop_
_atom_type.symbol 
AS 
C  
N  
O  
S  
# 
loop_
_atom_site.group_PDB 
_atom_site.id 
_atom_site.type_symbol 
_atom_site.label_atom_id 
_atom_site.label_alt_id 
_atom_site.label_comp_id 
_atom_site.label_asym_id 
_atom_site.label_entity_id 
_atom_site.label_seq_id 
_atom_site.pdbx_PDB_ins_code 
_atom_site.Cartn_x 
_atom_site.Cartn_y 
_atom_site.Cartn_z 
_atom_site.occupancy 
_atom_site.B_iso_or_equiv 
_atom_site.pdbx_formal_charge 
_atom_site.auth_seq_id 
_atom_site.auth_comp_id 
_atom_site.auth_asym_id 
_atom_site.auth_atom_id 
_atom_site.pdbx_PDB_model_num 
ATOM   1    N  N   . CYS A 1 10  ? 9.016   8.876   -8.109  1.00 61.66 ? 56  CYS A N   1 
ATOM   2    C  CA  . CYS A 1 10  ? 9.463   10.025  -7.325  1.00 65.10 ? 56  CYS A CA  1 
ATOM   3    C  C   . CYS A 1 10  ? 8.296   10.829  -6.759  1.00 62.57 ? 56  CYS A C   1 
ATOM   4    O  O   . CYS A 1 10  ? 8.217   11.045  -5.549  1.00 64.09 ? 56  CYS A O   1 
ATOM   5    C  CB  . CYS A 1 10  ? 10.364  10.943  -8.165  1.00 70.56 ? 56  CYS A CB  1 
ATOM   6    S  SG  . CYS A 1 10  ? 10.736  12.561  -7.408  1.00 83.07 ? 56  CYS A SG  1 
ATOM   7    N  N   . SER A 1 11  ? 7.398   11.274  -7.637  1.00 62.60 ? 57  SER A N   1 
ATOM   8    C  CA  . SER A 1 11  ? 6.279   12.119  -7.223  1.00 59.47 ? 57  SER A CA  1 
ATOM   9    C  C   . SER A 1 11  ? 5.710   11.621  -5.904  1.00 57.21 ? 57  SER A C   1 
ATOM   10   O  O   . SER A 1 11  ? 5.477   10.425  -5.734  1.00 57.36 ? 57  SER A O   1 
ATOM   11   C  CB  . SER A 1 11  ? 5.194   12.172  -8.300  1.00 61.32 ? 57  SER A CB  1 
ATOM   12   O  OG  . SER A 1 11  ? 4.208   13.142  -7.976  1.00 65.88 ? 57  SER A OG  1 
ATOM   13   N  N   . PRO A 1 12  ? 5.509   12.546  -4.956  1.00 58.54 ? 58  PRO A N   1 
ATOM   14   C  CA  . PRO A 1 12  ? 5.143   12.243  -3.569  1.00 54.24 ? 58  PRO A CA  1 
ATOM   15   C  C   . PRO A 1 12  ? 3.668   11.874  -3.370  1.00 51.04 ? 58  PRO A C   1 
ATOM   16   O  O   . PRO A 1 12  ? 3.297   11.530  -2.252  1.00 45.85 ? 58  PRO A O   1 
ATOM   17   C  CB  . PRO A 1 12  ? 5.449   13.554  -2.844  1.00 53.81 ? 58  PRO A CB  1 
ATOM   18   C  CG  . PRO A 1 12  ? 5.270   14.610  -3.887  1.00 59.81 ? 58  PRO A CG  1 
ATOM   19   C  CD  . PRO A 1 12  ? 5.706   13.993  -5.181  1.00 57.59 ? 58  PRO A CD  1 
ATOM   20   N  N   . GLY A 1 13  ? 2.853   11.945  -4.420  1.00 47.47 ? 59  GLY A N   1 
ATOM   21   C  CA  . GLY A 1 13  ? 1.434   11.656  -4.284  1.00 46.01 ? 59  GLY A CA  1 
ATOM   22   C  C   . GLY A 1 13  ? 1.008   10.287  -4.795  1.00 36.47 ? 59  GLY A C   1 
ATOM   23   O  O   . GLY A 1 13  ? -0.179  9.954   -4.765  1.00 35.35 ? 59  GLY A O   1 
ATOM   24   N  N   . ILE A 1 14  ? 1.971   9.488   -5.246  1.00 33.36 ? 60  ILE A N   1 
ATOM   25   C  CA  . ILE A 1 14  ? 1.673   8.223   -5.917  1.00 33.76 ? 60  ILE A CA  1 
ATOM   26   C  C   . ILE A 1 14  ? 1.743   6.989   -5.021  1.00 35.48 ? 60  ILE A C   1 
ATOM   27   O  O   . ILE A 1 14  ? 2.760   6.716   -4.390  1.00 31.10 ? 60  ILE A O   1 
ATOM   28   C  CB  . ILE A 1 14  ? 2.637   7.974   -7.106  1.00 35.04 ? 60  ILE A CB  1 
ATOM   29   C  CG1 . ILE A 1 14  ? 2.446   9.031   -8.193  1.00 41.81 ? 60  ILE A CG1 1 
ATOM   30   C  CG2 . ILE A 1 14  ? 2.406   6.596   -7.680  1.00 35.71 ? 60  ILE A CG2 1 
ATOM   31   C  CD1 . ILE A 1 14  ? 3.499   8.955   -9.294  1.00 47.07 ? 60  ILE A CD1 1 
ATOM   32   N  N   . TRP A 1 15  ? 0.662   6.222   -5.006  1.00 30.81 ? 61  TRP A N   1 
ATOM   33   C  CA  . TRP A 1 15  ? 0.613   5.007   -4.223  1.00 30.48 ? 61  TRP A CA  1 
ATOM   34   C  C   . TRP A 1 15  ? 0.217   3.861   -5.149  1.00 33.98 ? 61  TRP A C   1 
ATOM   35   O  O   . TRP A 1 15  ? -0.570  4.052   -6.076  1.00 34.10 ? 61  TRP A O   1 
ATOM   36   C  CB  . TRP A 1 15  ? -0.427  5.140   -3.099  1.00 30.97 ? 61  TRP A CB  1 
ATOM   37   C  CG  . TRP A 1 15  ? -0.069  6.135   -2.006  1.00 30.34 ? 61  TRP A CG  1 
ATOM   38   C  CD1 . TRP A 1 15  ? -0.071  7.508   -2.092  1.00 30.95 ? 61  TRP A CD1 1 
ATOM   39   C  CD2 . TRP A 1 15  ? 0.327   5.816   -0.665  1.00 27.99 ? 61  TRP A CD2 1 
ATOM   40   N  NE1 . TRP A 1 15  ? 0.316   8.057   -0.880  1.00 29.93 ? 61  TRP A NE1 1 
ATOM   41   C  CE2 . TRP A 1 15  ? 0.568   7.038   0.006   1.00 29.30 ? 61  TRP A CE2 1 
ATOM   42   C  CE3 . TRP A 1 15  ? 0.515   4.612   0.031   1.00 29.41 ? 61  TRP A CE3 1 
ATOM   43   C  CZ2 . TRP A 1 15  ? 0.959   7.088   1.343   1.00 27.77 ? 61  TRP A CZ2 1 
ATOM   44   C  CZ3 . TRP A 1 15  ? 0.914   4.668   1.365   1.00 29.80 ? 61  TRP A CZ3 1 
ATOM   45   C  CH2 . TRP A 1 15  ? 1.119   5.898   2.006   1.00 25.46 ? 61  TRP A CH2 1 
ATOM   46   N  N   . GLN A 1 16  ? 0.749   2.674   -4.895  1.00 33.16 ? 62  GLN A N   1 
ATOM   47   C  CA  . GLN A 1 16  ? 0.310   1.503   -5.644  1.00 32.78 ? 62  GLN A CA  1 
ATOM   48   C  C   . GLN A 1 16  ? -0.423  0.549   -4.727  1.00 33.62 ? 62  GLN A C   1 
ATOM   49   O  O   . GLN A 1 16  ? 0.087   0.195   -3.665  1.00 31.56 ? 62  GLN A O   1 
ATOM   50   C  CB  . GLN A 1 16  ? 1.476   0.786   -6.327  1.00 34.80 ? 62  GLN A CB  1 
ATOM   51   C  CG  . GLN A 1 16  ? 1.037   -0.525  -6.946  1.00 37.13 ? 62  GLN A CG  1 
ATOM   52   C  CD  . GLN A 1 16  ? 1.844   -0.943  -8.157  1.00 38.90 ? 62  GLN A CD  1 
ATOM   53   O  OE1 . GLN A 1 16  ? 2.597   -0.156  -8.733  1.00 40.89 ? 62  GLN A OE1 1 
ATOM   54   N  NE2 . GLN A 1 16  ? 1.688   -2.201  -8.550  1.00 39.63 ? 62  GLN A NE2 1 
ATOM   55   N  N   . LEU A 1 17  ? -1.622  0.137   -5.130  1.00 31.45 ? 63  LEU A N   1 
ATOM   56   C  CA  . LEU A 1 17  ? -2.440  -0.758  -4.312  1.00 31.19 ? 63  LEU A CA  1 
ATOM   57   C  C   . LEU A 1 17  ? -2.611  -2.118  -4.986  1.00 34.33 ? 63  LEU A C   1 
ATOM   58   O  O   . LEU A 1 17  ? -2.957  -2.186  -6.164  1.00 35.75 ? 63  LEU A O   1 
ATOM   59   C  CB  . LEU A 1 17  ? -3.822  -0.153  -4.089  1.00 31.84 ? 63  LEU A CB  1 
ATOM   60   C  CG  . LEU A 1 17  ? -4.054  0.879   -2.984  1.00 33.27 ? 63  LEU A CG  1 
ATOM   61   C  CD1 . LEU A 1 17  ? -3.146  2.094   -3.120  1.00 35.34 ? 63  LEU A CD1 1 
ATOM   62   C  CD2 . LEU A 1 17  ? -5.525  1.289   -3.006  1.00 29.91 ? 63  LEU A CD2 1 
ATOM   63   N  N   . ASP A 1 18  ? -2.380  -3.196  -4.244  1.00 30.90 ? 64  ASP A N   1 
ATOM   64   C  CA  . ASP A 1 18  ? -2.533  -4.546  -4.791  1.00 35.36 ? 64  ASP A CA  1 
ATOM   65   C  C   . ASP A 1 18  ? -3.006  -5.474  -3.696  1.00 40.23 ? 64  ASP A C   1 
ATOM   66   O  O   . ASP A 1 18  ? -2.754  -5.215  -2.516  1.00 36.62 ? 64  ASP A O   1 
ATOM   67   C  CB  . ASP A 1 18  ? -1.207  -5.052  -5.352  1.00 34.96 ? 64  ASP A CB  1 
ATOM   68   C  CG  . ASP A 1 18  ? -0.727  -4.223  -6.515  1.00 39.11 ? 64  ASP A CG  1 
ATOM   69   O  OD1 . ASP A 1 18  ? -1.305  -4.341  -7.621  1.00 38.30 ? 64  ASP A OD1 1 
ATOM   70   O  OD2 . ASP A 1 18  ? 0.221   -3.443  -6.326  1.00 40.30 ? 64  ASP A OD2 1 
HETATM 71   N  N   . CAF A 1 19  ? -3.687  -6.551  -4.071  1.00 31.72 ? 65  CAF A N   1 
HETATM 72   C  CA  . CAF A 1 19  ? -4.167  -7.496  -3.073  1.00 33.88 ? 65  CAF A CA  1 
HETATM 73   C  CB  . CAF A 1 19  ? -5.650  -7.862  -3.121  1.00 36.76 ? 65  CAF A CB  1 
HETATM 74   C  C   . CAF A 1 19  ? -3.378  -8.765  -3.231  1.00 40.03 ? 65  CAF A C   1 
HETATM 75   O  O   . CAF A 1 19  ? -3.014  -9.166  -4.339  1.00 40.45 ? 65  CAF A O   1 
HETATM 76   S  SG  . CAF A 1 19  ? -6.656  -6.527  -2.574  1.00 36.82 ? 65  CAF A SG  1 
HETATM 77   AS AS  . CAF A 1 19  ? -7.104  -5.579  -4.562  0.51 29.92 ? 65  CAF A AS  1 
HETATM 78   C  CE1 . CAF A 1 19  ? -8.999  -5.416  -4.066  1.00 40.38 ? 65  CAF A CE1 1 
HETATM 79   O  O1  . CAF A 1 19  ? -6.779  -3.683  -4.164  0.67 41.48 ? 65  CAF A O1  1 
ATOM   80   N  N   . THR A 1 20  ? -3.095  -9.408  -2.107  1.00 39.33 ? 66  THR A N   1 
ATOM   81   C  CA  . THR A 1 20  ? -2.483  -10.725 -2.131  1.00 43.12 ? 66  THR A CA  1 
ATOM   82   C  C   . THR A 1 20  ? -3.294  -11.654 -1.226  1.00 43.05 ? 66  THR A C   1 
ATOM   83   O  O   . THR A 1 20  ? -4.077  -11.205 -0.384  1.00 40.93 ? 66  THR A O   1 
ATOM   84   C  CB  . THR A 1 20  ? -1.001  -10.654 -1.720  1.00 45.26 ? 66  THR A CB  1 
ATOM   85   O  OG1 . THR A 1 20  ? -0.426  -11.967 -1.751  1.00 57.15 ? 66  THR A OG1 1 
ATOM   86   C  CG2 . THR A 1 20  ? -0.861  -10.076 -0.329  1.00 47.01 ? 66  THR A CG2 1 
ATOM   87   N  N   . HIS A 1 21  ? -3.148  -12.954 -1.422  1.00 43.94 ? 67  HIS A N   1 
ATOM   88   C  CA  . HIS A 1 21  ? -3.936  -13.903 -0.650  1.00 46.58 ? 67  HIS A CA  1 
ATOM   89   C  C   . HIS A 1 21  ? -3.006  -14.760 0.172   1.00 42.02 ? 67  HIS A C   1 
ATOM   90   O  O   . HIS A 1 21  ? -1.957  -15.157 -0.299  1.00 48.08 ? 67  HIS A O   1 
ATOM   91   C  CB  . HIS A 1 21  ? -4.769  -14.787 -1.571  1.00 52.53 ? 67  HIS A CB  1 
ATOM   92   C  CG  . HIS A 1 21  ? -5.748  -14.029 -2.408  1.00 51.71 ? 67  HIS A CG  1 
ATOM   93   N  ND1 . HIS A 1 21  ? -7.113  -14.156 -2.251  1.00 52.57 ? 67  HIS A ND1 1 
ATOM   94   C  CD2 . HIS A 1 21  ? -5.564  -13.136 -3.407  1.00 54.40 ? 67  HIS A CD2 1 
ATOM   95   C  CE1 . HIS A 1 21  ? -7.725  -13.372 -3.119  1.00 57.99 ? 67  HIS A CE1 1 
ATOM   96   N  NE2 . HIS A 1 21  ? -6.809  -12.741 -3.833  1.00 54.39 ? 67  HIS A NE2 1 
ATOM   97   N  N   . LEU A 1 22  ? -3.388  -15.016 1.413   1.00 43.30 ? 68  LEU A N   1 
ATOM   98   C  CA  . LEU A 1 22  ? -2.652  -15.927 2.277   1.00 44.05 ? 68  LEU A CA  1 
ATOM   99   C  C   . LEU A 1 22  ? -3.670  -16.505 3.210   1.00 43.27 ? 68  LEU A C   1 
ATOM   100  O  O   . LEU A 1 22  ? -4.546  -15.783 3.670   1.00 41.06 ? 68  LEU A O   1 
ATOM   101  C  CB  . LEU A 1 22  ? -1.615  -15.179 3.114   1.00 44.18 ? 68  LEU A CB  1 
ATOM   102  C  CG  . LEU A 1 22  ? -0.302  -14.697 2.512   1.00 45.91 ? 68  LEU A CG  1 
ATOM   103  C  CD1 . LEU A 1 22  ? 0.472   -13.960 3.591   1.00 46.37 ? 68  LEU A CD1 1 
ATOM   104  C  CD2 . LEU A 1 22  ? 0.521   -15.860 1.975   1.00 46.05 ? 68  LEU A CD2 1 
ATOM   105  N  N   . GLU A 1 23  ? -3.560  -17.802 3.491   1.00 45.35 ? 69  GLU A N   1 
ATOM   106  C  CA  . GLU A 1 23  ? -4.421  -18.461 4.468   1.00 43.88 ? 69  GLU A CA  1 
ATOM   107  C  C   . GLU A 1 23  ? -5.895  -18.245 4.153   1.00 43.99 ? 69  GLU A C   1 
ATOM   108  O  O   . GLU A 1 23  ? -6.722  -18.165 5.059   1.00 44.37 ? 69  GLU A O   1 
ATOM   109  C  CB  . GLU A 1 23  ? -4.102  -17.978 5.897   1.00 42.89 ? 69  GLU A CB  1 
ATOM   110  C  CG  . GLU A 1 23  ? -2.650  -18.174 6.291   1.00 43.19 ? 69  GLU A CG  1 
ATOM   111  C  CD  . GLU A 1 23  ? -2.310  -17.691 7.702   1.00 39.09 ? 69  GLU A CD  1 
ATOM   112  O  OE1 . GLU A 1 23  ? -3.219  -17.527 8.547   1.00 42.16 ? 69  GLU A OE1 1 
ATOM   113  O  OE2 . GLU A 1 23  ? -1.110  -17.490 7.960   1.00 42.40 ? 69  GLU A OE2 1 
ATOM   114  N  N   . GLY A 1 24  ? -6.222  -18.159 2.866   1.00 47.10 ? 70  GLY A N   1 
ATOM   115  C  CA  . GLY A 1 24  ? -7.606  -18.015 2.442   1.00 47.02 ? 70  GLY A CA  1 
ATOM   116  C  C   . GLY A 1 24  ? -8.204  -16.668 2.807   1.00 51.21 ? 70  GLY A C   1 
ATOM   117  O  O   . GLY A 1 24  ? -9.432  -16.509 2.857   1.00 50.10 ? 70  GLY A O   1 
ATOM   118  N  N   . LYS A 1 25  ? -7.330  -15.698 3.070   1.00 41.98 ? 71  LYS A N   1 
ATOM   119  C  CA  . LYS A 1 25  ? -7.758  -14.355 3.432   1.00 44.62 ? 71  LYS A CA  1 
ATOM   120  C  C   . LYS A 1 25  ? -7.124  -13.390 2.460   1.00 40.18 ? 71  LYS A C   1 
ATOM   121  O  O   . LYS A 1 25  ? -6.274  -13.786 1.675   1.00 37.68 ? 71  LYS A O   1 
ATOM   122  C  CB  . LYS A 1 25  ? -7.343  -14.032 4.868   1.00 46.45 ? 71  LYS A CB  1 
ATOM   123  C  CG  . LYS A 1 25  ? -8.056  -14.898 5.896   1.00 50.16 ? 71  LYS A CG  1 
ATOM   124  C  CD  . LYS A 1 25  ? -7.574  -14.636 7.304   1.00 44.80 ? 71  LYS A CD  1 
ATOM   125  C  CE  . LYS A 1 25  ? -8.521  -15.276 8.300   1.00 48.37 ? 71  LYS A CE  1 
ATOM   126  N  NZ  . LYS A 1 25  ? -9.921  -14.831 8.070   1.00 51.06 ? 71  LYS A NZ  1 
ATOM   127  N  N   . VAL A 1 26  ? -7.521  -12.125 2.514   1.00 34.23 ? 72  VAL A N   1 
ATOM   128  C  CA  . VAL A 1 26  ? -7.038  -11.167 1.530   1.00 33.54 ? 72  VAL A CA  1 
ATOM   129  C  C   . VAL A 1 26  ? -6.316  -10.003 2.177   1.00 32.42 ? 72  VAL A C   1 
ATOM   130  O  O   . VAL A 1 26  ? -6.844  -9.370  3.072   1.00 33.66 ? 72  VAL A O   1 
ATOM   131  C  CB  . VAL A 1 26  ? -8.188  -10.591 0.703   1.00 36.10 ? 72  VAL A CB  1 
ATOM   132  C  CG1 . VAL A 1 26  ? -7.645  -9.614  -0.324  1.00 41.81 ? 72  VAL A CG1 1 
ATOM   133  C  CG2 . VAL A 1 26  ? -8.958  -11.714 0.029   1.00 41.63 ? 72  VAL A CG2 1 
ATOM   134  N  N   . ILE A 1 27  ? -5.120  -9.714  1.693   1.00 33.22 ? 73  ILE A N   1 
ATOM   135  C  CA  . ILE A 1 27  ? -4.339  -8.613  2.234   1.00 36.33 ? 73  ILE A CA  1 
ATOM   136  C  C   . ILE A 1 27  ? -4.253  -7.491  1.212   1.00 28.53 ? 73  ILE A C   1 
ATOM   137  O  O   . ILE A 1 27  ? -3.718  -7.675  0.139   1.00 34.65 ? 73  ILE A O   1 
ATOM   138  C  CB  . ILE A 1 27  ? -2.914  -9.064  2.579   1.00 36.12 ? 73  ILE A CB  1 
ATOM   139  C  CG1 . ILE A 1 27  ? -2.955  -10.315 3.474   1.00 35.53 ? 73  ILE A CG1 1 
ATOM   140  C  CG2 . ILE A 1 27  ? -2.123  -7.905  3.226   1.00 35.89 ? 73  ILE A CG2 1 
ATOM   141  C  CD1 . ILE A 1 27  ? -1.579  -10.851 3.842   1.00 42.47 ? 73  ILE A CD1 1 
ATOM   142  N  N   . LEU A 1 28  ? -4.771  -6.323  1.563   1.00 31.50 ? 74  LEU A N   1 
ATOM   143  C  CA  . LEU A 1 28  ? -4.650  -5.171  0.682   1.00 30.87 ? 74  LEU A CA  1 
ATOM   144  C  C   . LEU A 1 28  ? -3.393  -4.409  1.071   1.00 31.46 ? 74  LEU A C   1 
ATOM   145  O  O   . LEU A 1 28  ? -3.256  -3.999  2.222   1.00 31.09 ? 74  LEU A O   1 
ATOM   146  C  CB  . LEU A 1 28  ? -5.868  -4.263  0.813   1.00 30.24 ? 74  LEU A CB  1 
ATOM   147  C  CG  . LEU A 1 28  ? -6.198  -3.453  -0.440  1.00 38.74 ? 74  LEU A CG  1 
ATOM   148  C  CD1 . LEU A 1 28  ? -7.508  -2.681  -0.238  1.00 39.33 ? 74  LEU A CD1 1 
ATOM   149  C  CD2 . LEU A 1 28  ? -5.037  -2.521  -0.788  1.00 35.87 ? 74  LEU A CD2 1 
ATOM   150  N  N   . VAL A 1 29  ? -2.494  -4.219  0.110   1.00 30.01 ? 75  VAL A N   1 
ATOM   151  C  CA  . VAL A 1 29  ? -1.212  -3.553  0.359   1.00 33.12 ? 75  VAL A CA  1 
ATOM   152  C  C   . VAL A 1 29  ? -1.073  -2.289  -0.486  1.00 32.87 ? 75  VAL A C   1 
ATOM   153  O  O   . VAL A 1 29  ? -1.198  -2.324  -1.719  1.00 33.00 ? 75  VAL A O   1 
ATOM   154  C  CB  . VAL A 1 29  ? -0.023  -4.505  0.076   1.00 30.96 ? 75  VAL A CB  1 
ATOM   155  C  CG1 . VAL A 1 29  ? 1.314   -3.813  0.360   1.00 34.72 ? 75  VAL A CG1 1 
ATOM   156  C  CG2 . VAL A 1 29  ? -0.160  -5.772  0.911   1.00 31.23 ? 75  VAL A CG2 1 
ATOM   157  N  N   . ALA A 1 30  ? -0.846  -1.161  0.188   1.00 29.79 ? 76  ALA A N   1 
ATOM   158  C  CA  . ALA A 1 30  ? -0.589  0.081   -0.496  1.00 26.66 ? 76  ALA A CA  1 
ATOM   159  C  C   . ALA A 1 30  ? 0.849   0.495   -0.216  1.00 32.08 ? 76  ALA A C   1 
ATOM   160  O  O   . ALA A 1 30  ? 1.250   0.621   0.941   1.00 29.33 ? 76  ALA A O   1 
ATOM   161  C  CB  . ALA A 1 30  ? -1.547  1.164   -0.021  1.00 27.29 ? 76  ALA A CB  1 
ATOM   162  N  N   . VAL A 1 31  ? 1.604   0.722   -1.285  1.00 31.67 ? 77  VAL A N   1 
ATOM   163  C  CA  . VAL A 1 31  ? 2.982   1.166   -1.185  1.00 30.79 ? 77  VAL A CA  1 
ATOM   164  C  C   . VAL A 1 31  ? 3.066   2.588   -1.695  1.00 33.50 ? 77  VAL A C   1 
ATOM   165  O  O   . VAL A 1 31  ? 2.615   2.887   -2.804  1.00 31.14 ? 77  VAL A O   1 
ATOM   166  C  CB  . VAL A 1 31  ? 3.916   0.285   -2.036  1.00 30.75 ? 77  VAL A CB  1 
ATOM   167  C  CG1 . VAL A 1 31  ? 5.377   0.705   -1.857  1.00 30.74 ? 77  VAL A CG1 1 
ATOM   168  C  CG2 . VAL A 1 31  ? 3.728   -1.178  -1.680  1.00 30.11 ? 77  VAL A CG2 1 
ATOM   169  N  N   . HIS A 1 32  ? 3.620   3.471   -0.867  1.00 31.29 ? 78  HIS A N   1 
ATOM   170  C  CA  . HIS A 1 32  ? 3.986   4.796   -1.318  1.00 30.86 ? 78  HIS A CA  1 
ATOM   171  C  C   . HIS A 1 32  ? 5.259   4.629   -2.159  1.00 36.24 ? 78  HIS A C   1 
ATOM   172  O  O   . HIS A 1 32  ? 6.349   4.406   -1.623  1.00 36.53 ? 78  HIS A O   1 
ATOM   173  C  CB  . HIS A 1 32  ? 4.229   5.719   -0.125  1.00 32.89 ? 78  HIS A CB  1 
ATOM   174  C  CG  . HIS A 1 32  ? 4.586   7.121   -0.515  1.00 34.09 ? 78  HIS A CG  1 
ATOM   175  N  ND1 . HIS A 1 32  ? 5.876   7.604   -0.451  1.00 33.48 ? 78  HIS A ND1 1 
ATOM   176  C  CD2 . HIS A 1 32  ? 3.827   8.138   -0.986  1.00 32.28 ? 78  HIS A CD2 1 
ATOM   177  C  CE1 . HIS A 1 32  ? 5.895   8.859   -0.861  1.00 32.86 ? 78  HIS A CE1 1 
ATOM   178  N  NE2 . HIS A 1 32  ? 4.665   9.206   -1.190  1.00 35.72 ? 78  HIS A NE2 1 
ATOM   179  N  N   . VAL A 1 33  ? 5.109   4.708   -3.478  1.00 34.02 ? 79  VAL A N   1 
ATOM   180  C  CA  . VAL A 1 33  ? 6.187   4.332   -4.397  1.00 35.34 ? 79  VAL A CA  1 
ATOM   181  C  C   . VAL A 1 33  ? 7.527   5.038   -4.130  1.00 38.70 ? 79  VAL A C   1 
ATOM   182  O  O   . VAL A 1 33  ? 8.579   4.422   -4.209  1.00 38.15 ? 79  VAL A O   1 
ATOM   183  C  CB  . VAL A 1 33  ? 5.760   4.575   -5.872  1.00 37.63 ? 79  VAL A CB  1 
ATOM   184  C  CG1 . VAL A 1 33  ? 6.831   4.062   -6.831  1.00 41.20 ? 79  VAL A CG1 1 
ATOM   185  C  CG2 . VAL A 1 33  ? 4.428   3.901   -6.142  1.00 33.65 ? 79  VAL A CG2 1 
ATOM   186  N  N   . ALA A 1 34  ? 7.501   6.326   -3.822  1.00 40.03 ? 80  ALA A N   1 
ATOM   187  C  CA  . ALA A 1 34  ? 8.764   7.061   -3.696  1.00 44.10 ? 80  ALA A CA  1 
ATOM   188  C  C   . ALA A 1 34  ? 9.565   6.692   -2.449  1.00 43.47 ? 80  ALA A C   1 
ATOM   189  O  O   . ALA A 1 34  ? 10.766  6.906   -2.412  1.00 42.06 ? 80  ALA A O   1 
ATOM   190  C  CB  . ALA A 1 34  ? 8.531   8.556   -3.756  1.00 42.89 ? 80  ALA A CB  1 
ATOM   191  N  N   . SER A 1 35  ? 8.907   6.125   -1.439  1.00 43.04 ? 81  SER A N   1 
ATOM   192  C  CA  . SER A 1 35  ? 9.563   5.872   -0.151  1.00 38.81 ? 81  SER A CA  1 
ATOM   193  C  C   . SER A 1 35  ? 9.615   4.401   0.261   1.00 39.20 ? 81  SER A C   1 
ATOM   194  O  O   . SER A 1 35  ? 10.401  4.034   1.119   1.00 40.96 ? 81  SER A O   1 
ATOM   195  C  CB  . SER A 1 35  ? 8.856   6.662   0.954   1.00 38.53 ? 81  SER A CB  1 
ATOM   196  O  OG  . SER A 1 35  ? 7.550   6.147   1.167   1.00 36.31 ? 81  SER A OG  1 
ATOM   197  N  N   . GLY A 1 36  ? 8.769   3.565   -0.330  1.00 35.25 ? 82  GLY A N   1 
ATOM   198  C  CA  . GLY A 1 36  ? 8.664   2.175   0.090   1.00 32.50 ? 82  GLY A CA  1 
ATOM   199  C  C   . GLY A 1 36  ? 7.766   1.930   1.304   1.00 33.55 ? 82  GLY A C   1 
ATOM   200  O  O   . GLY A 1 36  ? 7.604   0.792   1.756   1.00 33.52 ? 82  GLY A O   1 
ATOM   201  N  N   . TYR A 1 37  ? 7.190   3.006   1.832   1.00 31.35 ? 83  TYR A N   1 
ATOM   202  C  CA  . TYR A 1 37  ? 6.362   2.954   3.031   1.00 32.06 ? 83  TYR A CA  1 
ATOM   203  C  C   . TYR A 1 37  ? 5.075   2.202   2.717   1.00 30.32 ? 83  TYR A C   1 
ATOM   204  O  O   . TYR A 1 37  ? 4.509   2.378   1.645   1.00 29.95 ? 83  TYR A O   1 
ATOM   205  C  CB  . TYR A 1 37  ? 6.030   4.382   3.442   1.00 28.52 ? 83  TYR A CB  1 
ATOM   206  C  CG  . TYR A 1 37  ? 5.083   4.555   4.618   1.00 29.97 ? 83  TYR A CG  1 
ATOM   207  C  CD1 . TYR A 1 37  ? 5.559   4.588   5.921   1.00 30.25 ? 83  TYR A CD1 1 
ATOM   208  C  CD2 . TYR A 1 37  ? 3.727   4.749   4.411   1.00 30.79 ? 83  TYR A CD2 1 
ATOM   209  C  CE1 . TYR A 1 37  ? 4.698   4.790   6.988   1.00 32.81 ? 83  TYR A CE1 1 
ATOM   210  C  CE2 . TYR A 1 37  ? 2.860   4.944   5.462   1.00 33.14 ? 83  TYR A CE2 1 
ATOM   211  C  CZ  . TYR A 1 37  ? 3.353   4.971   6.751   1.00 33.27 ? 83  TYR A CZ  1 
ATOM   212  O  OH  . TYR A 1 37  ? 2.489   5.176   7.801   1.00 37.05 ? 83  TYR A OH  1 
ATOM   213  N  N   . ILE A 1 38  ? 4.607   1.385   3.653   1.00 28.64 ? 84  ILE A N   1 
ATOM   214  C  CA  . ILE A 1 38  ? 3.448   0.533   3.389   1.00 29.43 ? 84  ILE A CA  1 
ATOM   215  C  C   . ILE A 1 38  ? 2.309   0.819   4.373   1.00 33.02 ? 84  ILE A C   1 
ATOM   216  O  O   . ILE A 1 38  ? 2.550   1.059   5.556   1.00 28.03 ? 84  ILE A O   1 
ATOM   217  C  CB  . ILE A 1 38  ? 3.851   -0.953  3.497   1.00 31.28 ? 84  ILE A CB  1 
ATOM   218  C  CG1 . ILE A 1 38  ? 4.771   -1.352  2.335   1.00 32.97 ? 84  ILE A CG1 1 
ATOM   219  C  CG2 . ILE A 1 38  ? 2.618   -1.897  3.654   1.00 29.66 ? 84  ILE A CG2 1 
ATOM   220  C  CD1 . ILE A 1 38  ? 5.259   -2.784  2.422   1.00 36.74 ? 84  ILE A CD1 1 
ATOM   221  N  N   . GLU A 1 39  ? 1.078   0.837   3.860   1.00 28.34 ? 85  GLU A N   1 
ATOM   222  C  CA  . GLU A 1 39  ? -0.114  0.684   4.691   1.00 29.68 ? 85  GLU A CA  1 
ATOM   223  C  C   . GLU A 1 39  ? -0.795  -0.592  4.197   1.00 31.56 ? 85  GLU A C   1 
ATOM   224  O  O   . GLU A 1 39  ? -0.975  -0.760  2.995   1.00 29.19 ? 85  GLU A O   1 
ATOM   225  C  CB  . GLU A 1 39  ? -1.049  1.873   4.521   1.00 32.63 ? 85  GLU A CB  1 
ATOM   226  C  CG  . GLU A 1 39  ? -0.469  3.202   5.007   1.00 34.62 ? 85  GLU A CG  1 
ATOM   227  C  CD  . GLU A 1 39  ? -1.298  3.797   6.128   1.00 39.02 ? 85  GLU A CD  1 
ATOM   228  O  OE1 . GLU A 1 39  ? -1.084  4.979   6.482   1.00 36.77 ? 85  GLU A OE1 1 
ATOM   229  O  OE2 . GLU A 1 39  ? -2.157  3.063   6.669   1.00 42.01 ? 85  GLU A OE2 1 
ATOM   230  N  N   . ALA A 1 40  ? -1.127  -1.503  5.104   1.00 28.55 ? 86  ALA A N   1 
ATOM   231  C  CA  . ALA A 1 40  ? -1.751  -2.767  4.696   1.00 31.40 ? 86  ALA A CA  1 
ATOM   232  C  C   . ALA A 1 40  ? -2.848  -3.157  5.672   1.00 37.29 ? 86  ALA A C   1 
ATOM   233  O  O   . ALA A 1 40  ? -2.786  -2.819  6.848   1.00 37.15 ? 86  ALA A O   1 
ATOM   234  C  CB  . ALA A 1 40  ? -0.707  -3.871  4.579   1.00 33.43 ? 86  ALA A CB  1 
ATOM   235  N  N   . GLU A 1 41  ? -3.871  -3.849  5.179   1.00 37.04 ? 87  GLU A N   1 
ATOM   236  C  CA  . GLU A 1 41  ? -4.963  -4.308  6.036   1.00 36.98 ? 87  GLU A CA  1 
ATOM   237  C  C   . GLU A 1 41  ? -5.415  -5.653  5.505   1.00 35.64 ? 87  GLU A C   1 
ATOM   238  O  O   . GLU A 1 41  ? -5.321  -5.902  4.315   1.00 31.12 ? 87  GLU A O   1 
ATOM   239  C  CB  . GLU A 1 41  ? -6.161  -3.342  6.001   1.00 34.76 ? 87  GLU A CB  1 
ATOM   240  C  CG  . GLU A 1 41  ? -5.905  -1.907  6.517   1.00 47.17 ? 87  GLU A CG  1 
ATOM   241  C  CD  . GLU A 1 41  ? -6.453  -1.647  7.924   1.00 48.75 ? 87  GLU A CD  1 
ATOM   242  O  OE1 . GLU A 1 41  ? -6.719  -2.616  8.686   1.00 50.27 ? 87  GLU A OE1 1 
ATOM   243  O  OE2 . GLU A 1 41  ? -6.623  -0.456  8.263   1.00 50.57 ? 87  GLU A OE2 1 
ATOM   244  N  N   . VAL A 1 42  ? -5.908  -6.512  6.394   1.00 38.27 ? 88  VAL A N   1 
ATOM   245  C  CA  . VAL A 1 42  ? -6.554  -7.747  5.984   1.00 37.44 ? 88  VAL A CA  1 
ATOM   246  C  C   . VAL A 1 42  ? -8.030  -7.440  5.802   1.00 41.77 ? 88  VAL A C   1 
ATOM   247  O  O   . VAL A 1 42  ? -8.652  -6.846  6.688   1.00 40.67 ? 88  VAL A O   1 
ATOM   248  C  CB  . VAL A 1 42  ? -6.409  -8.845  7.055   1.00 37.31 ? 88  VAL A CB  1 
ATOM   249  C  CG1 . VAL A 1 42  ? -7.254  -10.059 6.681   1.00 38.91 ? 88  VAL A CG1 1 
ATOM   250  C  CG2 . VAL A 1 42  ? -4.961  -9.222  7.197   1.00 35.76 ? 88  VAL A CG2 1 
ATOM   251  N  N   . ILE A 1 43  ? -8.578  -7.823  4.649   1.00 39.42 ? 89  ILE A N   1 
ATOM   252  C  CA  . ILE A 1 43  ? -9.992  -7.602  4.340   1.00 46.56 ? 89  ILE A CA  1 
ATOM   253  C  C   . ILE A 1 43  ? -10.697 -8.944  4.090   1.00 46.36 ? 89  ILE A C   1 
ATOM   254  O  O   . ILE A 1 43  ? -10.065 -9.910  3.671   1.00 47.77 ? 89  ILE A O   1 
ATOM   255  C  CB  . ILE A 1 43  ? -10.153 -6.677  3.121   1.00 46.21 ? 89  ILE A CB  1 
ATOM   256  C  CG1 . ILE A 1 43  ? -9.549  -7.318  1.869   1.00 41.18 ? 89  ILE A CG1 1 
ATOM   257  C  CG2 . ILE A 1 43  ? -9.464  -5.340  3.378   1.00 44.27 ? 89  ILE A CG2 1 
ATOM   258  C  CD1 . ILE A 1 43  ? -9.598  -6.422  0.620   1.00 37.39 ? 89  ILE A CD1 1 
ATOM   259  N  N   . PRO A 1 44  ? -12.007 -9.019  4.372   1.00 51.59 ? 90  PRO A N   1 
ATOM   260  C  CA  . PRO A 1 44  ? -12.696 -10.314 4.275   1.00 53.68 ? 90  PRO A CA  1 
ATOM   261  C  C   . PRO A 1 44  ? -12.709 -10.873 2.854   1.00 54.26 ? 90  PRO A C   1 
ATOM   262  O  O   . PRO A 1 44  ? -12.404 -12.054 2.641   1.00 57.67 ? 90  PRO A O   1 
ATOM   263  C  CB  . PRO A 1 44  ? -14.121 -9.989  4.736   1.00 56.17 ? 90  PRO A CB  1 
ATOM   264  C  CG  . PRO A 1 44  ? -14.271 -8.535  4.505   1.00 55.53 ? 90  PRO A CG  1 
ATOM   265  C  CD  . PRO A 1 44  ? -12.923 -7.943  4.779   1.00 53.21 ? 90  PRO A CD  1 
ATOM   266  N  N   . ALA A 1 45  ? -13.044 -10.021 1.891   1.00 53.51 ? 91  ALA A N   1 
ATOM   267  C  CA  . ALA A 1 45  ? -13.039 -10.413 0.492   1.00 51.67 ? 91  ALA A CA  1 
ATOM   268  C  C   . ALA A 1 45  ? -12.567 -9.244  -0.357  1.00 50.20 ? 91  ALA A C   1 
ATOM   269  O  O   . ALA A 1 45  ? -12.645 -8.091  0.069   1.00 51.36 ? 91  ALA A O   1 
ATOM   270  C  CB  . ALA A 1 45  ? -14.431 -10.847 0.067   1.00 53.79 ? 91  ALA A CB  1 
ATOM   271  N  N   . GLU A 1 46  ? -12.062 -9.548  -1.548  1.00 46.53 ? 92  GLU A N   1 
ATOM   272  C  CA  . GLU A 1 46  ? -11.702 -8.522  -2.511  1.00 48.80 ? 92  GLU A CA  1 
ATOM   273  C  C   . GLU A 1 46  ? -12.942 -7.864  -3.089  1.00 51.77 ? 92  GLU A C   1 
ATOM   274  O  O   . GLU A 1 46  ? -13.326 -8.173  -4.217  1.00 58.19 ? 92  GLU A O   1 
ATOM   275  C  CB  . GLU A 1 46  ? -10.931 -9.129  -3.682  1.00 49.86 ? 92  GLU A CB  1 
ATOM   276  C  CG  . GLU A 1 46  ? -9.550  -9.648  -3.366  1.00 51.65 ? 92  GLU A CG  1 
ATOM   277  C  CD  . GLU A 1 46  ? -8.690  -9.713  -4.609  1.00 49.29 ? 92  GLU A CD  1 
ATOM   278  O  OE1 . GLU A 1 46  ? -7.700  -10.462 -4.621  1.00 48.76 ? 92  GLU A OE1 1 
ATOM   279  O  OE2 . GLU A 1 46  ? -9.008  -9.001  -5.583  1.00 57.55 ? 92  GLU A OE2 1 
ATOM   280  N  N   . THR A 1 47  ? -13.574 -6.968  -2.342  1.00 43.00 ? 93  THR A N   1 
ATOM   281  C  CA  . THR A 1 47  ? -14.741 -6.270  -2.877  1.00 46.06 ? 93  THR A CA  1 
ATOM   282  C  C   . THR A 1 47  ? -14.417 -4.803  -3.153  1.00 44.08 ? 93  THR A C   1 
ATOM   283  O  O   . THR A 1 47  ? -13.479 -4.246  -2.575  1.00 38.35 ? 93  THR A O   1 
ATOM   284  C  CB  . THR A 1 47  ? -15.977 -6.376  -1.944  1.00 46.91 ? 93  THR A CB  1 
ATOM   285  O  OG1 . THR A 1 47  ? -15.796 -5.545  -0.790  1.00 46.19 ? 93  THR A OG1 1 
ATOM   286  C  CG2 . THR A 1 47  ? -16.194 -7.820  -1.498  1.00 49.84 ? 93  THR A CG2 1 
ATOM   287  N  N   . GLY A 1 48  ? -15.179 -4.193  -4.057  1.00 44.85 ? 94  GLY A N   1 
ATOM   288  C  CA  . GLY A 1 48  ? -15.049 -2.772  -4.319  1.00 42.87 ? 94  GLY A CA  1 
ATOM   289  C  C   . GLY A 1 48  ? -15.377 -2.003  -3.052  1.00 40.56 ? 94  GLY A C   1 
ATOM   290  O  O   . GLY A 1 48  ? -14.806 -0.944  -2.768  1.00 37.08 ? 94  GLY A O   1 
ATOM   291  N  N   . GLN A 1 49  ? -16.299 -2.549  -2.273  1.00 34.49 ? 95  GLN A N   1 
ATOM   292  C  CA  . GLN A 1 49  ? -16.672 -1.934  -1.008  1.00 38.66 ? 95  GLN A CA  1 
ATOM   293  C  C   . GLN A 1 49  ? -15.447 -1.772  -0.105  1.00 33.31 ? 95  GLN A C   1 
ATOM   294  O  O   . GLN A 1 49  ? -15.207 -0.710  0.482   1.00 30.88 ? 95  GLN A O   1 
ATOM   295  C  CB  . GLN A 1 49  ? -17.705 -2.818  -0.312  1.00 43.83 ? 95  GLN A CB  1 
ATOM   296  C  CG  . GLN A 1 49  ? -18.473 -2.167  0.811   1.00 47.52 ? 95  GLN A CG  1 
ATOM   297  C  CD  . GLN A 1 49  ? -19.976 -2.333  0.628   1.00 54.51 ? 95  GLN A CD  1 
ATOM   298  O  OE1 . GLN A 1 49  ? -20.428 -2.972  -0.325  1.00 61.77 ? 95  GLN A OE1 1 
ATOM   299  N  NE2 . GLN A 1 49  ? -20.754 -1.750  1.531   1.00 49.83 ? 95  GLN A NE2 1 
ATOM   300  N  N   . GLU A 1 50  ? -14.680 -2.845  0.018   1.00 35.59 ? 96  GLU A N   1 
ATOM   301  C  CA  . GLU A 1 50  ? -13.528 -2.847  0.910   1.00 33.57 ? 96  GLU A CA  1 
ATOM   302  C  C   . GLU A 1 50  ? -12.444 -1.945  0.337   1.00 31.76 ? 96  GLU A C   1 
ATOM   303  O  O   . GLU A 1 50  ? -11.764 -1.240  1.074   1.00 32.07 ? 96  GLU A O   1 
ATOM   304  C  CB  . GLU A 1 50  ? -13.013 -4.274  1.113   1.00 37.52 ? 96  GLU A CB  1 
ATOM   305  C  CG  . GLU A 1 50  ? -14.006 -5.187  1.834   1.00 37.68 ? 96  GLU A CG  1 
ATOM   306  C  CD  . GLU A 1 50  ? -14.157 -4.829  3.309   1.00 48.96 ? 96  GLU A CD  1 
ATOM   307  O  OE1 . GLU A 1 50  ? -13.473 -3.894  3.782   1.00 43.59 ? 96  GLU A OE1 1 
ATOM   308  O  OE2 . GLU A 1 50  ? -14.955 -5.489  4.008   1.00 56.52 ? 96  GLU A OE2 1 
ATOM   309  N  N   . THR A 1 51  ? -12.296 -1.956  -0.980  1.00 31.00 ? 97  THR A N   1 
ATOM   310  C  CA  . THR A 1 51  ? -11.274 -1.132  -1.618  1.00 30.97 ? 97  THR A CA  1 
ATOM   311  C  C   . THR A 1 51  ? -11.612 0.356   -1.473  1.00 32.07 ? 97  THR A C   1 
ATOM   312  O  O   . THR A 1 51  ? -10.741 1.170   -1.182  1.00 28.84 ? 97  THR A O   1 
ATOM   313  C  CB  . THR A 1 51  ? -11.087 -1.508  -3.099  1.00 35.94 ? 97  THR A CB  1 
ATOM   314  O  OG1 . THR A 1 51  ? -10.650 -2.871  -3.184  1.00 37.18 ? 97  THR A OG1 1 
ATOM   315  C  CG2 . THR A 1 51  ? -10.052 -0.611  -3.764  1.00 33.67 ? 97  THR A CG2 1 
ATOM   316  N  N   . ALA A 1 52  ? -12.884 0.698   -1.677  1.00 31.37 ? 98  ALA A N   1 
ATOM   317  C  CA  . ALA A 1 52  ? -13.357 2.084   -1.560  1.00 29.27 ? 98  ALA A CA  1 
ATOM   318  C  C   . ALA A 1 52  ? -13.106 2.625   -0.171  1.00 30.48 ? 98  ALA A C   1 
ATOM   319  O  O   . ALA A 1 52  ? -12.610 3.748   0.003   1.00 28.38 ? 98  ALA A O   1 
ATOM   320  C  CB  . ALA A 1 52  ? -14.864 2.162   -1.892  1.00 30.20 ? 98  ALA A CB  1 
ATOM   321  N  N   . TYR A 1 53  ? -13.482 1.834   0.830   1.00 25.67 ? 99  TYR A N   1 
ATOM   322  C  CA  . TYR A 1 53  ? -13.290 2.219   2.217   1.00 27.89 ? 99  TYR A CA  1 
ATOM   323  C  C   . TYR A 1 53  ? -11.806 2.414   2.544   1.00 28.97 ? 99  TYR A C   1 
ATOM   324  O  O   . TYR A 1 53  ? -11.411 3.430   3.121   1.00 26.17 ? 99  TYR A O   1 
ATOM   325  C  CB  . TYR A 1 53  ? -13.914 1.176   3.142   1.00 27.59 ? 99  TYR A CB  1 
ATOM   326  C  CG  . TYR A 1 53  ? -13.879 1.592   4.584   1.00 29.80 ? 99  TYR A CG  1 
ATOM   327  C  CD1 . TYR A 1 53  ? -14.673 2.629   5.030   1.00 29.04 ? 99  TYR A CD1 1 
ATOM   328  C  CD2 . TYR A 1 53  ? -13.041 0.965   5.489   1.00 34.52 ? 99  TYR A CD2 1 
ATOM   329  C  CE1 . TYR A 1 53  ? -14.651 3.032   6.312   1.00 31.72 ? 99  TYR A CE1 1 
ATOM   330  C  CE2 . TYR A 1 53  ? -13.016 1.366   6.813   1.00 35.53 ? 99  TYR A CE2 1 
ATOM   331  C  CZ  . TYR A 1 53  ? -13.828 2.410   7.204   1.00 31.12 ? 99  TYR A CZ  1 
ATOM   332  O  OH  . TYR A 1 53  ? -13.844 2.838   8.489   1.00 32.77 ? 99  TYR A OH  1 
ATOM   333  N  N   . PHE A 1 54  ? -10.984 1.444   2.156   1.00 26.40 ? 100 PHE A N   1 
ATOM   334  C  CA  . PHE A 1 54  ? -9.549  1.553   2.360   1.00 27.29 ? 100 PHE A CA  1 
ATOM   335  C  C   . PHE A 1 54  ? -8.991  2.847   1.768   1.00 25.79 ? 100 PHE A C   1 
ATOM   336  O  O   . PHE A 1 54  ? -8.202  3.570   2.404   1.00 27.42 ? 100 PHE A O   1 
ATOM   337  C  CB  . PHE A 1 54  ? -8.855  0.330   1.750   1.00 27.91 ? 100 PHE A CB  1 
ATOM   338  C  CG  . PHE A 1 54  ? -7.362  0.337   1.908   1.00 32.49 ? 100 PHE A CG  1 
ATOM   339  C  CD1 . PHE A 1 54  ? -6.558  1.014   0.997   1.00 32.09 ? 100 PHE A CD1 1 
ATOM   340  C  CD2 . PHE A 1 54  ? -6.754  -0.340  2.953   1.00 33.53 ? 100 PHE A CD2 1 
ATOM   341  C  CE1 . PHE A 1 54  ? -5.170  1.008   1.133   1.00 31.29 ? 100 PHE A CE1 1 
ATOM   342  C  CE2 . PHE A 1 54  ? -5.375  -0.333  3.095   1.00 35.81 ? 100 PHE A CE2 1 
ATOM   343  C  CZ  . PHE A 1 54  ? -4.584  0.348   2.188   1.00 34.30 ? 100 PHE A CZ  1 
ATOM   344  N  N   . LEU A 1 55  ? -9.389  3.135   0.537   1.00 26.49 ? 101 LEU A N   1 
ATOM   345  C  CA  . LEU A 1 55  ? -8.921  4.330   -0.157  1.00 25.57 ? 101 LEU A CA  1 
ATOM   346  C  C   . LEU A 1 55  ? -9.333  5.627   0.541   1.00 27.41 ? 101 LEU A C   1 
ATOM   347  O  O   . LEU A 1 55  ? -8.547  6.576   0.649   1.00 28.31 ? 101 LEU A O   1 
ATOM   348  C  CB  . LEU A 1 55  ? -9.450  4.325   -1.585  1.00 29.37 ? 101 LEU A CB  1 
ATOM   349  C  CG  . LEU A 1 55  ? -8.657  3.498   -2.586  1.00 32.53 ? 101 LEU A CG  1 
ATOM   350  C  CD1 . LEU A 1 55  ? -9.480  3.291   -3.853  1.00 34.93 ? 101 LEU A CD1 1 
ATOM   351  C  CD2 . LEU A 1 55  ? -7.337  4.217   -2.877  1.00 36.15 ? 101 LEU A CD2 1 
ATOM   352  N  N   . LEU A 1 56  ? -10.572 5.691   1.000   1.00 27.31 ? 102 LEU A N   1 
ATOM   353  C  CA  . LEU A 1 56  ? -11.001 6.872   1.737   1.00 27.51 ? 102 LEU A CA  1 
ATOM   354  C  C   . LEU A 1 56  ? -10.152 7.060   2.992   1.00 29.48 ? 102 LEU A C   1 
ATOM   355  O  O   . LEU A 1 56  ? -9.840  8.192   3.376   1.00 27.66 ? 102 LEU A O   1 
ATOM   356  C  CB  . LEU A 1 56  ? -12.446 6.735   2.161   1.00 27.06 ? 102 LEU A CB  1 
ATOM   357  C  CG  . LEU A 1 56  ? -13.600 7.010   1.213   1.00 33.87 ? 102 LEU A CG  1 
ATOM   358  C  CD1 . LEU A 1 56  ? -14.894 6.817   2.022   1.00 34.01 ? 102 LEU A CD1 1 
ATOM   359  C  CD2 . LEU A 1 56  ? -13.520 8.420   0.615   1.00 38.28 ? 102 LEU A CD2 1 
ATOM   360  N  N   . LYS A 1 57  ? -9.787  5.959   3.641   1.00 25.30 ? 103 LYS A N   1 
ATOM   361  C  CA  . LYS A 1 57  ? -8.990  6.063   4.861   1.00 30.17 ? 103 LYS A CA  1 
ATOM   362  C  C   . LYS A 1 57  ? -7.584  6.543   4.539   1.00 28.84 ? 103 LYS A C   1 
ATOM   363  O  O   . LYS A 1 57  ? -7.075  7.450   5.185   1.00 27.03 ? 103 LYS A O   1 
ATOM   364  C  CB  . LYS A 1 57  ? -8.929  4.729   5.622   1.00 29.51 ? 103 LYS A CB  1 
ATOM   365  C  CG  . LYS A 1 57  ? -10.184 4.390   6.397   1.00 35.46 ? 103 LYS A CG  1 
ATOM   366  C  CD  . LYS A 1 57  ? -9.924  3.306   7.455   1.00 35.34 ? 103 LYS A CD  1 
ATOM   367  C  CE  . LYS A 1 57  ? -9.483  1.991   6.827   1.00 43.85 ? 103 LYS A CE  1 
ATOM   368  N  NZ  . LYS A 1 57  ? -9.479  0.861   7.824   1.00 46.45 ? 103 LYS A NZ  1 
ATOM   369  N  N   . LEU A 1 58  ? -6.968  5.930   3.529   1.00 23.33 ? 104 LEU A N   1 
ATOM   370  C  CA  . LEU A 1 58  ? -5.611  6.265   3.116   1.00 26.28 ? 104 LEU A CA  1 
ATOM   371  C  C   . LEU A 1 58  ? -5.521  7.756   2.771   1.00 26.85 ? 104 LEU A C   1 
ATOM   372  O  O   . LEU A 1 58  ? -4.610  8.471   3.215   1.00 30.06 ? 104 LEU A O   1 
ATOM   373  C  CB  . LEU A 1 58  ? -5.205  5.428   1.881   1.00 23.82 ? 104 LEU A CB  1 
ATOM   374  C  CG  . LEU A 1 58  ? -3.768  5.632   1.357   1.00 26.57 ? 104 LEU A CG  1 
ATOM   375  C  CD1 . LEU A 1 58  ? -2.755  5.157   2.412   1.00 29.65 ? 104 LEU A CD1 1 
ATOM   376  C  CD2 . LEU A 1 58  ? -3.520  4.916   0.047   1.00 25.66 ? 104 LEU A CD2 1 
ATOM   377  N  N   . ALA A 1 59  ? -6.481  8.201   1.975   1.00 26.25 ? 105 ALA A N   1 
ATOM   378  C  CA  . ALA A 1 59  ? -6.550  9.574   1.483   1.00 29.34 ? 105 ALA A CA  1 
ATOM   379  C  C   . ALA A 1 59  ? -6.715  10.622  2.593   1.00 28.95 ? 105 ALA A C   1 
ATOM   380  O  O   . ALA A 1 59  ? -6.276  11.760  2.448   1.00 30.64 ? 105 ALA A O   1 
ATOM   381  C  CB  . ALA A 1 59  ? -7.678  9.689   0.474   1.00 31.34 ? 105 ALA A CB  1 
ATOM   382  N  N   . GLY A 1 60  ? -7.319  10.232  3.709   1.00 28.13 ? 106 GLY A N   1 
ATOM   383  C  CA  . GLY A 1 60  ? -7.515  11.138  4.839   1.00 29.07 ? 106 GLY A CA  1 
ATOM   384  C  C   . GLY A 1 60  ? -6.287  11.217  5.728   1.00 32.28 ? 106 GLY A C   1 
ATOM   385  O  O   . GLY A 1 60  ? -6.201  12.060  6.623   1.00 29.56 ? 106 GLY A O   1 
ATOM   386  N  N   . ARG A 1 61  ? -5.325  10.337  5.470   1.00 26.94 ? 107 ARG A N   1 
ATOM   387  C  CA  . ARG A 1 61  ? -4.115  10.237  6.292   1.00 29.52 ? 107 ARG A CA  1 
ATOM   388  C  C   . ARG A 1 61  ? -2.857  10.758  5.571   1.00 33.84 ? 107 ARG A C   1 
ATOM   389  O  O   . ARG A 1 61  ? -1.973  11.356  6.192   1.00 34.18 ? 107 ARG A O   1 
ATOM   390  C  CB  . ARG A 1 61  ? -3.942  8.788   6.803   1.00 30.96 ? 107 ARG A CB  1 
ATOM   391  C  CG  . ARG A 1 61  ? -4.947  8.446   7.931   1.00 31.94 ? 107 ARG A CG  1 
ATOM   392  C  CD  . ARG A 1 61  ? -5.413  6.992   7.986   1.00 38.71 ? 107 ARG A CD  1 
ATOM   393  N  NE  . ARG A 1 61  ? -6.452  6.809   9.018   1.00 38.38 ? 107 ARG A NE  1 
ATOM   394  C  CZ  . ARG A 1 61  ? -7.700  7.279   8.929   1.00 40.36 ? 107 ARG A CZ  1 
ATOM   395  N  NH1 . ARG A 1 61  ? -8.083  7.987   7.854   1.00 30.53 ? 107 ARG A NH1 1 
ATOM   396  N  NH2 . ARG A 1 61  ? -8.569  7.057   9.919   1.00 29.09 ? 107 ARG A NH2 1 
ATOM   397  N  N   . TRP A 1 62  ? -2.800  10.555  4.260   1.00 32.31 ? 108 TRP A N   1 
ATOM   398  C  CA  . TRP A 1 62  ? -1.657  10.968  3.452   1.00 32.01 ? 108 TRP A CA  1 
ATOM   399  C  C   . TRP A 1 62  ? -2.203  11.695  2.240   1.00 34.92 ? 108 TRP A C   1 
ATOM   400  O  O   . TRP A 1 62  ? -3.364  11.515  1.888   1.00 34.16 ? 108 TRP A O   1 
ATOM   401  C  CB  . TRP A 1 62  ? -0.845  9.744   3.003   1.00 31.92 ? 108 TRP A CB  1 
ATOM   402  C  CG  . TRP A 1 62  ? -0.183  9.040   4.134   1.00 32.95 ? 108 TRP A CG  1 
ATOM   403  C  CD1 . TRP A 1 62  ? -0.568  7.862   4.713   1.00 33.39 ? 108 TRP A CD1 1 
ATOM   404  C  CD2 . TRP A 1 62  ? 0.985   9.473   4.837   1.00 31.08 ? 108 TRP A CD2 1 
ATOM   405  N  NE1 . TRP A 1 62  ? 0.281   7.550   5.749   1.00 34.64 ? 108 TRP A NE1 1 
ATOM   406  C  CE2 . TRP A 1 62  ? 1.247   8.516   5.838   1.00 31.05 ? 108 TRP A CE2 1 
ATOM   407  C  CE3 . TRP A 1 62  ? 1.834   10.577  4.717   1.00 34.11 ? 108 TRP A CE3 1 
ATOM   408  C  CZ2 . TRP A 1 62  ? 2.325   8.631   6.716   1.00 31.27 ? 108 TRP A CZ2 1 
ATOM   409  C  CZ3 . TRP A 1 62  ? 2.904   10.689  5.597   1.00 37.80 ? 108 TRP A CZ3 1 
ATOM   410  C  CH2 . TRP A 1 62  ? 3.139   9.720   6.580   1.00 37.81 ? 108 TRP A CH2 1 
ATOM   411  N  N   . PRO A 1 63  ? -1.387  12.560  1.620   1.00 34.87 ? 109 PRO A N   1 
ATOM   412  C  CA  . PRO A 1 63  ? -1.854  13.248  0.417   1.00 36.36 ? 109 PRO A CA  1 
ATOM   413  C  C   . PRO A 1 63  ? -1.740  12.322  -0.788  1.00 36.29 ? 109 PRO A C   1 
ATOM   414  O  O   . PRO A 1 63  ? -0.648  12.183  -1.330  1.00 44.95 ? 109 PRO A O   1 
ATOM   415  C  CB  . PRO A 1 63  ? -0.889  14.439  0.292   1.00 38.51 ? 109 PRO A CB  1 
ATOM   416  C  CG  . PRO A 1 63  ? 0.348   14.004  0.984   1.00 36.87 ? 109 PRO A CG  1 
ATOM   417  C  CD  . PRO A 1 63  ? -0.091  13.080  2.099   1.00 37.19 ? 109 PRO A CD  1 
ATOM   418  N  N   . VAL A 1 64  ? -2.849  11.703  -1.188  1.00 28.07 ? 110 VAL A N   1 
ATOM   419  C  CA  . VAL A 1 64  ? -2.886  10.753  -2.308  1.00 31.61 ? 110 VAL A CA  1 
ATOM   420  C  C   . VAL A 1 64  ? -3.345  11.448  -3.600  1.00 36.24 ? 110 VAL A C   1 
ATOM   421  O  O   . VAL A 1 64  ? -4.481  11.925  -3.681  1.00 35.16 ? 110 VAL A O   1 
ATOM   422  C  CB  . VAL A 1 64  ? -3.891  9.601   -1.999  1.00 27.69 ? 110 VAL A CB  1 
ATOM   423  C  CG1 . VAL A 1 64  ? -3.997  8.602   -3.161  1.00 31.05 ? 110 VAL A CG1 1 
ATOM   424  C  CG2 . VAL A 1 64  ? -3.480  8.870   -0.725  1.00 29.22 ? 110 VAL A CG2 1 
ATOM   425  N  N   . LYS A 1 65  ? -2.487  11.497  -4.613  1.00 35.92 ? 111 LYS A N   1 
ATOM   426  C  CA  . LYS A 1 65  ? -2.883  12.139  -5.873  1.00 38.84 ? 111 LYS A CA  1 
ATOM   427  C  C   . LYS A 1 65  ? -3.244  11.123  -6.947  1.00 39.45 ? 111 LYS A C   1 
ATOM   428  O  O   . LYS A 1 65  ? -4.203  11.298  -7.708  1.00 38.71 ? 111 LYS A O   1 
ATOM   429  C  CB  . LYS A 1 65  ? -1.783  13.085  -6.371  1.00 39.42 ? 111 LYS A CB  1 
ATOM   430  C  CG  . LYS A 1 65  ? -1.554  14.256  -5.427  1.00 50.25 ? 111 LYS A CG  1 
ATOM   431  C  CD  . LYS A 1 65  ? -0.230  14.959  -5.677  1.00 59.52 ? 111 LYS A CD  1 
ATOM   432  C  CE  . LYS A 1 65  ? 0.087   15.904  -4.529  1.00 61.41 ? 111 LYS A CE  1 
ATOM   433  N  NZ  . LYS A 1 65  ? 1.363   16.649  -4.739  1.00 62.88 ? 111 LYS A NZ  1 
ATOM   434  N  N   . THR A 1 66  ? -2.478  10.046  -6.990  1.00 35.90 ? 112 THR A N   1 
ATOM   435  C  CA  . THR A 1 66  ? -2.616  9.066   -8.048  1.00 36.44 ? 112 THR A CA  1 
ATOM   436  C  C   . THR A 1 66  ? -2.473  7.674   -7.481  1.00 34.57 ? 112 THR A C   1 
ATOM   437  O  O   . THR A 1 66  ? -1.624  7.434   -6.626  1.00 35.96 ? 112 THR A O   1 
ATOM   438  C  CB  . THR A 1 66  ? -1.531  9.272   -9.122  1.00 38.34 ? 112 THR A CB  1 
ATOM   439  O  OG1 . THR A 1 66  ? -1.614  10.615  -9.613  1.00 39.80 ? 112 THR A OG1 1 
ATOM   440  C  CG2 . THR A 1 66  ? -1.733  8.293   -10.284 1.00 42.46 ? 112 THR A CG2 1 
ATOM   441  N  N   . VAL A 1 67  ? -3.313  6.753   -7.938  1.00 32.17 ? 113 VAL A N   1 
ATOM   442  C  CA  . VAL A 1 67  ? -3.168  5.365   -7.538  1.00 28.19 ? 113 VAL A CA  1 
ATOM   443  C  C   . VAL A 1 67  ? -2.789  4.476   -8.730  1.00 37.62 ? 113 VAL A C   1 
ATOM   444  O  O   . VAL A 1 67  ? -3.381  4.568   -9.811  1.00 41.03 ? 113 VAL A O   1 
ATOM   445  C  CB  . VAL A 1 67  ? -4.433  4.833   -6.866  1.00 37.50 ? 113 VAL A CB  1 
ATOM   446  C  CG1 . VAL A 1 67  ? -4.434  3.298   -6.906  1.00 37.46 ? 113 VAL A CG1 1 
ATOM   447  C  CG2 . VAL A 1 67  ? -4.534  5.360   -5.427  1.00 36.90 ? 113 VAL A CG2 1 
ATOM   448  N  N   . HIS A 1 68  ? -1.777  3.642   -8.530  1.00 34.59 ? 114 HIS A N   1 
ATOM   449  C  CA  . HIS A 1 68  ? -1.356  2.646   -9.508  1.00 31.96 ? 114 HIS A CA  1 
ATOM   450  C  C   . HIS A 1 68  ? -1.776  1.292   -8.966  1.00 35.45 ? 114 HIS A C   1 
ATOM   451  O  O   . HIS A 1 68  ? -2.077  1.171   -7.767  1.00 33.94 ? 114 HIS A O   1 
ATOM   452  C  CB  . HIS A 1 68  ? 0.171   2.661   -9.673  1.00 38.14 ? 114 HIS A CB  1 
ATOM   453  C  CG  . HIS A 1 68  ? 0.701   3.862   -10.404 1.00 42.61 ? 114 HIS A CG  1 
ATOM   454  N  ND1 . HIS A 1 68  ? -0.111  4.871   -10.876 1.00 47.49 ? 114 HIS A ND1 1 
ATOM   455  C  CD2 . HIS A 1 68  ? 1.967   4.212   -10.734 1.00 39.22 ? 114 HIS A CD2 1 
ATOM   456  C  CE1 . HIS A 1 68  ? 0.631   5.788   -11.477 1.00 41.84 ? 114 HIS A CE1 1 
ATOM   457  N  NE2 . HIS A 1 68  ? 1.893   5.411   -11.405 1.00 46.53 ? 114 HIS A NE2 1 
ATOM   458  N  N   . THR A 1 69  ? -1.769  0.275   -9.830  1.00 32.30 ? 115 THR A N   1 
ATOM   459  C  CA  . THR A 1 69  ? -2.114  -1.094  -9.429  1.00 33.54 ? 115 THR A CA  1 
ATOM   460  C  C   . THR A 1 69  ? -1.604  -2.082  -10.485 1.00 32.10 ? 115 THR A C   1 
ATOM   461  O  O   . THR A 1 69  ? -1.336  -1.689  -11.619 1.00 35.40 ? 115 THR A O   1 
ATOM   462  C  CB  . THR A 1 69  ? -3.647  -1.264  -9.246  1.00 31.42 ? 115 THR A CB  1 
ATOM   463  O  OG1 . THR A 1 69  ? -3.946  -2.561  -8.712  1.00 31.50 ? 115 THR A OG1 1 
ATOM   464  C  CG2 . THR A 1 69  ? -4.392  -1.073  -10.589 1.00 32.33 ? 115 THR A CG2 1 
ATOM   465  N  N   . ASP A 1 70  ? -1.449  -3.345  -10.107 1.00 34.12 ? 116 ASP A N   1 
ATOM   466  C  CA  . ASP A 1 70  ? -1.136  -4.395  -11.070 1.00 34.85 ? 116 ASP A CA  1 
ATOM   467  C  C   . ASP A 1 70  ? -2.420  -5.100  -11.533 1.00 35.85 ? 116 ASP A C   1 
ATOM   468  O  O   . ASP A 1 70  ? -2.374  -6.027  -12.336 1.00 34.63 ? 116 ASP A O   1 
ATOM   469  C  CB  . ASP A 1 70  ? -0.130  -5.401  -10.488 1.00 35.56 ? 116 ASP A CB  1 
ATOM   470  C  CG  . ASP A 1 70  ? 1.313   -4.893  -10.552 1.00 43.00 ? 116 ASP A CG  1 
ATOM   471  O  OD1 . ASP A 1 70  ? 1.594   -3.998  -11.369 1.00 41.10 ? 116 ASP A OD1 1 
ATOM   472  O  OD2 . ASP A 1 70  ? 2.175   -5.401  -9.804  1.00 47.14 ? 116 ASP A OD2 1 
ATOM   473  N  N   . ASN A 1 71  ? -3.562  -4.663  -11.010 1.00 34.81 ? 117 ASN A N   1 
ATOM   474  C  CA  . ASN A 1 71  ? -4.860  -5.186  -11.444 1.00 31.38 ? 117 ASN A CA  1 
ATOM   475  C  C   . ASN A 1 71  ? -5.845  -4.052  -11.607 1.00 31.37 ? 117 ASN A C   1 
ATOM   476  O  O   . ASN A 1 71  ? -6.574  -3.726  -10.677 1.00 32.34 ? 117 ASN A O   1 
ATOM   477  C  CB  . ASN A 1 71  ? -5.422  -6.227  -10.462 1.00 31.81 ? 117 ASN A CB  1 
ATOM   478  C  CG  . ASN A 1 71  ? -6.678  -6.918  -11.004 1.00 33.79 ? 117 ASN A CG  1 
ATOM   479  O  OD1 . ASN A 1 71  ? -7.238  -6.489  -12.011 1.00 34.61 ? 117 ASN A OD1 1 
ATOM   480  N  ND2 . ASN A 1 71  ? -7.118  -7.983  -10.343 1.00 35.56 ? 117 ASN A ND2 1 
ATOM   481  N  N   . GLY A 1 72  ? -5.883  -3.462  -12.798 1.00 30.48 ? 118 GLY A N   1 
ATOM   482  C  CA  . GLY A 1 72  ? -6.731  -2.305  -13.047 1.00 32.77 ? 118 GLY A CA  1 
ATOM   483  C  C   . GLY A 1 72  ? -8.228  -2.516  -12.878 1.00 32.09 ? 118 GLY A C   1 
ATOM   484  O  O   . GLY A 1 72  ? -8.964  -1.572  -12.554 1.00 32.73 ? 118 GLY A O   1 
ATOM   485  N  N   . SER A 1 73  ? -8.698  -3.740  -13.106 1.00 31.35 ? 119 SER A N   1 
ATOM   486  C  CA  . SER A 1 73  ? -10.125 -4.039  -12.948 1.00 32.99 ? 119 SER A CA  1 
ATOM   487  C  C   . SER A 1 73  ? -10.642 -3.861  -11.509 1.00 33.99 ? 119 SER A C   1 
ATOM   488  O  O   . SER A 1 73  ? -11.844 -3.716  -11.278 1.00 35.41 ? 119 SER A O   1 
ATOM   489  C  CB  . SER A 1 73  ? -10.439 -5.457  -13.426 1.00 32.95 ? 119 SER A CB  1 
ATOM   490  O  OG  . SER A 1 73  ? -9.977  -6.427  -12.509 1.00 32.07 ? 119 SER A OG  1 
ATOM   491  N  N   . ASN A 1 74  ? -9.743  -3.855  -10.539 1.00 37.97 ? 120 ASN A N   1 
ATOM   492  C  CA  . ASN A 1 74  ? -10.182 -3.709  -9.153  1.00 37.62 ? 120 ASN A CA  1 
ATOM   493  C  C   . ASN A 1 74  ? -10.647 -2.290  -8.806  1.00 37.55 ? 120 ASN A C   1 
ATOM   494  O  O   . ASN A 1 74  ? -11.107 -2.037  -7.690  1.00 40.04 ? 120 ASN A O   1 
ATOM   495  C  CB  . ASN A 1 74  ? -9.080  -4.166  -8.194  1.00 37.76 ? 120 ASN A CB  1 
ATOM   496  C  CG  . ASN A 1 74  ? -9.080  -5.669  -7.982  1.00 38.91 ? 120 ASN A CG  1 
ATOM   497  O  OD1 . ASN A 1 74  ? -10.090 -6.353  -8.219  1.00 42.03 ? 120 ASN A OD1 1 
ATOM   498  N  ND2 . ASN A 1 74  ? -7.955  -6.194  -7.521  1.00 41.51 ? 120 ASN A ND2 1 
ATOM   499  N  N   . PHE A 1 75  ? -10.526 -1.375  -9.767  1.00 35.29 ? 121 PHE A N   1 
ATOM   500  C  CA  . PHE A 1 75  ? -10.862 0.037   -9.558  1.00 33.33 ? 121 PHE A CA  1 
ATOM   501  C  C   . PHE A 1 75  ? -11.975 0.536   -10.475 1.00 37.79 ? 121 PHE A C   1 
ATOM   502  O  O   . PHE A 1 75  ? -12.089 1.734   -10.764 1.00 38.03 ? 121 PHE A O   1 
ATOM   503  C  CB  . PHE A 1 75  ? -9.591  0.868   -9.676  1.00 33.51 ? 121 PHE A CB  1 
ATOM   504  C  CG  . PHE A 1 75  ? -8.596  0.528   -8.601  1.00 39.25 ? 121 PHE A CG  1 
ATOM   505  C  CD1 . PHE A 1 75  ? -8.607  1.204   -7.399  1.00 37.50 ? 121 PHE A CD1 1 
ATOM   506  C  CD2 . PHE A 1 75  ? -7.738  -0.540  -8.752  1.00 39.68 ? 121 PHE A CD2 1 
ATOM   507  C  CE1 . PHE A 1 75  ? -7.727  0.873   -6.401  1.00 42.44 ? 121 PHE A CE1 1 
ATOM   508  C  CE2 . PHE A 1 75  ? -6.851  -0.886  -7.742  1.00 39.71 ? 121 PHE A CE2 1 
ATOM   509  C  CZ  . PHE A 1 75  ? -6.854  -0.182  -6.570  1.00 36.67 ? 121 PHE A CZ  1 
ATOM   510  N  N   . THR A 1 76  ? -12.818 -0.397  -10.900 1.00 34.74 ? 122 THR A N   1 
ATOM   511  C  CA  . THR A 1 76  ? -13.900 -0.103  -11.838 1.00 37.04 ? 122 THR A CA  1 
ATOM   512  C  C   . THR A 1 76  ? -15.278 -0.031  -11.201 1.00 39.40 ? 122 THR A C   1 
ATOM   513  O  O   . THR A 1 76  ? -16.232 0.401   -11.851 1.00 41.63 ? 122 THR A O   1 
ATOM   514  C  CB  . THR A 1 76  ? -13.981 -1.175  -12.930 1.00 38.56 ? 122 THR A CB  1 
ATOM   515  O  OG1 . THR A 1 76  ? -14.146 -2.453  -12.308 1.00 38.02 ? 122 THR A OG1 1 
ATOM   516  C  CG2 . THR A 1 76  ? -12.729 -1.175  -13.739 1.00 35.52 ? 122 THR A CG2 1 
ATOM   517  N  N   . SER A 1 77  ? -15.407 -0.462  -9.949  1.00 35.25 ? 123 SER A N   1 
ATOM   518  C  CA  . SER A 1 77  ? -16.733 -0.513  -9.349  1.00 38.50 ? 123 SER A CA  1 
ATOM   519  C  C   . SER A 1 77  ? -17.241 0.888   -9.061  1.00 39.32 ? 123 SER A C   1 
ATOM   520  O  O   . SER A 1 77  ? -16.453 1.832   -8.943  1.00 39.61 ? 123 SER A O   1 
ATOM   521  C  CB  . SER A 1 77  ? -16.744 -1.345  -8.060  1.00 41.84 ? 123 SER A CB  1 
ATOM   522  O  OG  . SER A 1 77  ? -15.928 -0.745  -7.070  1.00 41.38 ? 123 SER A OG  1 
ATOM   523  N  N   . ALA A 1 78  ? -18.558 1.009   -8.944  1.00 39.88 ? 124 ALA A N   1 
ATOM   524  C  CA  . ALA A 1 78  ? -19.190 2.275   -8.609  1.00 42.33 ? 124 ALA A CA  1 
ATOM   525  C  C   . ALA A 1 78  ? -18.681 2.792   -7.260  1.00 36.93 ? 124 ALA A C   1 
ATOM   526  O  O   . ALA A 1 78  ? -18.417 3.980   -7.097  1.00 37.96 ? 124 ALA A O   1 
ATOM   527  C  CB  . ALA A 1 78  ? -20.717 2.117   -8.604  1.00 37.65 ? 124 ALA A CB  1 
ATOM   528  N  N   . THR A 1 79  ? -18.530 1.905   -6.288  1.00 38.05 ? 125 THR A N   1 
ATOM   529  C  CA  . THR A 1 79  ? -18.087 2.344   -4.967  1.00 38.03 ? 125 THR A CA  1 
ATOM   530  C  C   . THR A 1 79  ? -16.681 2.923   -5.013  1.00 34.42 ? 125 THR A C   1 
ATOM   531  O  O   . THR A 1 79  ? -16.422 3.967   -4.420  1.00 32.32 ? 125 THR A O   1 
ATOM   532  C  CB  . THR A 1 79  ? -18.145 1.208   -3.926  1.00 39.00 ? 125 THR A CB  1 
ATOM   533  O  OG1 . THR A 1 79  ? -17.474 0.057   -4.445  1.00 38.44 ? 125 THR A OG1 1 
ATOM   534  C  CG2 . THR A 1 79  ? -19.575 0.848   -3.638  1.00 39.44 ? 125 THR A CG2 1 
ATOM   535  N  N   . VAL A 1 80  ? -15.780 2.242   -5.716  1.00 32.97 ? 126 VAL A N   1 
ATOM   536  C  CA  . VAL A 1 80  ? -14.396 2.705   -5.840  1.00 31.73 ? 126 VAL A CA  1 
ATOM   537  C  C   . VAL A 1 80  ? -14.291 4.010   -6.639  1.00 33.78 ? 126 VAL A C   1 
ATOM   538  O  O   . VAL A 1 80  ? -13.563 4.907   -6.253  1.00 30.06 ? 126 VAL A O   1 
ATOM   539  C  CB  . VAL A 1 80  ? -13.486 1.639   -6.474  1.00 33.98 ? 126 VAL A CB  1 
ATOM   540  C  CG1 . VAL A 1 80  ? -12.085 2.197   -6.725  1.00 32.48 ? 126 VAL A CG1 1 
ATOM   541  C  CG2 . VAL A 1 80  ? -13.414 0.422   -5.564  1.00 36.25 ? 126 VAL A CG2 1 
ATOM   542  N  N   . LYS A 1 81  ? -15.024 4.117   -7.741  1.00 29.35 ? 127 LYS A N   1 
ATOM   543  C  CA  . LYS A 1 81  ? -15.037 5.372   -8.496  1.00 33.95 ? 127 LYS A CA  1 
ATOM   544  C  C   . LYS A 1 81  ? -15.518 6.518   -7.614  1.00 30.07 ? 127 LYS A C   1 
ATOM   545  O  O   . LYS A 1 81  ? -14.984 7.628   -7.659  1.00 32.86 ? 127 LYS A O   1 
ATOM   546  C  CB  . LYS A 1 81  ? -15.946 5.278   -9.727  1.00 39.87 ? 127 LYS A CB  1 
ATOM   547  C  CG  . LYS A 1 81  ? -15.491 4.307   -10.814 1.00 44.57 ? 127 LYS A CG  1 
ATOM   548  C  CD  . LYS A 1 81  ? -15.892 4.851   -12.193 1.00 53.88 ? 127 LYS A CD  1 
ATOM   549  C  CE  . LYS A 1 81  ? -16.439 3.777   -13.116 1.00 54.59 ? 127 LYS A CE  1 
ATOM   550  N  NZ  . LYS A 1 81  ? -15.380 3.181   -13.996 1.00 59.26 ? 127 LYS A NZ  1 
ATOM   551  N  N   . ALA A 1 82  ? -16.525 6.242   -6.799  1.00 32.53 ? 128 ALA A N   1 
ATOM   552  C  CA  . ALA A 1 82  ? -17.081 7.266   -5.927  1.00 32.00 ? 128 ALA A CA  1 
ATOM   553  C  C   . ALA A 1 82  ? -16.028 7.743   -4.920  1.00 33.09 ? 128 ALA A C   1 
ATOM   554  O  O   . ALA A 1 82  ? -15.905 8.936   -4.658  1.00 28.57 ? 128 ALA A O   1 
ATOM   555  C  CB  . ALA A 1 82  ? -18.301 6.734   -5.225  1.00 33.06 ? 128 ALA A CB  1 
ATOM   556  N  N   . ALA A 1 83  ? -15.255 6.809   -4.369  1.00 31.10 ? 129 ALA A N   1 
ATOM   557  C  CA  . ALA A 1 83  ? -14.226 7.163   -3.386  1.00 29.62 ? 129 ALA A CA  1 
ATOM   558  C  C   . ALA A 1 83  ? -13.148 8.035   -4.003  1.00 29.11 ? 129 ALA A C   1 
ATOM   559  O  O   . ALA A 1 83  ? -12.682 8.978   -3.376  1.00 30.78 ? 129 ALA A O   1 
ATOM   560  C  CB  . ALA A 1 83  ? -13.587 5.915   -2.807  1.00 31.21 ? 129 ALA A CB  1 
HETATM 561  N  N   . CAF A 1 84  ? -12.706 7.674   -5.205  1.00 30.72 ? 130 CAF A N   1 
HETATM 562  C  CA  . CAF A 1 84  ? -11.641 8.416   -5.884  1.00 30.85 ? 130 CAF A CA  1 
HETATM 563  C  CB  . CAF A 1 84  ? -11.044 7.675   -7.091  1.00 35.05 ? 130 CAF A CB  1 
HETATM 564  C  C   . CAF A 1 84  ? -12.159 9.779   -6.300  1.00 31.77 ? 130 CAF A C   1 
HETATM 565  O  O   . CAF A 1 84  ? -11.435 10.770  -6.217  1.00 30.59 ? 130 CAF A O   1 
HETATM 566  S  SG  . CAF A 1 84  ? -10.155 6.270   -6.507  1.00 36.42 ? 130 CAF A SG  1 
HETATM 567  AS AS  . CAF A 1 84  ? -9.490  5.197   -8.353  1.00 46.76 ? 130 CAF A AS  1 
HETATM 568  C  CE1 . CAF A 1 84  ? -11.290 5.172   -9.161  1.00 41.36 ? 130 CAF A CE1 1 
HETATM 569  O  O1  . CAF A 1 84  ? -9.023  6.784   -9.395  1.00 47.58 ? 130 CAF A O1  1 
ATOM   570  N  N   . TRP A 1 85  ? -13.414 9.849   -6.730  1.00 33.44 ? 131 TRP A N   1 
ATOM   571  C  CA  . TRP A 1 85  ? -14.047 11.145  -7.040  1.00 35.15 ? 131 TRP A CA  1 
ATOM   572  C  C   . TRP A 1 85  ? -14.110 12.057  -5.825  1.00 35.26 ? 131 TRP A C   1 
ATOM   573  O  O   . TRP A 1 85  ? -13.741 13.235  -5.888  1.00 33.11 ? 131 TRP A O   1 
ATOM   574  C  CB  . TRP A 1 85  ? -15.464 10.961  -7.625  1.00 36.74 ? 131 TRP A CB  1 
ATOM   575  C  CG  . TRP A 1 85  ? -16.295 12.222  -7.586  1.00 38.97 ? 131 TRP A CG  1 
ATOM   576  C  CD1 . TRP A 1 85  ? -16.283 13.239  -8.499  1.00 36.78 ? 131 TRP A CD1 1 
ATOM   577  C  CD2 . TRP A 1 85  ? -17.246 12.596  -6.582  1.00 36.60 ? 131 TRP A CD2 1 
ATOM   578  N  NE1 . TRP A 1 85  ? -17.157 14.223  -8.118  1.00 39.31 ? 131 TRP A NE1 1 
ATOM   579  C  CE2 . TRP A 1 85  ? -17.764 13.852  -6.949  1.00 40.32 ? 131 TRP A CE2 1 
ATOM   580  C  CE3 . TRP A 1 85  ? -17.706 11.992  -5.403  1.00 37.94 ? 131 TRP A CE3 1 
ATOM   581  C  CZ2 . TRP A 1 85  ? -18.720 14.517  -6.183  1.00 42.50 ? 131 TRP A CZ2 1 
ATOM   582  C  CZ3 . TRP A 1 85  ? -18.655 12.652  -4.643  1.00 39.31 ? 131 TRP A CZ3 1 
ATOM   583  C  CH2 . TRP A 1 85  ? -19.152 13.906  -5.039  1.00 44.53 ? 131 TRP A CH2 1 
ATOM   584  N  N   . TRP A 1 86  ? -14.580 11.511  -4.709  1.00 31.23 ? 132 TRP A N   1 
ATOM   585  C  CA  . TRP A 1 86  ? -14.743 12.312  -3.513  1.00 30.12 ? 132 TRP A CA  1 
ATOM   586  C  C   . TRP A 1 86  ? -13.403 12.809  -3.013  1.00 32.09 ? 132 TRP A C   1 
ATOM   587  O  O   . TRP A 1 86  ? -13.284 13.958  -2.603  1.00 30.60 ? 132 TRP A O   1 
ATOM   588  C  CB  . TRP A 1 86  ? -15.492 11.539  -2.417  1.00 29.78 ? 132 TRP A CB  1 
ATOM   589  C  CG  . TRP A 1 86  ? -15.892 12.433  -1.276  1.00 32.03 ? 132 TRP A CG  1 
ATOM   590  C  CD1 . TRP A 1 86  ? -17.043 13.171  -1.170  1.00 32.63 ? 132 TRP A CD1 1 
ATOM   591  C  CD2 . TRP A 1 86  ? -15.139 12.692  -0.090  1.00 32.29 ? 132 TRP A CD2 1 
ATOM   592  N  NE1 . TRP A 1 86  ? -17.039 13.885  0.005   1.00 32.53 ? 132 TRP A NE1 1 
ATOM   593  C  CE2 . TRP A 1 86  ? -15.891 13.599  0.695   1.00 28.69 ? 132 TRP A CE2 1 
ATOM   594  C  CE3 . TRP A 1 86  ? -13.904 12.242  0.393   1.00 31.88 ? 132 TRP A CE3 1 
ATOM   595  C  CZ2 . TRP A 1 86  ? -15.444 14.067  1.933   1.00 32.86 ? 132 TRP A CZ2 1 
ATOM   596  C  CZ3 . TRP A 1 86  ? -13.462 12.708  1.630   1.00 28.26 ? 132 TRP A CZ3 1 
ATOM   597  C  CH2 . TRP A 1 86  ? -14.234 13.608  2.386   1.00 32.96 ? 132 TRP A CH2 1 
ATOM   598  N  N   . ALA A 1 87  ? -12.386 11.948  -3.083  1.00 28.71 ? 133 ALA A N   1 
ATOM   599  C  CA  . ALA A 1 87  ? -11.099 12.255  -2.489  1.00 31.84 ? 133 ALA A CA  1 
ATOM   600  C  C   . ALA A 1 87  ? -10.190 12.978  -3.456  1.00 32.07 ? 133 ALA A C   1 
ATOM   601  O  O   . ALA A 1 87  ? -9.102  13.386  -3.084  1.00 32.35 ? 133 ALA A O   1 
ATOM   602  C  CB  . ALA A 1 87  ? -10.423 10.976  -1.971  1.00 33.93 ? 133 ALA A CB  1 
ATOM   603  N  N   . GLY A 1 88  ? -10.652 13.141  -4.696  1.00 33.61 ? 134 GLY A N   1 
ATOM   604  C  CA  . GLY A 1 88  ? -9.913  13.901  -5.689  1.00 33.40 ? 134 GLY A CA  1 
ATOM   605  C  C   . GLY A 1 88  ? -8.752  13.111  -6.253  1.00 36.08 ? 134 GLY A C   1 
ATOM   606  O  O   . GLY A 1 88  ? -7.727  13.677  -6.636  1.00 37.96 ? 134 GLY A O   1 
ATOM   607  N  N   . ILE A 1 89  ? -8.914  11.794  -6.309  1.00 32.10 ? 135 ILE A N   1 
ATOM   608  C  CA  . ILE A 1 89  ? -7.849  10.906  -6.775  1.00 34.73 ? 135 ILE A CA  1 
ATOM   609  C  C   . ILE A 1 89  ? -7.993  10.592  -8.259  1.00 37.80 ? 135 ILE A C   1 
ATOM   610  O  O   . ILE A 1 89  ? -9.034  10.126  -8.703  1.00 36.50 ? 135 ILE A O   1 
ATOM   611  C  CB  . ILE A 1 89  ? -7.830  9.572   -5.981  1.00 33.30 ? 135 ILE A CB  1 
ATOM   612  C  CG1 . ILE A 1 89  ? -7.552  9.835   -4.497  1.00 32.68 ? 135 ILE A CG1 1 
ATOM   613  C  CG2 . ILE A 1 89  ? -6.777  8.620   -6.539  1.00 34.58 ? 135 ILE A CG2 1 
ATOM   614  C  CD1 . ILE A 1 89  ? -7.622  8.587   -3.608  1.00 34.45 ? 135 ILE A CD1 1 
ATOM   615  N  N   . LYS A 1 90  ? -6.938  10.849  -9.018  1.00 47.18 ? 136 LYS A N   1 
ATOM   616  C  CA  . LYS A 1 90  ? -6.905  10.470  -10.427 1.00 50.60 ? 136 LYS A CA  1 
ATOM   617  C  C   . LYS A 1 90  ? -6.244  9.117   -10.597 1.00 45.54 ? 136 LYS A C   1 
ATOM   618  O  O   . LYS A 1 90  ? -5.348  8.737   -9.834  1.00 48.90 ? 136 LYS A O   1 
ATOM   619  C  CB  . LYS A 1 90  ? -6.167  11.516  -11.265 1.00 54.93 ? 136 LYS A CB  1 
ATOM   620  C  CG  . LYS A 1 90  ? -6.952  12.800  -11.482 1.00 54.86 ? 136 LYS A CG  1 
ATOM   621  C  CD  . LYS A 1 90  ? -8.431  12.520  -11.718 1.00 61.91 ? 136 LYS A CD  1 
ATOM   622  C  CE  . LYS A 1 90  ? -8.919  13.178  -13.003 1.00 61.26 ? 136 LYS A CE  1 
ATOM   623  N  NZ  . LYS A 1 90  ? -8.423  14.584  -13.116 1.00 65.15 ? 136 LYS A NZ  1 
ATOM   624  N  N   . GLN A 1 91  ? -6.702  8.364   -11.583 1.00 57.17 ? 137 GLN A N   1 
ATOM   625  C  CA  . GLN A 1 91  ? -6.122  7.045   -11.811 1.00 58.85 ? 137 GLN A CA  1 
ATOM   626  C  C   . GLN A 1 91  ? -5.249  7.028   -13.046 1.00 60.21 ? 137 GLN A C   1 
ATOM   627  O  O   . GLN A 1 91  ? -5.500  7.740   -14.021 1.00 61.67 ? 137 GLN A O   1 
ATOM   628  C  CB  . GLN A 1 91  ? -7.195  5.957   -11.917 1.00 62.15 ? 137 GLN A CB  1 
ATOM   629  C  CG  . GLN A 1 91  ? -6.647  4.593   -12.343 1.00 59.06 ? 137 GLN A CG  1 
ATOM   630  C  CD  . GLN A 1 91  ? -6.660  3.560   -11.226 1.00 59.36 ? 137 GLN A CD  1 
ATOM   631  O  OE1 . GLN A 1 91  ? -7.287  3.759   -10.187 1.00 61.65 ? 137 GLN A OE1 1 
ATOM   632  N  NE2 . GLN A 1 91  ? -5.969  2.440   -11.442 1.00 54.31 ? 137 GLN A NE2 1 
ATOM   633  N  N   . GLU A 1 92  ? -4.201  6.222   -12.974 1.00 59.04 ? 138 GLU A N   1 
ATOM   634  C  CA  . GLU A 1 92  ? -3.327  6.001   -14.102 1.00 58.01 ? 138 GLU A CA  1 
ATOM   635  C  C   . GLU A 1 92  ? -3.847  4.803   -14.889 1.00 59.21 ? 138 GLU A C   1 
ATOM   636  O  O   . GLU A 1 92  ? -4.258  3.795   -14.304 1.00 57.09 ? 138 GLU A O   1 
ATOM   637  C  CB  . GLU A 1 92  ? -1.918  5.708   -13.601 1.00 54.76 ? 138 GLU A CB  1 
ATOM   638  C  CG  . GLU A 1 92  ? -0.839  5.959   -14.629 1.00 59.94 ? 138 GLU A CG  1 
ATOM   639  C  CD  . GLU A 1 92  ? -0.798  7.409   -15.060 1.00 64.31 ? 138 GLU A CD  1 
ATOM   640  O  OE1 . GLU A 1 92  ? -1.178  8.278   -14.242 1.00 64.16 ? 138 GLU A OE1 1 
ATOM   641  O  OE2 . GLU A 1 92  ? -0.392  7.678   -16.215 1.00 67.02 ? 138 GLU A OE2 1 
ATOM   642  N  N   . PHE A 1 93  ? -3.846  4.918   -16.211 1.00 58.95 ? 139 PHE A N   1 
ATOM   643  C  CA  . PHE A 1 93  ? -4.098  3.769   -17.066 1.00 55.54 ? 139 PHE A CA  1 
ATOM   644  C  C   . PHE A 1 93  ? -2.761  3.056   -17.262 1.00 55.34 ? 139 PHE A C   1 
ATOM   645  O  O   . PHE A 1 93  ? -1.795  3.650   -17.747 1.00 59.81 ? 139 PHE A O   1 
ATOM   646  C  CB  . PHE A 1 93  ? -4.697  4.203   -18.409 1.00 58.04 ? 139 PHE A CB  1 
ATOM   647  C  CG  . PHE A 1 93  ? -5.062  3.055   -19.309 1.00 57.12 ? 139 PHE A CG  1 
ATOM   648  C  CD1 . PHE A 1 93  ? -6.368  2.586   -19.370 1.00 62.05 ? 139 PHE A CD1 1 
ATOM   649  C  CD2 . PHE A 1 93  ? -4.097  2.435   -20.083 1.00 56.23 ? 139 PHE A CD2 1 
ATOM   650  C  CE1 . PHE A 1 93  ? -6.699  1.523   -20.197 1.00 53.72 ? 139 PHE A CE1 1 
ATOM   651  C  CE2 . PHE A 1 93  ? -4.423  1.381   -20.908 1.00 55.02 ? 139 PHE A CE2 1 
ATOM   652  C  CZ  . PHE A 1 93  ? -5.721  0.925   -20.964 1.00 52.37 ? 139 PHE A CZ  1 
ATOM   653  N  N   . GLY A 1 94  ? -2.702  1.789   -16.864 1.00 50.76 ? 140 GLY A N   1 
ATOM   654  C  CA  . GLY A 1 94  ? -1.450  1.055   -16.863 1.00 50.89 ? 140 GLY A CA  1 
ATOM   655  C  C   . GLY A 1 94  ? -0.498  1.687   -15.866 1.00 54.96 ? 140 GLY A C   1 
ATOM   656  O  O   . GLY A 1 94  ? -0.924  2.433   -14.973 1.00 54.92 ? 140 GLY A O   1 
ATOM   657  N  N   . ILE A 1 95  ? 0.790   1.399   -16.013 1.00 51.09 ? 141 ILE A N   1 
ATOM   658  C  CA  . ILE A 1 95  ? 1.796   1.994   -15.141 1.00 55.66 ? 141 ILE A CA  1 
ATOM   659  C  C   . ILE A 1 95  ? 2.896   2.683   -15.953 1.00 59.71 ? 141 ILE A C   1 
ATOM   660  O  O   . ILE A 1 95  ? 3.630   2.030   -16.698 1.00 62.72 ? 141 ILE A O   1 
ATOM   661  C  CB  . ILE A 1 95  ? 2.377   0.951   -14.169 1.00 55.10 ? 141 ILE A CB  1 
ATOM   662  C  CG1 . ILE A 1 95  ? 1.366   0.673   -13.045 1.00 47.62 ? 141 ILE A CG1 1 
ATOM   663  C  CG2 . ILE A 1 95  ? 3.715   1.428   -13.600 1.00 54.37 ? 141 ILE A CG2 1 
ATOM   664  C  CD1 . ILE A 1 95  ? 1.737   -0.505  -12.176 1.00 48.14 ? 141 ILE A CD1 1 
ATOM   665  N  N   . PRO A 1 96  ? 3.019   4.011   -15.790 1.00 63.14 ? 142 PRO A N   1 
ATOM   666  C  CA  . PRO A 1 96  ? 3.852   4.888   -16.625 1.00 63.73 ? 142 PRO A CA  1 
ATOM   667  C  C   . PRO A 1 96  ? 5.188   4.257   -17.020 1.00 67.08 ? 142 PRO A C   1 
ATOM   668  O  O   . PRO A 1 96  ? 5.886   3.724   -16.153 1.00 64.19 ? 142 PRO A O   1 
ATOM   669  C  CB  . PRO A 1 96  ? 4.087   6.112   -15.724 1.00 65.55 ? 142 PRO A CB  1 
ATOM   670  C  CG  . PRO A 1 96  ? 3.695   5.667   -14.336 1.00 62.78 ? 142 PRO A CG  1 
ATOM   671  C  CD  . PRO A 1 96  ? 2.589   4.694   -14.561 1.00 58.98 ? 142 PRO A CD  1 
ATOM   672  N  N   . ASN A 1 98  ? 8.709   4.620   -15.747 1.00 68.71 ? 144 ASN A N   1 
ATOM   673  C  CA  . ASN A 1 98  ? 9.617   5.246   -14.792 1.00 71.75 ? 144 ASN A CA  1 
ATOM   674  C  C   . ASN A 1 98  ? 10.718  4.284   -14.342 1.00 75.17 ? 144 ASN A C   1 
ATOM   675  O  O   . ASN A 1 98  ? 10.450  3.308   -13.633 1.00 74.19 ? 144 ASN A O   1 
ATOM   676  C  CB  . ASN A 1 98  ? 8.848   5.792   -13.583 1.00 70.73 ? 144 ASN A CB  1 
ATOM   677  C  CG  . ASN A 1 98  ? 9.610   6.887   -12.851 1.00 72.55 ? 144 ASN A CG  1 
ATOM   678  O  OD1 . ASN A 1 98  ? 10.842  6.904   -12.842 1.00 70.22 ? 144 ASN A OD1 1 
ATOM   679  N  ND2 . ASN A 1 98  ? 8.875   7.814   -12.239 1.00 68.12 ? 144 ASN A ND2 1 
ATOM   680  N  N   . PRO A 1 99  ? 11.964  4.564   -14.754 1.00 71.33 ? 145 PRO A N   1 
ATOM   681  C  CA  . PRO A 1 99  ? 13.140  3.728   -14.473 1.00 72.89 ? 145 PRO A CA  1 
ATOM   682  C  C   . PRO A 1 99  ? 13.580  3.765   -13.006 1.00 71.62 ? 145 PRO A C   1 
ATOM   683  O  O   . PRO A 1 99  ? 14.056  2.755   -12.485 1.00 70.51 ? 145 PRO A O   1 
ATOM   684  C  CB  . PRO A 1 99  ? 14.226  4.350   -15.360 1.00 71.66 ? 145 PRO A CB  1 
ATOM   685  C  CG  . PRO A 1 99  ? 13.813  5.782   -15.503 1.00 71.42 ? 145 PRO A CG  1 
ATOM   686  C  CD  . PRO A 1 99  ? 12.309  5.761   -15.545 1.00 72.08 ? 145 PRO A CD  1 
ATOM   687  N  N   . GLN A 1 100 ? 13.427  4.913   -12.351 1.00 68.42 ? 146 GLN A N   1 
ATOM   688  C  CA  . GLN A 1 100 ? 13.867  5.063   -10.964 1.00 72.47 ? 146 GLN A CA  1 
ATOM   689  C  C   . GLN A 1 100 ? 13.102  4.162   -9.990  1.00 68.31 ? 146 GLN A C   1 
ATOM   690  O  O   . GLN A 1 100 ? 13.649  3.740   -8.971  1.00 68.55 ? 146 GLN A O   1 
ATOM   691  C  CB  . GLN A 1 100 ? 13.774  6.527   -10.521 1.00 68.95 ? 146 GLN A CB  1 
ATOM   692  N  N   . SER A 1 101 ? 11.844  3.861   -10.303 1.00 67.26 ? 147 SER A N   1 
ATOM   693  C  CA  . SER A 1 101 ? 11.018  3.051   -9.407  1.00 66.29 ? 147 SER A CA  1 
ATOM   694  C  C   . SER A 1 101 ? 10.860  1.601   -9.873  1.00 63.46 ? 147 SER A C   1 
ATOM   695  O  O   . SER A 1 101 ? 10.075  0.838   -9.300  1.00 57.94 ? 147 SER A O   1 
ATOM   696  C  CB  . SER A 1 101 ? 9.646   3.707   -9.185  1.00 66.00 ? 147 SER A CB  1 
ATOM   697  O  OG  . SER A 1 101 ? 8.921   3.838   -10.397 1.00 67.25 ? 147 SER A OG  1 
ATOM   698  N  N   . GLN A 1 102 ? 11.616  1.221   -10.902 1.00 64.96 ? 148 GLN A N   1 
ATOM   699  C  CA  . GLN A 1 102 ? 11.546  -0.134  -11.450 1.00 64.23 ? 148 GLN A CA  1 
ATOM   700  C  C   . GLN A 1 102 ? 11.657  -1.200  -10.361 1.00 62.04 ? 148 GLN A C   1 
ATOM   701  O  O   . GLN A 1 102 ? 12.684  -1.315  -9.687  1.00 62.87 ? 148 GLN A O   1 
ATOM   702  C  CB  . GLN A 1 102 ? 12.631  -0.349  -12.510 1.00 65.43 ? 148 GLN A CB  1 
ATOM   703  N  N   . GLY A 1 103 ? 10.588  -1.971  -10.184 1.00 58.33 ? 149 GLY A N   1 
ATOM   704  C  CA  . GLY A 1 103 ? 10.601  -3.084  -9.252  1.00 56.27 ? 149 GLY A CA  1 
ATOM   705  C  C   . GLY A 1 103 ? 10.579  -2.696  -7.783  1.00 51.77 ? 149 GLY A C   1 
ATOM   706  O  O   . GLY A 1 103 ? 10.658  -3.566  -6.917  1.00 49.45 ? 149 GLY A O   1 
ATOM   707  N  N   . VAL A 1 104 ? 10.473  -1.402  -7.496  1.00 50.14 ? 150 VAL A N   1 
ATOM   708  C  CA  . VAL A 1 104 ? 10.309  -0.948  -6.113  1.00 50.75 ? 150 VAL A CA  1 
ATOM   709  C  C   . VAL A 1 104 ? 9.067   -1.558  -5.442  1.00 46.07 ? 150 VAL A C   1 
ATOM   710  O  O   . VAL A 1 104 ? 9.159   -2.101  -4.348  1.00 41.43 ? 150 VAL A O   1 
ATOM   711  C  CB  . VAL A 1 104 ? 10.230  0.583   -6.001  1.00 50.23 ? 150 VAL A CB  1 
ATOM   712  C  CG1 . VAL A 1 104 ? 9.717   0.977   -4.618  1.00 51.42 ? 150 VAL A CG1 1 
ATOM   713  C  CG2 . VAL A 1 104 ? 11.587  1.215   -6.263  1.00 50.46 ? 150 VAL A CG2 1 
ATOM   714  N  N   . ILE A 1 105 ? 7.910   -1.471  -6.093  1.00 43.36 ? 151 ILE A N   1 
ATOM   715  C  CA  . ILE A 1 105 ? 6.681   -1.995  -5.497  1.00 45.03 ? 151 ILE A CA  1 
ATOM   716  C  C   . ILE A 1 105 ? 6.768   -3.498  -5.324  1.00 42.66 ? 151 ILE A C   1 
ATOM   717  O  O   . ILE A 1 105 ? 6.337   -4.047  -4.311  1.00 37.59 ? 151 ILE A O   1 
ATOM   718  C  CB  . ILE A 1 105 ? 5.441   -1.688  -6.348  1.00 44.14 ? 151 ILE A CB  1 
ATOM   719  C  CG1 . ILE A 1 105 ? 5.315   -0.186  -6.592  1.00 42.10 ? 151 ILE A CG1 1 
ATOM   720  C  CG2 . ILE A 1 105 ? 4.182   -2.245  -5.677  1.00 42.58 ? 151 ILE A CG2 1 
ATOM   721  C  CD1 . ILE A 1 105 ? 5.113   0.589   -5.351  1.00 44.43 ? 151 ILE A CD1 1 
ATOM   722  N  N   . GLU A 1 106 ? 7.323   -4.163  -6.332  1.00 44.64 ? 152 GLU A N   1 
ATOM   723  C  CA  . GLU A 1 106 ? 7.544   -5.603  -6.295  1.00 44.03 ? 152 GLU A CA  1 
ATOM   724  C  C   . GLU A 1 106 ? 8.413   -5.987  -5.104  1.00 44.75 ? 152 GLU A C   1 
ATOM   725  O  O   . GLU A 1 106 ? 8.092   -6.907  -4.348  1.00 45.32 ? 152 GLU A O   1 
ATOM   726  C  CB  . GLU A 1 106 ? 8.233   -6.039  -7.593  1.00 51.20 ? 152 GLU A CB  1 
ATOM   727  C  CG  . GLU A 1 106 ? 8.527   -7.523  -7.691  1.00 56.01 ? 152 GLU A CG  1 
ATOM   728  C  CD  . GLU A 1 106 ? 8.902   -7.935  -9.114  1.00 65.10 ? 152 GLU A CD  1 
ATOM   729  O  OE1 . GLU A 1 106 ? 8.691   -9.118  -9.464  1.00 67.06 ? 152 GLU A OE1 1 
ATOM   730  O  OE2 . GLU A 1 106 ? 9.403   -7.073  -9.879  1.00 60.64 ? 152 GLU A OE2 1 
ATOM   731  N  N   . SER A 1 107 ? 9.518   -5.269  -4.948  1.00 45.70 ? 153 SER A N   1 
ATOM   732  C  CA  . SER A 1 107 ? 10.454  -5.521  -3.862  1.00 47.47 ? 153 SER A CA  1 
ATOM   733  C  C   . SER A 1 107 ? 9.804   -5.300  -2.487  1.00 43.31 ? 153 SER A C   1 
ATOM   734  O  O   . SER A 1 107 ? 9.955   -6.118  -1.587  1.00 45.42 ? 153 SER A O   1 
ATOM   735  C  CB  . SER A 1 107 ? 11.689  -4.633  -4.026  1.00 48.78 ? 153 SER A CB  1 
ATOM   736  O  OG  . SER A 1 107 ? 12.629  -4.877  -2.997  1.00 55.45 ? 153 SER A OG  1 
ATOM   737  N  N   . MET A 1 108 ? 9.065   -4.207  -2.329  1.00 41.76 ? 154 MET A N   1 
ATOM   738  C  CA  . MET A 1 108 ? 8.412   -3.945  -1.048  1.00 40.40 ? 154 MET A CA  1 
ATOM   739  C  C   . MET A 1 108 ? 7.402   -5.031  -0.666  1.00 41.16 ? 154 MET A C   1 
ATOM   740  O  O   . MET A 1 108 ? 7.363   -5.473  0.487   1.00 42.09 ? 154 MET A O   1 
ATOM   741  C  CB  . MET A 1 108 ? 7.769   -2.558  -1.044  1.00 39.36 ? 154 MET A CB  1 
ATOM   742  C  CG  . MET A 1 108 ? 8.736   -1.415  -1.327  1.00 36.24 ? 154 MET A CG  1 
ATOM   743  S  SD  . MET A 1 108 ? 10.089  -1.295  -0.121  1.00 44.77 ? 154 MET A SD  1 
ATOM   744  C  CE  . MET A 1 108 ? 11.266  -2.491  -0.786  1.00 44.73 ? 154 MET A CE  1 
ATOM   745  N  N   . ASN A 1 109 ? 6.581   -5.466  -1.621  1.00 39.14 ? 155 ASN A N   1 
ATOM   746  C  CA  . ASN A 1 109 ? 5.651   -6.563  -1.360  1.00 40.60 ? 155 ASN A CA  1 
ATOM   747  C  C   . ASN A 1 109 ? 6.386   -7.837  -1.000  1.00 42.40 ? 155 ASN A C   1 
ATOM   748  O  O   . ASN A 1 109 ? 5.916   -8.628  -0.191  1.00 40.53 ? 155 ASN A O   1 
ATOM   749  C  CB  . ASN A 1 109 ? 4.733   -6.820  -2.560  1.00 43.46 ? 155 ASN A CB  1 
ATOM   750  C  CG  . ASN A 1 109 ? 3.494   -5.945  -2.533  1.00 41.68 ? 155 ASN A CG  1 
ATOM   751  O  OD1 . ASN A 1 109 ? 2.470   -6.323  -1.965  1.00 42.74 ? 155 ASN A OD1 1 
ATOM   752  N  ND2 . ASN A 1 109 ? 3.589   -4.766  -3.130  1.00 39.51 ? 155 ASN A ND2 1 
ATOM   753  N  N   . LYS A 1 110 ? 7.546   -8.025  -1.623  1.00 46.97 ? 156 LYS A N   1 
ATOM   754  C  CA  . LYS A 1 110 ? 8.391   -9.175  -1.343  1.00 47.94 ? 156 LYS A CA  1 
ATOM   755  C  C   . LYS A 1 110 ? 8.929   -9.141  0.094   1.00 42.39 ? 156 LYS A C   1 
ATOM   756  O  O   . LYS A 1 110 ? 8.883   -10.143 0.806   1.00 46.14 ? 156 LYS A O   1 
ATOM   757  C  CB  . LYS A 1 110 ? 9.528   -9.241  -2.366  1.00 47.06 ? 156 LYS A CB  1 
ATOM   758  C  CG  . LYS A 1 110 ? 10.209  -10.601 -2.472  1.00 58.28 ? 156 LYS A CG  1 
ATOM   759  C  CD  . LYS A 1 110 ? 10.854  -10.786 -3.850  1.00 61.49 ? 156 LYS A CD  1 
ATOM   760  C  CE  . LYS A 1 110 ? 9.794   -10.960 -4.937  1.00 63.59 ? 156 LYS A CE  1 
ATOM   761  N  NZ  . LYS A 1 110 ? 10.363  -11.058 -6.317  1.00 65.43 ? 156 LYS A NZ  1 
ATOM   762  N  N   . GLU A 1 111 ? 9.422   -7.987  0.525   1.00 45.07 ? 157 GLU A N   1 
ATOM   763  C  CA  . GLU A 1 111 ? 9.907   -7.835  1.905   1.00 45.43 ? 157 GLU A CA  1 
ATOM   764  C  C   . GLU A 1 111 ? 8.781   -8.026  2.918   1.00 43.63 ? 157 GLU A C   1 
ATOM   765  O  O   . GLU A 1 111 ? 8.928   -8.764  3.899   1.00 45.25 ? 157 GLU A O   1 
ATOM   766  C  CB  . GLU A 1 111 ? 10.554  -6.463  2.112   1.00 47.94 ? 157 GLU A CB  1 
ATOM   767  C  CG  . GLU A 1 111 ? 11.473  -5.996  0.982   1.00 50.56 ? 157 GLU A CG  1 
ATOM   768  C  CD  . GLU A 1 111 ? 12.828  -6.704  0.951   1.00 61.44 ? 157 GLU A CD  1 
ATOM   769  O  OE1 . GLU A 1 111 ? 13.790  -6.097  0.426   1.00 66.59 ? 157 GLU A OE1 1 
ATOM   770  O  OE2 . GLU A 1 111 ? 12.937  -7.862  1.429   1.00 62.26 ? 157 GLU A OE2 1 
ATOM   771  N  N   . LEU A 1 112 ? 7.650   -7.359  2.688   1.00 42.60 ? 158 LEU A N   1 
ATOM   772  C  CA  . LEU A 1 112 ? 6.493   -7.523  3.567   1.00 39.97 ? 158 LEU A CA  1 
ATOM   773  C  C   . LEU A 1 112 ? 6.097   -8.992  3.701   1.00 40.28 ? 158 LEU A C   1 
ATOM   774  O  O   . LEU A 1 112 ? 5.861   -9.489  4.808   1.00 40.50 ? 158 LEU A O   1 
ATOM   775  C  CB  . LEU A 1 112 ? 5.291   -6.712  3.065   1.00 41.25 ? 158 LEU A CB  1 
ATOM   776  C  CG  . LEU A 1 112 ? 4.094   -6.728  4.029   1.00 39.33 ? 158 LEU A CG  1 
ATOM   777  C  CD1 . LEU A 1 112 ? 4.456   -5.956  5.291   1.00 37.42 ? 158 LEU A CD1 1 
ATOM   778  C  CD2 . LEU A 1 112 ? 2.806   -6.159  3.392   1.00 35.50 ? 158 LEU A CD2 1 
ATOM   779  N  N   . LYS A 1 113 ? 6.025   -9.692  2.573   1.00 43.20 ? 159 LYS A N   1 
ATOM   780  C  CA  . LYS A 1 113 ? 5.666   -11.109 2.607   1.00 45.31 ? 159 LYS A CA  1 
ATOM   781  C  C   . LYS A 1 113 ? 6.679   -11.885 3.440   1.00 42.81 ? 159 LYS A C   1 
ATOM   782  O  O   . LYS A 1 113 ? 6.317   -12.740 4.245   1.00 43.34 ? 159 LYS A O   1 
ATOM   783  C  CB  . LYS A 1 113 ? 5.612   -11.689 1.197   1.00 48.17 ? 159 LYS A CB  1 
ATOM   784  C  CG  . LYS A 1 113 ? 4.629   -12.842 1.043   1.00 53.83 ? 159 LYS A CG  1 
ATOM   785  C  CD  . LYS A 1 113 ? 3.211   -12.370 1.309   1.00 54.67 ? 159 LYS A CD  1 
ATOM   786  C  CE  . LYS A 1 113 ? 2.924   -11.069 0.573   1.00 55.89 ? 159 LYS A CE  1 
ATOM   787  N  NZ  . LYS A 1 113 ? 2.139   -10.106 1.407   1.00 55.31 ? 159 LYS A NZ  1 
ATOM   788  N  N   . LYS A 1 114 ? 7.954   -11.569 3.241   1.00 43.69 ? 160 LYS A N   1 
ATOM   789  C  CA  . LYS A 1 114 ? 9.042   -12.238 3.958   1.00 43.53 ? 160 LYS A CA  1 
ATOM   790  C  C   . LYS A 1 114 ? 8.951   -11.997 5.463   1.00 44.81 ? 160 LYS A C   1 
ATOM   791  O  O   . LYS A 1 114 ? 9.069   -12.926 6.255   1.00 48.64 ? 160 LYS A O   1 
ATOM   792  C  CB  . LYS A 1 114 ? 10.388  -11.744 3.425   1.00 48.59 ? 160 LYS A CB  1 
ATOM   793  C  CG  . LYS A 1 114 ? 11.610  -12.424 4.031   1.00 53.88 ? 160 LYS A CG  1 
ATOM   794  C  CD  . LYS A 1 114 ? 12.872  -11.827 3.440   1.00 58.22 ? 160 LYS A CD  1 
ATOM   795  C  CE  . LYS A 1 114 ? 14.114  -12.551 3.928   1.00 64.20 ? 160 LYS A CE  1 
ATOM   796  N  NZ  . LYS A 1 114 ? 15.333  -11.965 3.306   1.00 68.20 ? 160 LYS A NZ  1 
ATOM   797  N  N   . ILE A 1 115 ? 8.732   -10.745 5.862   1.00 45.39 ? 161 ILE A N   1 
ATOM   798  C  CA  . ILE A 1 115 ? 8.550   -10.418 7.280   1.00 39.42 ? 161 ILE A CA  1 
ATOM   799  C  C   . ILE A 1 115 ? 7.323   -11.112 7.872   1.00 43.60 ? 161 ILE A C   1 
ATOM   800  O  O   . ILE A 1 115 ? 7.385   -11.660 8.972   1.00 42.66 ? 161 ILE A O   1 
ATOM   801  C  CB  . ILE A 1 115 ? 8.435   -8.890  7.510   1.00 41.84 ? 161 ILE A CB  1 
ATOM   802  C  CG1 . ILE A 1 115 ? 9.697   -8.177  7.026   1.00 40.99 ? 161 ILE A CG1 1 
ATOM   803  C  CG2 . ILE A 1 115 ? 8.148   -8.578  8.977   1.00 37.36 ? 161 ILE A CG2 1 
ATOM   804  C  CD1 . ILE A 1 115 ? 9.464   -6.733  6.658   1.00 40.26 ? 161 ILE A CD1 1 
ATOM   805  N  N   . ILE A 1 116 ? 6.202   -11.079 7.159   1.00 42.48 ? 162 ILE A N   1 
ATOM   806  C  CA  . ILE A 1 116 ? 4.999   -11.750 7.640   1.00 40.23 ? 162 ILE A CA  1 
ATOM   807  C  C   . ILE A 1 116 ? 5.328   -13.196 7.996   1.00 46.28 ? 162 ILE A C   1 
ATOM   808  O  O   . ILE A 1 116 ? 4.886   -13.715 9.027   1.00 44.62 ? 162 ILE A O   1 
ATOM   809  C  CB  . ILE A 1 116 ? 3.872   -11.714 6.593   1.00 43.55 ? 162 ILE A CB  1 
ATOM   810  C  CG1 . ILE A 1 116 ? 3.258   -10.314 6.533   1.00 40.53 ? 162 ILE A CG1 1 
ATOM   811  C  CG2 . ILE A 1 116 ? 2.801   -12.746 6.922   1.00 44.98 ? 162 ILE A CG2 1 
ATOM   812  C  CD1 . ILE A 1 116 ? 2.297   -10.128 5.389   1.00 42.03 ? 162 ILE A CD1 1 
ATOM   813  N  N   . GLY A 1 117 ? 6.111   -13.841 7.137   1.00 44.58 ? 163 GLY A N   1 
ATOM   814  C  CA  . GLY A 1 117 ? 6.548   -15.206 7.392   1.00 47.62 ? 163 GLY A CA  1 
ATOM   815  C  C   . GLY A 1 117 ? 7.344   -15.362 8.676   1.00 46.49 ? 163 GLY A C   1 
ATOM   816  O  O   . GLY A 1 117 ? 7.152   -16.320 9.428   1.00 52.28 ? 163 GLY A O   1 
ATOM   817  N  N   . GLN A 1 118 ? 8.239   -14.412 8.931   1.00 46.80 ? 164 GLN A N   1 
ATOM   818  C  CA  . GLN A 1 118 ? 9.114   -14.459 10.102  1.00 46.45 ? 164 GLN A CA  1 
ATOM   819  C  C   . GLN A 1 118 ? 8.394   -14.296 11.442  1.00 51.50 ? 164 GLN A C   1 
ATOM   820  O  O   . GLN A 1 118 ? 8.832   -14.850 12.450  1.00 53.04 ? 164 GLN A O   1 
ATOM   821  C  CB  . GLN A 1 118 ? 10.215  -13.399 9.970   1.00 51.21 ? 164 GLN A CB  1 
ATOM   822  C  CG  . GLN A 1 118 ? 11.170  -13.668 8.818   1.00 56.72 ? 164 GLN A CG  1 
ATOM   823  C  CD  . GLN A 1 118 ? 12.203  -12.575 8.642   1.00 54.83 ? 164 GLN A CD  1 
ATOM   824  O  OE1 . GLN A 1 118 ? 12.026  -11.451 9.119   1.00 58.57 ? 164 GLN A OE1 1 
ATOM   825  N  NE2 . GLN A 1 118 ? 13.292  -12.898 7.951   1.00 55.88 ? 164 GLN A NE2 1 
ATOM   826  N  N   . VAL A 1 119 ? 7.301   -13.533 11.457  1.00 48.28 ? 165 VAL A N   1 
ATOM   827  C  CA  . VAL A 1 119 ? 6.609   -13.225 12.698  1.00 43.57 ? 165 VAL A CA  1 
ATOM   828  C  C   . VAL A 1 119 ? 5.291   -13.994 12.834  1.00 45.44 ? 165 VAL A C   1 
ATOM   829  O  O   . VAL A 1 119 ? 4.647   -13.940 13.875  1.00 44.53 ? 165 VAL A O   1 
ATOM   830  C  CB  . VAL A 1 119 ? 6.296   -11.709 12.812  1.00 43.98 ? 165 VAL A CB  1 
ATOM   831  C  CG1 . VAL A 1 119 ? 7.560   -10.868 12.659  1.00 40.29 ? 165 VAL A CG1 1 
ATOM   832  C  CG2 . VAL A 1 119 ? 5.262   -11.306 11.771  1.00 38.94 ? 165 VAL A CG2 1 
ATOM   833  N  N   . ARG A 1 120 ? 4.879   -14.696 11.784  1.00 45.19 ? 166 ARG A N   1 
ATOM   834  C  CA  . ARG A 1 120 ? 3.542   -15.302 11.778  1.00 46.15 ? 166 ARG A CA  1 
ATOM   835  C  C   . ARG A 1 120 ? 3.221   -16.163 13.009  1.00 48.96 ? 166 ARG A C   1 
ATOM   836  O  O   . ARG A 1 120 ? 2.088   -16.159 13.505  1.00 47.01 ? 166 ARG A O   1 
ATOM   837  C  CB  . ARG A 1 120 ? 3.311   -16.111 10.496  1.00 46.86 ? 166 ARG A CB  1 
ATOM   838  C  CG  . ARG A 1 120 ? 1.934   -16.758 10.420  1.00 44.11 ? 166 ARG A CG  1 
ATOM   839  C  CD  . ARG A 1 120 ? 0.843   -15.720 10.277  1.00 43.99 ? 166 ARG A CD  1 
ATOM   840  N  NE  . ARG A 1 120 ? -0.499  -16.299 10.301  1.00 40.46 ? 166 ARG A NE  1 
ATOM   841  C  CZ  . ARG A 1 120 ? -1.177  -16.535 11.418  1.00 39.96 ? 166 ARG A CZ  1 
ATOM   842  N  NH1 . ARG A 1 120 ? -0.632  -16.249 12.594  1.00 41.06 ? 166 ARG A NH1 1 
ATOM   843  N  NH2 . ARG A 1 120 ? -2.399  -17.046 11.363  1.00 36.92 ? 166 ARG A NH2 1 
ATOM   844  N  N   . ASP A 1 121 ? 4.212   -16.896 13.506  1.00 49.59 ? 167 ASP A N   1 
ATOM   845  C  CA  . ASP A 1 121 ? 3.961   -17.844 14.589  1.00 52.09 ? 167 ASP A CA  1 
ATOM   846  C  C   . ASP A 1 121 ? 3.776   -17.170 15.941  1.00 51.54 ? 167 ASP A C   1 
ATOM   847  O  O   . ASP A 1 121 ? 3.388   -17.821 16.914  1.00 49.84 ? 167 ASP A O   1 
ATOM   848  C  CB  . ASP A 1 121 ? 5.082   -18.883 14.677  1.00 57.33 ? 167 ASP A CB  1 
ATOM   849  C  CG  . ASP A 1 121 ? 6.443   -18.253 14.886  1.00 60.80 ? 167 ASP A CG  1 
ATOM   850  O  OD1 . ASP A 1 121 ? 7.283   -18.339 13.962  1.00 64.57 ? 167 ASP A OD1 1 
ATOM   851  O  OD2 . ASP A 1 121 ? 6.669   -17.661 15.968  1.00 58.59 ? 167 ASP A OD2 1 
ATOM   852  N  N   . GLN A 1 122 ? 4.058   -15.874 16.009  1.00 48.56 ? 168 GLN A N   1 
ATOM   853  C  CA  . GLN A 1 122 ? 3.912   -15.137 17.262  1.00 50.54 ? 168 GLN A CA  1 
ATOM   854  C  C   . GLN A 1 122 ? 2.474   -14.717 17.531  1.00 48.86 ? 168 GLN A C   1 
ATOM   855  O  O   . GLN A 1 122 ? 2.117   -14.366 18.655  1.00 47.69 ? 168 GLN A O   1 
ATOM   856  C  CB  . GLN A 1 122 ? 4.837   -13.919 17.278  1.00 51.22 ? 168 GLN A CB  1 
ATOM   857  C  CG  . GLN A 1 122 ? 6.297   -14.275 17.528  1.00 57.52 ? 168 GLN A CG  1 
ATOM   858  C  CD  . GLN A 1 122 ? 7.220   -13.865 16.395  1.00 54.91 ? 168 GLN A CD  1 
ATOM   859  O  OE1 . GLN A 1 122 ? 7.334   -12.684 16.067  1.00 59.59 ? 168 GLN A OE1 1 
ATOM   860  N  NE2 . GLN A 1 122 ? 7.897   -14.844 15.795  1.00 56.30 ? 168 GLN A NE2 1 
ATOM   861  N  N   . ALA A 1 123 ? 1.641   -14.754 16.497  1.00 43.25 ? 169 ALA A N   1 
ATOM   862  C  CA  . ALA A 1 123 ? 0.268   -14.296 16.642  1.00 46.79 ? 169 ALA A CA  1 
ATOM   863  C  C   . ALA A 1 123 ? -0.719  -15.375 16.244  1.00 44.01 ? 169 ALA A C   1 
ATOM   864  O  O   . ALA A 1 123 ? -0.403  -16.243 15.438  1.00 48.50 ? 169 ALA A O   1 
ATOM   865  C  CB  . ALA A 1 123 ? 0.040   -13.034 15.800  1.00 43.29 ? 169 ALA A CB  1 
ATOM   866  N  N   . GLU A 1 124 ? -1.913  -15.306 16.814  1.00 40.28 ? 170 GLU A N   1 
ATOM   867  C  CA  . GLU A 1 124 ? -3.010  -16.181 16.427  1.00 44.18 ? 170 GLU A CA  1 
ATOM   868  C  C   . GLU A 1 124 ? -3.557  -15.788 15.058  1.00 46.00 ? 170 GLU A C   1 
ATOM   869  O  O   . GLU A 1 124 ? -3.736  -16.634 14.175  1.00 44.48 ? 170 GLU A O   1 
ATOM   870  C  CB  . GLU A 1 124 ? -4.125  -16.115 17.469  1.00 44.70 ? 170 GLU A CB  1 
ATOM   871  C  CG  . GLU A 1 124 ? -5.326  -16.971 17.133  1.00 50.51 ? 170 GLU A CG  1 
ATOM   872  C  CD  . GLU A 1 124 ? -6.369  -16.992 18.240  1.00 50.44 ? 170 GLU A CD  1 
ATOM   873  O  OE1 . GLU A 1 124 ? -6.088  -16.486 19.346  1.00 54.29 ? 170 GLU A OE1 1 
ATOM   874  O  OE2 . GLU A 1 124 ? -7.479  -17.511 17.994  1.00 57.20 ? 170 GLU A OE2 1 
ATOM   875  N  N   . HIS A 1 125 ? -3.801  -14.497 14.866  1.00 38.20 ? 171 HIS A N   1 
ATOM   876  C  CA  . HIS A 1 125 ? -4.483  -14.060 13.649  1.00 38.95 ? 171 HIS A CA  1 
ATOM   877  C  C   . HIS A 1 125 ? -3.525  -13.530 12.607  1.00 37.81 ? 171 HIS A C   1 
ATOM   878  O  O   . HIS A 1 125 ? -2.575  -12.812 12.923  1.00 34.11 ? 171 HIS A O   1 
ATOM   879  C  CB  . HIS A 1 125 ? -5.500  -12.981 13.971  1.00 37.86 ? 171 HIS A CB  1 
ATOM   880  C  CG  . HIS A 1 125 ? -6.453  -13.350 15.057  1.00 38.73 ? 171 HIS A CG  1 
ATOM   881  N  ND1 . HIS A 1 125 ? -7.316  -14.419 14.957  1.00 45.64 ? 171 HIS A ND1 1 
ATOM   882  C  CD2 . HIS A 1 125 ? -6.709  -12.768 16.249  1.00 39.21 ? 171 HIS A CD2 1 
ATOM   883  C  CE1 . HIS A 1 125 ? -8.052  -14.490 16.051  1.00 44.35 ? 171 HIS A CE1 1 
ATOM   884  N  NE2 . HIS A 1 125 ? -7.701  -13.500 16.852  1.00 44.07 ? 171 HIS A NE2 1 
ATOM   885  N  N   . LEU A 1 126 ? -3.776  -13.878 11.353  1.00 35.96 ? 172 LEU A N   1 
ATOM   886  C  CA  . LEU A 1 126 ? -2.990  -13.328 10.267  1.00 34.50 ? 172 LEU A CA  1 
ATOM   887  C  C   . LEU A 1 126 ? -2.986  -11.796 10.332  1.00 34.51 ? 172 LEU A C   1 
ATOM   888  O  O   . LEU A 1 126 ? -1.964  -11.159 10.101  1.00 34.73 ? 172 LEU A O   1 
ATOM   889  C  CB  . LEU A 1 126 ? -3.543  -13.796 8.918   1.00 38.84 ? 172 LEU A CB  1 
ATOM   890  C  CG  . LEU A 1 126 ? -2.930  -13.165 7.667   1.00 35.17 ? 172 LEU A CG  1 
ATOM   891  C  CD1 . LEU A 1 126 ? -1.459  -13.481 7.587   1.00 35.33 ? 172 LEU A CD1 1 
ATOM   892  C  CD2 . LEU A 1 126 ? -3.651  -13.642 6.407   1.00 42.66 ? 172 LEU A CD2 1 
ATOM   893  N  N   . LYS A 1 127 ? -4.122  -11.193 10.655  1.00 33.58 ? 173 LYS A N   1 
ATOM   894  C  CA  . LYS A 1 127 ? -4.201  -9.731  10.558  1.00 35.56 ? 173 LYS A CA  1 
ATOM   895  C  C   . LYS A 1 127 ? -3.215  -9.096  11.533  1.00 29.52 ? 173 LYS A C   1 
ATOM   896  O  O   . LYS A 1 127 ? -2.635  -8.046  11.261  1.00 30.50 ? 173 LYS A O   1 
ATOM   897  C  CB  . LYS A 1 127 ? -5.619  -9.237  10.822  1.00 32.84 ? 173 LYS A CB  1 
ATOM   898  C  CG  . LYS A 1 127 ? -6.126  -9.514  12.221  1.00 36.22 ? 173 LYS A CG  1 
ATOM   899  C  CD  . LYS A 1 127 ? -7.477  -8.819  12.416  1.00 40.71 ? 173 LYS A CD  1 
ATOM   900  C  CE  . LYS A 1 127 ? -8.179  -9.274  13.677  1.00 46.15 ? 173 LYS A CE  1 
ATOM   901  N  NZ  . LYS A 1 127 ? -9.372  -8.393  13.929  1.00 52.31 ? 173 LYS A NZ  1 
ATOM   902  N  N   . THR A 1 128 ? -3.021  -9.754  12.668  1.00 32.37 ? 174 THR A N   1 
ATOM   903  C  CA  . THR A 1 128 ? -2.074  -9.270  13.667  1.00 31.22 ? 174 THR A CA  1 
ATOM   904  C  C   . THR A 1 128 ? -0.662  -9.358  13.119  1.00 32.64 ? 174 THR A C   1 
ATOM   905  O  O   . THR A 1 128 ? 0.135   -8.431  13.249  1.00 28.76 ? 174 THR A O   1 
ATOM   906  C  CB  . THR A 1 128 ? -2.173  -10.098 14.949  1.00 31.18 ? 174 THR A CB  1 
ATOM   907  O  OG1 . THR A 1 128 ? -3.520  -10.064 15.417  1.00 31.46 ? 174 THR A OG1 1 
ATOM   908  C  CG2 . THR A 1 128 ? -1.261  -9.540  16.021  1.00 34.70 ? 174 THR A CG2 1 
ATOM   909  N  N   . ALA A 1 129 ? -0.349  -10.492 12.505  1.00 34.81 ? 175 ALA A N   1 
ATOM   910  C  CA  . ALA A 1 129 ? 0.972   -10.690 11.927  1.00 32.50 ? 175 ALA A CA  1 
ATOM   911  C  C   . ALA A 1 129 ? 1.254   -9.672  10.821  1.00 32.44 ? 175 ALA A C   1 
ATOM   912  O  O   . ALA A 1 129 ? 2.377   -9.169  10.681  1.00 30.84 ? 175 ALA A O   1 
ATOM   913  C  CB  . ALA A 1 129 ? 1.098   -12.121 11.395  1.00 35.52 ? 175 ALA A CB  1 
ATOM   914  N  N   . VAL A 1 130 ? 0.235   -9.363  10.026  1.00 28.99 ? 176 VAL A N   1 
ATOM   915  C  CA  . VAL A 1 130 ? 0.386   -8.369  8.972   1.00 29.38 ? 176 VAL A CA  1 
ATOM   916  C  C   . VAL A 1 130 ? 0.762   -7.007  9.548   1.00 27.37 ? 176 VAL A C   1 
ATOM   917  O  O   . VAL A 1 130 ? 1.639   -6.333  9.028   1.00 26.29 ? 176 VAL A O   1 
ATOM   918  C  CB  . VAL A 1 130 ? -0.919  -8.227  8.151   1.00 29.94 ? 176 VAL A CB  1 
ATOM   919  C  CG1 . VAL A 1 130 ? -0.850  -7.016  7.201   1.00 34.10 ? 176 VAL A CG1 1 
ATOM   920  C  CG2 . VAL A 1 130 ? -1.209  -9.529  7.387   1.00 33.31 ? 176 VAL A CG2 1 
ATOM   921  N  N   . GLN A 1 131 ? 0.082   -6.594  10.613  1.00 28.27 ? 177 GLN A N   1 
ATOM   922  C  CA  . GLN A 1 131 ? 0.358   -5.282  11.180  1.00 28.90 ? 177 GLN A CA  1 
ATOM   923  C  C   . GLN A 1 131 ? 1.746   -5.236  11.841  1.00 28.36 ? 177 GLN A C   1 
ATOM   924  O  O   . GLN A 1 131 ? 2.423   -4.206  11.816  1.00 27.07 ? 177 GLN A O   1 
ATOM   925  C  CB  . GLN A 1 131 ? -0.754  -4.851  12.130  1.00 27.65 ? 177 GLN A CB  1 
ATOM   926  C  CG  . GLN A 1 131 ? -2.159  -4.785  11.430  1.00 27.60 ? 177 GLN A CG  1 
ATOM   927  C  CD  . GLN A 1 131 ? -2.113  -3.964  10.134  1.00 30.24 ? 177 GLN A CD  1 
ATOM   928  O  OE1 . GLN A 1 131 ? -1.275  -3.081  9.972   1.00 30.71 ? 177 GLN A OE1 1 
ATOM   929  N  NE2 . GLN A 1 131 ? -3.014  -4.254  9.220   1.00 32.01 ? 177 GLN A NE2 1 
ATOM   930  N  N   . MET A 1 132 ? 2.162   -6.345  12.437  1.00 29.93 ? 178 MET A N   1 
ATOM   931  C  CA  . MET A 1 132 ? 3.528   -6.434  12.968  1.00 32.29 ? 178 MET A CA  1 
ATOM   932  C  C   . MET A 1 132 ? 4.521   -6.302  11.831  1.00 29.55 ? 178 MET A C   1 
ATOM   933  O  O   . MET A 1 132 ? 5.529   -5.603  11.933  1.00 32.78 ? 178 MET A O   1 
ATOM   934  C  CB  . MET A 1 132 ? 3.750   -7.769  13.675  1.00 29.90 ? 178 MET A CB  1 
ATOM   935  C  CG  . MET A 1 132 ? 2.900   -7.981  14.915  1.00 33.53 ? 178 MET A CG  1 
ATOM   936  S  SD  . MET A 1 132 ? 2.817   -9.727  15.409  1.00 40.07 ? 178 MET A SD  1 
ATOM   937  C  CE  . MET A 1 132 ? 4.436   -9.958  16.128  1.00 38.31 ? 178 MET A CE  1 
ATOM   938  N  N   . ALA A 1 133 ? 4.231   -6.963  10.719  1.00 31.86 ? 179 ALA A N   1 
ATOM   939  C  CA  . ALA A 1 133 ? 5.116   -6.879  9.565   1.00 30.44 ? 179 ALA A CA  1 
ATOM   940  C  C   . ALA A 1 133 ? 5.179   -5.458  8.990   1.00 30.63 ? 179 ALA A C   1 
ATOM   941  O  O   . ALA A 1 133 ? 6.239   -4.985  8.589   1.00 33.22 ? 179 ALA A O   1 
ATOM   942  C  CB  . ALA A 1 133 ? 4.693   -7.876  8.518   1.00 34.38 ? 179 ALA A CB  1 
ATOM   943  N  N   . VAL A 1 134 ? 4.043   -4.768  8.954   1.00 31.93 ? 180 VAL A N   1 
ATOM   944  C  CA  . VAL A 1 134 ? 4.018   -3.379  8.512   1.00 25.38 ? 180 VAL A CA  1 
ATOM   945  C  C   . VAL A 1 134 ? 4.911   -2.463  9.386   1.00 28.13 ? 180 VAL A C   1 
ATOM   946  O  O   . VAL A 1 134 ? 5.671   -1.643  8.874   1.00 29.79 ? 180 VAL A O   1 
ATOM   947  C  CB  . VAL A 1 134 ? 2.574   -2.820  8.522   1.00 27.98 ? 180 VAL A CB  1 
ATOM   948  C  CG1 . VAL A 1 134 ? 2.578   -1.337  8.198   1.00 26.21 ? 180 VAL A CG1 1 
ATOM   949  C  CG2 . VAL A 1 134 ? 1.700   -3.587  7.504   1.00 30.89 ? 180 VAL A CG2 1 
ATOM   950  N  N   . PHE A 1 135 ? 4.761   -2.594  10.695  1.00 26.73 ? 181 PHE A N   1 
ATOM   951  C  CA  . PHE A 1 135 ? 5.581   -1.894  11.698  1.00 30.46 ? 181 PHE A CA  1 
ATOM   952  C  C   . PHE A 1 135 ? 7.071   -2.147  11.415  1.00 30.18 ? 181 PHE A C   1 
ATOM   953  O  O   . PHE A 1 135 ? 7.869   -1.211  11.244  1.00 31.62 ? 181 PHE A O   1 
ATOM   954  C  CB  . PHE A 1 135 ? 5.170   -2.450  13.065  1.00 28.00 ? 181 PHE A CB  1 
ATOM   955  C  CG  . PHE A 1 135 ? 5.890   -1.853  14.255  1.00 27.46 ? 181 PHE A CG  1 
ATOM   956  C  CD1 . PHE A 1 135 ? 7.233   -2.121  14.498  1.00 30.48 ? 181 PHE A CD1 1 
ATOM   957  C  CD2 . PHE A 1 135 ? 5.182   -1.117  15.196  1.00 32.34 ? 181 PHE A CD2 1 
ATOM   958  C  CE1 . PHE A 1 135 ? 7.882   -1.622  15.621  1.00 32.26 ? 181 PHE A CE1 1 
ATOM   959  C  CE2 . PHE A 1 135 ? 5.823   -0.611  16.328  1.00 30.85 ? 181 PHE A CE2 1 
ATOM   960  C  CZ  . PHE A 1 135 ? 7.176   -0.857  16.537  1.00 33.31 ? 181 PHE A CZ  1 
ATOM   961  N  N   . ILE A 1 136 ? 7.434   -3.417  11.336  1.00 31.33 ? 182 ILE A N   1 
ATOM   962  C  CA  . ILE A 1 136 ? 8.826   -3.792  11.077  1.00 31.94 ? 182 ILE A CA  1 
ATOM   963  C  C   . ILE A 1 136 ? 9.351   -3.184  9.780   1.00 34.83 ? 182 ILE A C   1 
ATOM   964  O  O   . ILE A 1 136 ? 10.424  -2.586  9.754   1.00 32.62 ? 182 ILE A O   1 
ATOM   965  C  CB  . ILE A 1 136 ? 8.983   -5.321  11.066  1.00 34.93 ? 182 ILE A CB  1 
ATOM   966  C  CG1 . ILE A 1 136 ? 8.758   -5.862  12.483  1.00 33.85 ? 182 ILE A CG1 1 
ATOM   967  C  CG2 . ILE A 1 136 ? 10.373  -5.719  10.549  1.00 39.50 ? 182 ILE A CG2 1 
ATOM   968  C  CD1 . ILE A 1 136 ? 8.425   -7.342  12.534  1.00 37.16 ? 182 ILE A CD1 1 
ATOM   969  N  N   . HIS A 1 137 ? 8.594   -3.348  8.700   1.00 30.32 ? 183 HIS A N   1 
ATOM   970  C  CA  . HIS A 1 137 ? 8.984   -2.793  7.412   1.00 29.21 ? 183 HIS A CA  1 
ATOM   971  C  C   . HIS A 1 137 ? 9.203   -1.299  7.449   1.00 35.48 ? 183 HIS A C   1 
ATOM   972  O  O   . HIS A 1 137 ? 10.233  -0.808  6.979   1.00 36.60 ? 183 HIS A O   1 
ATOM   973  C  CB  . HIS A 1 137 ? 7.931   -3.094  6.335   1.00 33.43 ? 183 HIS A CB  1 
ATOM   974  C  CG  . HIS A 1 137 ? 8.255   -2.469  5.019   1.00 35.77 ? 183 HIS A CG  1 
ATOM   975  N  ND1 . HIS A 1 137 ? 9.203   -2.995  4.165   1.00 35.60 ? 183 HIS A ND1 1 
ATOM   976  C  CD2 . HIS A 1 137 ? 7.812   -1.331  4.440   1.00 33.00 ? 183 HIS A CD2 1 
ATOM   977  C  CE1 . HIS A 1 137 ? 9.313   -2.214  3.104   1.00 39.91 ? 183 HIS A CE1 1 
ATOM   978  N  NE2 . HIS A 1 137 ? 8.476   -1.202  3.243   1.00 36.53 ? 183 HIS A NE2 1 
ATOM   979  N  N   . ASN A 1 138 ? 8.225   -0.564  7.979   1.00 29.02 ? 184 ASN A N   1 
ATOM   980  C  CA  . ASN A 1 138 ? 8.258   0.885   7.900   1.00 28.57 ? 184 ASN A CA  1 
ATOM   981  C  C   . ASN A 1 138 ? 9.420   1.486   8.720   1.00 33.19 ? 184 ASN A C   1 
ATOM   982  O  O   . ASN A 1 138 ? 9.938   2.552   8.399   1.00 34.98 ? 184 ASN A O   1 
ATOM   983  C  CB  . ASN A 1 138 ? 6.916   1.491   8.328   1.00 30.14 ? 184 ASN A CB  1 
ATOM   984  C  CG  . ASN A 1 138 ? 5.834   1.356   7.241   1.00 35.78 ? 184 ASN A CG  1 
ATOM   985  O  OD1 . ASN A 1 138 ? 6.150   1.135   6.075   1.00 31.13 ? 184 ASN A OD1 1 
ATOM   986  N  ND2 . ASN A 1 138 ? 4.561   1.492   7.627   1.00 27.60 ? 184 ASN A ND2 1 
ATOM   987  N  N   . LYS A 1 139 ? 9.824   0.790   9.768   1.00 30.78 ? 185 LYS A N   1 
ATOM   988  C  CA  . LYS A 1 139 ? 10.876  1.314   10.655  1.00 39.56 ? 185 LYS A CA  1 
ATOM   989  C  C   . LYS A 1 139 ? 12.291  0.833   10.300  1.00 41.88 ? 185 LYS A C   1 
ATOM   990  O  O   . LYS A 1 139 ? 13.277  1.321   10.852  1.00 47.81 ? 185 LYS A O   1 
ATOM   991  C  CB  . LYS A 1 139 ? 10.560  0.971   12.112  1.00 34.67 ? 185 LYS A CB  1 
ATOM   992  C  CG  . LYS A 1 139 ? 9.350   1.742   12.678  1.00 36.77 ? 185 LYS A CG  1 
ATOM   993  C  CD  . LYS A 1 139 ? 9.049   1.318   14.104  1.00 35.36 ? 185 LYS A CD  1 
ATOM   994  C  CE  . LYS A 1 139 ? 7.818   2.016   14.676  1.00 38.40 ? 185 LYS A CE  1 
ATOM   995  N  NZ  . LYS A 1 139 ? 8.066   3.426   15.086  1.00 42.69 ? 185 LYS A NZ  1 
ATOM   996  N  N   . LYS A 1 140 ? 12.391  -0.122  9.382   1.00 40.41 ? 186 LYS A N   1 
ATOM   997  C  CA  . LYS A 1 140 ? 13.684  -0.734  9.059   1.00 47.62 ? 186 LYS A CA  1 
ATOM   998  C  C   . LYS A 1 140 ? 14.632  0.240   8.372   1.00 49.27 ? 186 LYS A C   1 
ATOM   999  O  O   . LYS A 1 140 ? 14.294  0.830   7.348   1.00 46.90 ? 186 LYS A O   1 
ATOM   1000 C  CB  . LYS A 1 140 ? 13.492  -1.978  8.184   1.00 48.95 ? 186 LYS A CB  1 
ATOM   1001 C  CG  . LYS A 1 140 ? 14.769  -2.746  7.878   1.00 52.27 ? 186 LYS A CG  1 
ATOM   1002 C  CD  . LYS A 1 140 ? 14.469  -4.074  7.166   1.00 54.29 ? 186 LYS A CD  1 
ATOM   1003 C  CE  . LYS A 1 140 ? 14.104  -5.184  8.154   1.00 55.76 ? 186 LYS A CE  1 
ATOM   1004 N  NZ  . LYS A 1 140 ? 13.842  -6.505  7.486   1.00 55.81 ? 186 LYS A NZ  1 
ATOM   1005 N  N   . ARG A 1 141 ? 15.819  0.415   8.952   1.00 50.61 ? 187 ARG A N   1 
ATOM   1006 C  CA  . ARG A 1 141 ? 16.862  1.206   8.313   1.00 52.68 ? 187 ARG A CA  1 
ATOM   1007 C  C   . ARG A 1 141 ? 17.566  0.364   7.261   1.00 59.30 ? 187 ARG A C   1 
ATOM   1008 O  O   . ARG A 1 141 ? 17.985  -0.763  7.540   1.00 59.23 ? 187 ARG A O   1 
ATOM   1009 C  CB  . ARG A 1 141 ? 17.890  1.680   9.345   1.00 57.11 ? 187 ARG A CB  1 
ATOM   1010 C  CG  . ARG A 1 141 ? 17.329  2.595   10.427  1.00 59.01 ? 187 ARG A CG  1 
ATOM   1011 C  CD  . ARG A 1 141 ? 17.088  4.000   9.880   1.00 60.66 ? 187 ARG A CD  1 
ATOM   1012 N  NE  . ARG A 1 141 ? 16.645  4.923   10.920  1.00 61.98 ? 187 ARG A NE  1 
ATOM   1013 C  CZ  . ARG A 1 141 ? 17.451  5.734   11.601  1.00 67.47 ? 187 ARG A CZ  1 
ATOM   1014 N  NH1 . ARG A 1 141 ? 18.757  5.748   11.352  1.00 67.98 ? 187 ARG A NH1 1 
ATOM   1015 N  NH2 . ARG A 1 141 ? 16.951  6.535   12.536  1.00 66.93 ? 187 ARG A NH2 1 
ATOM   1016 N  N   . LYS A 1 142 ? 17.689  0.909   6.055   1.00 62.34 ? 188 LYS A N   1 
ATOM   1017 C  CA  . LYS A 1 142 ? 18.483  0.276   5.007   1.00 67.09 ? 188 LYS A CA  1 
ATOM   1018 C  C   . LYS A 1 142 ? 19.957  0.235   5.424   1.00 68.79 ? 188 LYS A C   1 
ATOM   1019 O  O   . LYS A 1 142 ? 20.669  -0.738  5.165   1.00 71.61 ? 188 LYS A O   1 
ATOM   1020 C  CB  . LYS A 1 142 ? 18.344  1.054   3.701   1.00 70.17 ? 188 LYS A CB  1 
ATOM   1021 C  CG  . LYS A 1 142 ? 19.234  2.289   3.622   1.00 67.91 ? 188 LYS A CG  1 
ATOM   1022 C  CD  . LYS A 1 142 ? 18.819  3.184   2.465   1.00 72.55 ? 188 LYS A CD  1 
ATOM   1023 C  CE  . LYS A 1 142 ? 20.000  3.984   1.945   1.00 80.21 ? 188 LYS A CE  1 
ATOM   1024 N  NZ  . LYS A 1 142 ? 21.062  3.083   1.413   1.00 79.84 ? 188 LYS A NZ  1 
ATOM   1025 N  N   . GLY A 1 146 ? 24.277  5.193   7.647   1.00 64.41 ? 192 GLY A N   1 
ATOM   1026 C  CA  . GLY A 1 146 ? 23.832  6.508   7.218   1.00 66.84 ? 192 GLY A CA  1 
ATOM   1027 C  C   . GLY A 1 146 ? 22.546  6.473   6.410   1.00 71.41 ? 192 GLY A C   1 
ATOM   1028 O  O   . GLY A 1 146 ? 22.220  7.432   5.706   1.00 70.96 ? 192 GLY A O   1 
ATOM   1029 N  N   . GLY A 1 147 ? 21.806  5.371   6.514   1.00 69.21 ? 193 GLY A N   1 
ATOM   1030 C  CA  . GLY A 1 147 ? 20.569  5.205   5.767   1.00 67.21 ? 193 GLY A CA  1 
ATOM   1031 C  C   . GLY A 1 147 ? 19.309  5.515   6.562   1.00 67.08 ? 193 GLY A C   1 
ATOM   1032 O  O   . GLY A 1 147 ? 19.358  5.696   7.784   1.00 59.94 ? 193 GLY A O   1 
ATOM   1033 N  N   . TYR A 1 148 ? 18.174  5.572   5.864   1.00 61.87 ? 194 TYR A N   1 
ATOM   1034 C  CA  . TYR A 1 148 ? 16.896  5.906   6.495   1.00 57.28 ? 194 TYR A CA  1 
ATOM   1035 C  C   . TYR A 1 148 ? 15.852  4.809   6.299   1.00 50.89 ? 194 TYR A C   1 
ATOM   1036 O  O   . TYR A 1 148 ? 15.986  3.955   5.425   1.00 52.33 ? 194 TYR A O   1 
ATOM   1037 C  CB  . TYR A 1 148 ? 16.341  7.220   5.933   1.00 54.68 ? 194 TYR A CB  1 
ATOM   1038 C  CG  . TYR A 1 148 ? 17.114  8.463   6.319   1.00 62.97 ? 194 TYR A CG  1 
ATOM   1039 C  CD1 . TYR A 1 148 ? 17.878  9.150   5.383   1.00 65.02 ? 194 TYR A CD1 1 
ATOM   1040 C  CD2 . TYR A 1 148 ? 17.074  8.954   7.620   1.00 63.39 ? 194 TYR A CD2 1 
ATOM   1041 C  CE1 . TYR A 1 148 ? 18.581  10.292  5.732   1.00 71.20 ? 194 TYR A CE1 1 
ATOM   1042 C  CE2 . TYR A 1 148 ? 17.773  10.090  7.981   1.00 66.88 ? 194 TYR A CE2 1 
ATOM   1043 C  CZ  . TYR A 1 148 ? 18.525  10.757  7.033   1.00 73.69 ? 194 TYR A CZ  1 
ATOM   1044 O  OH  . TYR A 1 148 ? 19.223  11.889  7.390   1.00 76.33 ? 194 TYR A OH  1 
ATOM   1045 N  N   . SER A 1 149 ? 14.802  4.852   7.110   1.00 48.04 ? 195 SER A N   1 
ATOM   1046 C  CA  . SER A 1 149 ? 13.684  3.916   6.975   1.00 45.59 ? 195 SER A CA  1 
ATOM   1047 C  C   . SER A 1 149 ? 12.624  4.470   6.030   1.00 37.05 ? 195 SER A C   1 
ATOM   1048 O  O   . SER A 1 149 ? 12.602  5.668   5.735   1.00 39.58 ? 195 SER A O   1 
ATOM   1049 C  CB  . SER A 1 149 ? 13.031  3.678   8.337   1.00 40.82 ? 195 SER A CB  1 
ATOM   1050 O  OG  . SER A 1 149 ? 12.419  4.875   8.776   1.00 42.96 ? 195 SER A OG  1 
ATOM   1051 N  N   . ALA A 1 150 ? 11.709  3.602   5.597   1.00 37.97 ? 196 ALA A N   1 
ATOM   1052 C  CA  . ALA A 1 150 ? 10.599  4.040   4.759   1.00 35.04 ? 196 ALA A CA  1 
ATOM   1053 C  C   . ALA A 1 150 ? 9.803   5.127   5.473   1.00 31.13 ? 196 ALA A C   1 
ATOM   1054 O  O   . ALA A 1 150 ? 9.447   6.139   4.875   1.00 35.61 ? 196 ALA A O   1 
ATOM   1055 C  CB  . ALA A 1 150 ? 9.703   2.853   4.416   1.00 37.12 ? 196 ALA A CB  1 
ATOM   1056 N  N   . GLY A 1 151 ? 9.554   4.926   6.764   1.00 35.83 ? 197 GLY A N   1 
ATOM   1057 C  CA  . GLY A 1 151 ? 8.797   5.887   7.545   1.00 33.45 ? 197 GLY A CA  1 
ATOM   1058 C  C   . GLY A 1 151 ? 9.467   7.244   7.636   1.00 35.50 ? 197 GLY A C   1 
ATOM   1059 O  O   . GLY A 1 151 ? 8.812   8.271   7.633   1.00 32.19 ? 197 GLY A O   1 
ATOM   1060 N  N   . GLU A 1 152 ? 10.790  7.247   7.734   1.00 38.16 ? 198 GLU A N   1 
ATOM   1061 C  CA  . GLU A 1 152 ? 11.530  8.501   7.748   1.00 38.76 ? 198 GLU A CA  1 
ATOM   1062 C  C   . GLU A 1 152 ? 11.514  9.131   6.365   1.00 34.37 ? 198 GLU A C   1 
ATOM   1063 O  O   . GLU A 1 152 ? 11.334  10.333  6.235   1.00 37.80 ? 198 GLU A O   1 
ATOM   1064 C  CB  . GLU A 1 152 ? 12.964  8.272   8.223   1.00 40.27 ? 198 GLU A CB  1 
ATOM   1065 C  CG  . GLU A 1 152 ? 13.055  7.928   9.692   1.00 43.21 ? 198 GLU A CG  1 
ATOM   1066 C  CD  . GLU A 1 152 ? 14.404  7.362   10.072  1.00 53.07 ? 198 GLU A CD  1 
ATOM   1067 O  OE1 . GLU A 1 152 ? 15.150  6.963   9.160   1.00 50.74 ? 198 GLU A OE1 1 
ATOM   1068 O  OE2 . GLU A 1 152 ? 14.711  7.308   11.285  1.00 54.17 ? 198 GLU A OE2 1 
ATOM   1069 N  N   . ARG A 1 153 ? 11.657  8.302   5.334   1.00 36.60 ? 199 ARG A N   1 
ATOM   1070 C  CA  . ARG A 1 153 ? 11.643  8.796   3.960   1.00 38.25 ? 199 ARG A CA  1 
ATOM   1071 C  C   . ARG A 1 153 ? 10.327  9.451   3.587   1.00 38.55 ? 199 ARG A C   1 
ATOM   1072 O  O   . ARG A 1 153 ? 10.320  10.539  3.030   1.00 37.21 ? 199 ARG A O   1 
ATOM   1073 C  CB  . ARG A 1 153 ? 11.976  7.681   2.967   1.00 43.33 ? 199 ARG A CB  1 
ATOM   1074 C  CG  . ARG A 1 153 ? 13.342  7.047   3.187   1.00 48.04 ? 199 ARG A CG  1 
ATOM   1075 C  CD  . ARG A 1 153 ? 13.829  6.326   1.930   1.00 49.88 ? 199 ARG A CD  1 
ATOM   1076 N  NE  . ARG A 1 153 ? 13.010  5.162   1.585   1.00 52.36 ? 199 ARG A NE  1 
ATOM   1077 C  CZ  . ARG A 1 153 ? 13.325  3.906   1.897   1.00 48.50 ? 199 ARG A CZ  1 
ATOM   1078 N  NH1 . ARG A 1 153 ? 14.444  3.652   2.569   1.00 51.87 ? 199 ARG A NH1 1 
ATOM   1079 N  NH2 . ARG A 1 153 ? 12.528  2.901   1.538   1.00 49.41 ? 199 ARG A NH2 1 
ATOM   1080 N  N   . ILE A 1 154 ? 9.195   8.810   3.894   1.00 36.49 ? 200 ILE A N   1 
ATOM   1081 C  CA  . ILE A 1 154 ? 7.939   9.411   3.478   1.00 34.86 ? 200 ILE A CA  1 
ATOM   1082 C  C   . ILE A 1 154 ? 7.710   10.776  4.133   1.00 33.65 ? 200 ILE A C   1 
ATOM   1083 O  O   . ILE A 1 154 ? 7.248   11.706  3.490   1.00 37.45 ? 200 ILE A O   1 
ATOM   1084 C  CB  . ILE A 1 154 ? 6.717   8.483   3.704   1.00 36.45 ? 200 ILE A CB  1 
ATOM   1085 C  CG1 . ILE A 1 154 ? 5.470   9.142   3.114   1.00 35.19 ? 200 ILE A CG1 1 
ATOM   1086 C  CG2 . ILE A 1 154 ? 6.557   8.159   5.189   1.00 29.73 ? 200 ILE A CG2 1 
ATOM   1087 C  CD1 . ILE A 1 154 ? 4.269   8.192   2.947   1.00 32.38 ? 200 ILE A CD1 1 
ATOM   1088 N  N   . VAL A 1 155 ? 8.037   10.902  5.414   1.00 37.28 ? 201 VAL A N   1 
ATOM   1089 C  CA  . VAL A 1 155 ? 7.836   12.183  6.098   1.00 38.27 ? 201 VAL A CA  1 
ATOM   1090 C  C   . VAL A 1 155 ? 8.694   13.313  5.499   1.00 38.94 ? 201 VAL A C   1 
ATOM   1091 O  O   . VAL A 1 155 ? 8.236   14.445  5.357   1.00 41.11 ? 201 VAL A O   1 
ATOM   1092 C  CB  . VAL A 1 155 ? 8.092   12.069  7.614   1.00 43.72 ? 201 VAL A CB  1 
ATOM   1093 C  CG1 . VAL A 1 155 ? 8.172   13.460  8.249   1.00 41.88 ? 201 VAL A CG1 1 
ATOM   1094 C  CG2 . VAL A 1 155 ? 6.982   11.242  8.281   1.00 39.93 ? 201 VAL A CG2 1 
ATOM   1095 N  N   . ASP A 1 156 ? 9.927   12.988  5.140   1.00 39.57 ? 202 ASP A N   1 
ATOM   1096 C  CA  . ASP A 1 156 ? 10.847  13.949  4.541   1.00 42.46 ? 202 ASP A CA  1 
ATOM   1097 C  C   . ASP A 1 156 ? 10.367  14.371  3.165   1.00 46.33 ? 202 ASP A C   1 
ATOM   1098 O  O   . ASP A 1 156 ? 10.386  15.551  2.820   1.00 48.17 ? 202 ASP A O   1 
ATOM   1099 C  CB  . ASP A 1 156 ? 12.240  13.342  4.425   1.00 46.80 ? 202 ASP A CB  1 
ATOM   1100 C  CG  . ASP A 1 156 ? 13.273  14.341  3.914   1.00 52.79 ? 202 ASP A CG  1 
ATOM   1101 O  OD1 . ASP A 1 156 ? 13.166  15.539  4.256   1.00 53.48 ? 202 ASP A OD1 1 
ATOM   1102 O  OD2 . ASP A 1 156 ? 14.178  13.924  3.167   1.00 48.57 ? 202 ASP A OD2 1 
ATOM   1103 N  N   . ILE A 1 157 ? 9.921   13.397  2.382   1.00 45.92 ? 203 ILE A N   1 
ATOM   1104 C  CA  . ILE A 1 157 ? 9.403   13.688  1.055   1.00 43.06 ? 203 ILE A CA  1 
ATOM   1105 C  C   . ILE A 1 157 ? 8.194   14.606  1.162   1.00 45.83 ? 203 ILE A C   1 
ATOM   1106 O  O   . ILE A 1 157 ? 8.108   15.611  0.463   1.00 46.04 ? 203 ILE A O   1 
ATOM   1107 C  CB  . ILE A 1 157 ? 9.051   12.399  0.289   1.00 43.58 ? 203 ILE A CB  1 
ATOM   1108 C  CG1 . ILE A 1 157 ? 10.329  11.643  -0.088  1.00 45.35 ? 203 ILE A CG1 1 
ATOM   1109 C  CG2 . ILE A 1 157 ? 8.192   12.714  -0.926  1.00 42.38 ? 203 ILE A CG2 1 
ATOM   1110 C  CD1 . ILE A 1 157 ? 10.085  10.270  -0.673  1.00 46.07 ? 203 ILE A CD1 1 
ATOM   1111 N  N   . ILE A 1 158 ? 7.266   14.285  2.055   1.00 39.94 ? 204 ILE A N   1 
ATOM   1112 C  CA  . ILE A 1 158 ? 6.064   15.099  2.162   1.00 41.64 ? 204 ILE A CA  1 
ATOM   1113 C  C   . ILE A 1 158 ? 6.359   16.472  2.763   1.00 47.00 ? 204 ILE A C   1 
ATOM   1114 O  O   . ILE A 1 158 ? 5.775   17.475  2.347   1.00 51.33 ? 204 ILE A O   1 
ATOM   1115 C  CB  . ILE A 1 158 ? 4.950   14.395  2.977   1.00 40.44 ? 204 ILE A CB  1 
ATOM   1116 C  CG1 . ILE A 1 158 ? 4.619   13.038  2.350   1.00 41.02 ? 204 ILE A CG1 1 
ATOM   1117 C  CG2 . ILE A 1 158 ? 3.712   15.265  3.034   1.00 40.52 ? 204 ILE A CG2 1 
ATOM   1118 C  CD1 . ILE A 1 158 ? 4.114   13.125  0.909   1.00 42.51 ? 204 ILE A CD1 1 
ATOM   1119 N  N   . ALA A 1 159 ? 7.255   16.519  3.743   1.00 46.58 ? 205 ALA A N   1 
ATOM   1120 C  CA  . ALA A 1 159 ? 7.606   17.790  4.381   1.00 48.32 ? 205 ALA A CA  1 
ATOM   1121 C  C   . ALA A 1 159 ? 8.256   18.758  3.381   1.00 56.17 ? 205 ALA A C   1 
ATOM   1122 O  O   . ALA A 1 159 ? 7.919   19.943  3.335   1.00 54.96 ? 205 ALA A O   1 
ATOM   1123 C  CB  . ALA A 1 159 ? 8.518   17.556  5.576   1.00 46.88 ? 205 ALA A CB  1 
ATOM   1124 N  N   . THR A 1 160 ? 9.180   18.241  2.576   1.00 55.45 ? 206 THR A N   1 
ATOM   1125 C  CA  . THR A 1 160 ? 9.844   19.044  1.553   1.00 54.17 ? 206 THR A CA  1 
ATOM   1126 C  C   . THR A 1 160 ? 8.823   19.702  0.622   1.00 58.58 ? 206 THR A C   1 
ATOM   1127 O  O   . THR A 1 160 ? 9.165   20.601  -0.139  1.00 61.03 ? 206 THR A O   1 
ATOM   1128 C  CB  . THR A 1 160 ? 10.841  18.193  0.734   1.00 56.66 ? 206 THR A CB  1 
ATOM   1129 O  OG1 . THR A 1 160 ? 11.792  17.579  1.617   1.00 56.88 ? 206 THR A OG1 1 
ATOM   1130 C  CG2 . THR A 1 160 ? 11.588  19.054  -0.279  1.00 58.10 ? 206 THR A CG2 1 
ATOM   1131 N  N   . ASP A 1 161 ? 7.570   19.252  0.704   1.00 62.35 ? 207 ASP A N   1 
ATOM   1132 C  CA  . ASP A 1 161 ? 6.445   19.823  -0.051  1.00 58.89 ? 207 ASP A CA  1 
ATOM   1133 C  C   . ASP A 1 161 ? 6.431   19.323  -1.485  1.00 62.06 ? 207 ASP A C   1 
ATOM   1134 O  O   . ASP A 1 161 ? 6.140   18.154  -1.734  1.00 65.51 ? 207 ASP A O   1 
ATOM   1135 C  CB  . ASP A 1 161 ? 6.458   21.359  -0.029  1.00 67.74 ? 207 ASP A CB  1 
ATOM   1136 C  CG  . ASP A 1 161 ? 5.709   21.940  1.159   1.00 62.86 ? 207 ASP A CG  1 
ATOM   1137 O  OD1 . ASP A 1 161 ? 4.988   21.177  1.837   1.00 65.80 ? 207 ASP A OD1 1 
ATOM   1138 O  OD2 . ASP A 1 161 ? 5.829   23.162  1.406   1.00 57.13 ? 207 ASP A OD2 1 
HETATM 1139 C  C01 . TQ2 B 2 .   ? -4.263  -12.603 24.316  1.00 44.22 ? 301 TQ2 A C01 1 
HETATM 1140 C  C02 . TQ2 B 2 .   ? -4.068  -12.217 22.982  1.00 43.60 ? 301 TQ2 A C02 1 
HETATM 1141 C  C03 . TQ2 B 2 .   ? -2.959  -11.423 22.642  1.00 39.48 ? 301 TQ2 A C03 1 
HETATM 1142 C  C04 . TQ2 B 2 .   ? -2.076  -11.039 23.689  1.00 37.56 ? 301 TQ2 A C04 1 
HETATM 1143 C  C05 . TQ2 B 2 .   ? -2.284  -11.425 25.017  1.00 41.97 ? 301 TQ2 A C05 1 
HETATM 1144 C  C06 . TQ2 B 2 .   ? -3.388  -12.210 25.328  1.00 39.92 ? 301 TQ2 A C06 1 
HETATM 1145 N  N07 . TQ2 B 2 .   ? -4.953  -12.635 22.070  1.00 42.53 ? 301 TQ2 A N07 1 
HETATM 1146 C  C08 . TQ2 B 2 .   ? -4.815  -12.296 20.765  1.00 42.73 ? 301 TQ2 A C08 1 
HETATM 1147 C  C09 . TQ2 B 2 .   ? -3.748  -11.508 20.293  1.00 38.54 ? 301 TQ2 A C09 1 
HETATM 1148 C  C10 . TQ2 B 2 .   ? -2.802  -11.064 21.259  1.00 42.87 ? 301 TQ2 A C10 1 
HETATM 1149 C  C11 . TQ2 B 2 .   ? -5.913  -12.861 19.907  1.00 42.91 ? 301 TQ2 A C11 1 
HETATM 1150 C  C12 . TQ2 B 2 .   ? -1.658  -10.230 20.819  1.00 38.16 ? 301 TQ2 A C12 1 
HETATM 1151 C  C13 . TQ2 B 2 .   ? -3.600  -11.105 18.824  1.00 38.26 ? 301 TQ2 A C13 1 
HETATM 1152 O  O14 . TQ2 B 2 .   ? -4.849  -10.585 18.360  1.00 36.62 ? 301 TQ2 A O14 1 
HETATM 1153 C  C15 . TQ2 B 2 .   ? -1.572  -8.871  21.138  1.00 37.67 ? 301 TQ2 A C15 1 
HETATM 1154 C  C16 . TQ2 B 2 .   ? -0.489  -8.105  20.690  1.00 34.68 ? 301 TQ2 A C16 1 
HETATM 1155 C  C17 . TQ2 B 2 .   ? 0.532   -8.682  19.927  1.00 33.40 ? 301 TQ2 A C17 1 
HETATM 1156 C  C18 . TQ2 B 2 .   ? 0.460   -10.043 19.596  1.00 39.07 ? 301 TQ2 A C18 1 
HETATM 1157 C  C19 . TQ2 B 2 .   ? -0.631  -10.805 20.043  1.00 39.74 ? 301 TQ2 A C19 1 
HETATM 1158 C  C20 . TQ2 B 2 .   ? 1.691   -7.833  19.478  1.00 34.68 ? 301 TQ2 A C20 1 
HETATM 1159 C  C21 . TQ2 B 2 .   ? 1.538   -10.704 18.779  1.00 35.94 ? 301 TQ2 A C21 1 
HETATM 1160 C  C22 . TQ2 B 2 .   ? -5.224  -9.207  18.515  1.00 38.85 ? 301 TQ2 A C22 1 
HETATM 1161 C  C23 . TQ2 B 2 .   ? -5.684  -9.048  19.970  1.00 37.34 ? 301 TQ2 A C23 1 
HETATM 1162 C  C24 . TQ2 B 2 .   ? -4.041  -8.254  18.246  1.00 36.53 ? 301 TQ2 A C24 1 
HETATM 1163 C  C25 . TQ2 B 2 .   ? -6.416  -8.870  17.610  1.00 36.64 ? 301 TQ2 A C25 1 
HETATM 1164 C  C26 . TQ2 B 2 .   ? -3.244  -12.267 17.915  1.00 39.05 ? 301 TQ2 A C26 1 
HETATM 1165 O  O27 . TQ2 B 2 .   ? -3.570  -12.361 16.742  1.00 37.61 ? 301 TQ2 A O27 1 
HETATM 1166 O  O28 . TQ2 B 2 .   ? -2.521  -13.208 18.561  1.00 36.99 ? 301 TQ2 A O28 1 
HETATM 1167 O  O   . HOH C 3 .   ? 1.450   -1.680  12.094  1.00 26.23 ? 401 HOH A O   1 
HETATM 1168 O  O   . HOH C 3 .   ? -6.878  12.450  -1.994  1.00 30.54 ? 402 HOH A O   1 
HETATM 1169 O  O   . HOH C 3 .   ? -11.696 -3.679  -5.562  1.00 40.34 ? 403 HOH A O   1 
HETATM 1170 O  O   . HOH C 3 .   ? 5.862   3.554   16.624  1.00 31.95 ? 404 HOH A O   1 
HETATM 1171 O  O   . HOH C 3 .   ? -4.271  -6.600  -6.952  1.00 36.98 ? 405 HOH A O   1 
HETATM 1172 O  O   . HOH C 3 .   ? -3.942  14.925  5.613   1.00 39.66 ? 406 HOH A O   1 
HETATM 1173 O  O   . HOH C 3 .   ? -13.841 -2.007  -7.741  1.00 41.84 ? 407 HOH A O   1 
HETATM 1174 O  O   . HOH C 3 .   ? -11.689 -2.048  3.717   1.00 35.18 ? 408 HOH A O   1 
HETATM 1175 O  O   . HOH C 3 .   ? -5.946  -8.788  -7.641  1.00 46.74 ? 409 HOH A O   1 
HETATM 1176 O  O   . HOH C 3 .   ? -6.028  -15.538 10.819  1.00 41.08 ? 410 HOH A O   1 
HETATM 1177 O  O   . HOH C 3 .   ? -6.974  -12.453 10.396  1.00 35.59 ? 411 HOH A O   1 
HETATM 1178 O  O   . HOH C 3 .   ? 1.181   -3.021  -3.763  1.00 36.54 ? 412 HOH A O   1 
HETATM 1179 O  O   . HOH C 3 .   ? -0.212  -7.230  -2.567  1.00 41.01 ? 413 HOH A O   1 
HETATM 1180 O  O   . HOH C 3 .   ? 7.411   5.244   12.992  1.00 46.04 ? 414 HOH A O   1 
HETATM 1181 O  O   . HOH C 3 .   ? 12.467  -2.663  11.774  1.00 40.08 ? 415 HOH A O   1 
HETATM 1182 O  O   . HOH C 3 .   ? 5.221   8.198   -4.340  1.00 39.71 ? 416 HOH A O   1 
HETATM 1183 O  O   . HOH C 3 .   ? -2.040  1.640   -12.510 1.00 40.45 ? 417 HOH A O   1 
HETATM 1184 O  O   . HOH C 3 .   ? -5.943  -4.360  -7.591  1.00 35.71 ? 418 HOH A O   1 
HETATM 1185 O  O   . HOH C 3 .   ? -4.569  -18.190 0.376   1.00 50.08 ? 419 HOH A O   1 
HETATM 1186 O  O   . HOH C 3 .   ? 12.087  0.948   5.880   1.00 38.36 ? 420 HOH A O   1 
HETATM 1187 O  O   . HOH C 3 .   ? 10.473  12.126  -4.447  1.00 61.23 ? 421 HOH A O   1 
HETATM 1188 O  O   . HOH C 3 .   ? 7.138   -10.938 18.233  1.00 44.35 ? 422 HOH A O   1 
HETATM 1189 O  O   . HOH C 3 .   ? -12.580 -5.929  -6.235  1.00 42.30 ? 423 HOH A O   1 
HETATM 1190 O  O   . HOH C 3 .   ? -19.708 5.755   -8.737  1.00 43.30 ? 424 HOH A O   1 
HETATM 1191 O  O   . HOH C 3 .   ? -4.983  3.829   6.639   1.00 45.38 ? 425 HOH A O   1 
HETATM 1192 O  O   . HOH C 3 .   ? 3.953   2.545   -9.353  1.00 47.80 ? 426 HOH A O   1 
HETATM 1193 O  O   . HOH C 3 .   ? 1.479   10.719  -0.355  1.00 43.05 ? 427 HOH A O   1 
HETATM 1194 O  O   . HOH C 3 .   ? -23.306 -1.453  2.147   1.00 53.52 ? 428 HOH A O   1 
HETATM 1195 O  O   . HOH C 3 .   ? -8.231  -16.069 20.858  1.00 56.82 ? 429 HOH A O   1 
HETATM 1196 O  O   . HOH C 3 .   ? -2.011  -14.653 20.806  1.00 46.51 ? 430 HOH A O   1 
HETATM 1197 O  O   . HOH C 3 .   ? -14.387 -4.927  -7.968  1.00 51.56 ? 431 HOH A O   1 
HETATM 1198 O  O   . HOH C 3 .   ? -9.747  -7.026  16.041  1.00 51.57 ? 432 HOH A O   1 
HETATM 1199 O  O   . HOH C 3 .   ? -13.861 -7.111  -10.999 1.00 44.80 ? 433 HOH A O   1 
HETATM 1200 O  O   . HOH C 3 .   ? 10.637  4.928   10.957  1.00 43.17 ? 434 HOH A O   1 
HETATM 1201 O  O   . HOH C 3 .   ? 13.353  3.978   12.640  1.00 57.01 ? 435 HOH A O   1 
HETATM 1202 O  O   . HOH C 3 .   ? 8.831   7.642   11.944  1.00 46.35 ? 436 HOH A O   1 
HETATM 1203 O  O   . HOH C 3 .   ? 0.201   13.558  6.395   1.00 51.19 ? 437 HOH A O   1 
HETATM 1204 O  O   . HOH C 3 .   ? -10.010 -1.680  5.702   1.00 46.46 ? 438 HOH A O   1 
HETATM 1205 O  O   . HOH C 3 .   ? -9.329  -11.587 9.697   1.00 43.91 ? 439 HOH A O   1 
HETATM 1206 O  O   . HOH C 3 .   ? -18.684 8.601   -9.522  1.00 55.58 ? 440 HOH A O   1 
HETATM 1207 O  O   . HOH C 3 .   ? -7.876  -13.436 23.347  1.00 59.14 ? 441 HOH A O   1 
HETATM 1208 O  O   . HOH C 3 .   ? 7.713   -0.040  -8.820  1.00 53.10 ? 442 HOH A O   1 
HETATM 1209 O  O   . HOH C 3 .   ? 11.700  -4.042  4.610   1.00 50.22 ? 443 HOH A O   1 
HETATM 1210 O  O   . HOH C 3 .   ? 0.950   -17.635 6.353   1.00 52.68 ? 444 HOH A O   1 
HETATM 1211 O  O   . HOH C 3 .   ? -10.430 -5.827  12.742  1.00 55.87 ? 445 HOH A O   1 
HETATM 1212 O  O   . HOH C 3 .   ? -17.559 -6.223  1.388   1.00 57.52 ? 446 HOH A O   1 
HETATM 1213 O  O   . HOH C 3 .   ? 13.396  -7.612  10.318  1.00 48.22 ? 447 HOH A O   1 
HETATM 1214 O  O   . HOH C 3 .   ? 1.623   8.648   -12.575 1.00 55.87 ? 448 HOH A O   1 
HETATM 1215 O  O   . HOH C 3 .   ? 8.842   1.593   -14.853 1.00 70.92 ? 449 HOH A O   1 
HETATM 1216 O  O   . HOH C 3 .   ? 11.843  -5.922  -7.486  1.00 57.01 ? 450 HOH A O   1 
HETATM 1217 O  O   . HOH C 3 .   ? -5.206  7.892   -16.658 1.00 61.78 ? 451 HOH A O   1 
# 
